data_5EZV
#
_entry.id   5EZV
#
_cell.length_a   75.608
_cell.length_b   134.112
_cell.length_c   141.287
_cell.angle_alpha   90.000
_cell.angle_beta   93.160
_cell.angle_gamma   90.000
#
_symmetry.space_group_name_H-M   'P 1 21 1'
#
loop_
_entity.id
_entity.type
_entity.pdbx_description
1 polymer "5'-AMP-activated protein kinase catalytic subunit alpha-2/alpha-1 RIM SWAP chimera"
2 polymer "5'-AMP-activated protein kinase subunit beta-1"
3 polymer "5'-AMP-activated protein kinase subunit gamma-1"
4 non-polymer STAUROSPORINE
5 non-polymer 3-[4-(2-hydroxyphenyl)phenyl]-4-oxidanyl-6-oxidanylidene-7H-thieno[2,3-b]pyridine-5-carbonitrile
6 non-polymer '5-(5-hydroxyl-isoxazol-3-yl)-furan-2-phosphonic acid'
7 water water
#
loop_
_entity_poly.entity_id
_entity_poly.type
_entity_poly.pdbx_seq_one_letter_code
_entity_poly.pdbx_strand_id
1 'polypeptide(L)'
;MGSSHHHHHHHSQDPAEKQKHDGRVKIGHYVLGDTLGVGTFGKVKIGEHQLTGHKVAVKILNRQKIRSLDVVGKIKREIQ
NLKLFRHPHIIKLYQVISTPTDFFMVMEYVSGGELFDYICKHGRVEEMEARRLFQQILSAVDYCHRHMVVHRDLKPENVL
LDAHMNAKIADFGLSNMMSDGEFLR(TPO)SCGSPNYAAPEVISGRLYAGPEVDIWSCGVILYALLCGTLPFDDEHVPTL
FKKIRGGVFYIPEYLNRSVATLLMHMLQVDPLKRATIKDIREHEWFKQDLPSYLFPEDPSYDANVIDDEAVKEVCEKFEC
TESEVMNSLYSGDPQDQLAVAYHLIIDNRRIMNQASEFYLASSPPDSFLDDHHLTRPHPERVPFLVAETPRARHTLDELN
PQKSKHQGVKKAKWHLGIRSQSKPYDIMAEVYRAMKQLDFEWKVVNAYHLRVRRKNPVTGNYVKMSLQLYLVDNRSYLLD
FKSIDDEVVEQRSGSSTPQRSCSAAGLHRPRSSFDSTTAESHSLSGSLTGSLTGSTLSSVSPRLGSHTMDFFEMCASLIT
TLAR
;
A,C
2 'polypeptide(L)'
;MGNTSSERAALERHGGHKTPRRDSSGGTKDGDRPKILMDSPEDADLFHSEEIKAPEKEEFLAWQHDLEVNDKAPAQARPT
VFRWTGGGKEVYLSGSFNNWSKLPLTR(SEP)HNNFVAILDLPEGEHQYKFFVDGQWTHDPSEPIVTSQLGTVNNIIQVK
KTDFEVFDALMVDSQKCSDVSELSSSPPGPYHQEPYVCKPEERFRAPPILPPHLLQVILNKDTGISCDPALLPEPNHVML
NHLYALSIKDGVMVLSATHRYKKKYVTTLLYKPI
;
B,D
3 'polypeptide(L)'
;MADLNWETVISSDSSPAVENEHPQETPESNNSVYTSFMKSHRCYDLIPTSSKLVVFDTSLQVKKAFFALVTNGVRAAPLW
DSKKQSFVGMLTITDFINILHRYYKSALVQIYELEEHKIETWREVYLQDSFKPLVCISPNASLFDAVSSLIRNKIHRLPV
IDPESGNTLYILTHKRILKFLKLFITEFPKPEFMSKSLEELQIGTYANIAMVRTTTPVYVALGIFVQHRVSALPVVDEKG
RVVDIYSKFDVINLAAEKTYNNLDVSVTKALQHRSHYFEGVLKCYLHETLETIINRLVEAEVHRLVVVDENDVVKGIVSL
SDILQALVLTGGEKKP
;
E,F
#
# COMPACT_ATOMS: atom_id res chain seq x y z
N ASP A 22 25.46 -39.58 -12.43
CA ASP A 22 26.53 -38.81 -13.05
C ASP A 22 26.19 -37.31 -13.08
N GLY A 23 25.12 -36.96 -13.79
CA GLY A 23 24.63 -35.59 -13.90
C GLY A 23 23.46 -35.27 -13.00
N ARG A 24 23.15 -36.20 -12.07
CA ARG A 24 22.05 -36.10 -11.10
C ARG A 24 22.20 -34.89 -10.18
N VAL A 25 21.07 -34.20 -9.91
CA VAL A 25 21.04 -33.03 -9.04
C VAL A 25 20.96 -33.54 -7.59
N LYS A 26 22.07 -33.44 -6.84
CA LYS A 26 22.17 -33.94 -5.47
C LYS A 26 22.44 -32.90 -4.40
N ILE A 27 21.75 -33.04 -3.25
CA ILE A 27 21.89 -32.20 -2.07
C ILE A 27 21.88 -33.02 -0.76
N GLY A 28 23.04 -33.12 -0.12
CA GLY A 28 23.24 -33.88 1.11
C GLY A 28 22.97 -35.36 0.91
N HIS A 29 23.59 -35.96 -0.14
CA HIS A 29 23.48 -37.36 -0.57
C HIS A 29 22.12 -37.76 -1.19
N TYR A 30 21.17 -36.81 -1.26
CA TYR A 30 19.84 -37.04 -1.82
C TYR A 30 19.70 -36.47 -3.23
N VAL A 31 19.22 -37.30 -4.18
CA VAL A 31 19.00 -36.93 -5.57
C VAL A 31 17.60 -36.31 -5.68
N LEU A 32 17.53 -35.04 -6.13
CA LEU A 32 16.28 -34.28 -6.27
C LEU A 32 15.51 -34.75 -7.51
N GLY A 33 14.25 -35.12 -7.31
CA GLY A 33 13.37 -35.62 -8.36
C GLY A 33 12.18 -34.74 -8.66
N ASP A 34 11.02 -35.37 -8.91
CA ASP A 34 9.75 -34.70 -9.26
C ASP A 34 9.23 -33.78 -8.17
N THR A 35 8.55 -32.70 -8.58
CA THR A 35 7.94 -31.70 -7.70
C THR A 35 6.69 -32.28 -7.04
N LEU A 36 6.66 -32.29 -5.70
CA LEU A 36 5.53 -32.79 -4.91
C LEU A 36 4.41 -31.74 -4.89
N GLY A 37 4.81 -30.47 -4.83
CA GLY A 37 3.90 -29.33 -4.81
C GLY A 37 4.58 -28.03 -4.40
N VAL A 38 3.85 -26.91 -4.50
CA VAL A 38 4.34 -25.58 -4.14
C VAL A 38 3.49 -25.00 -2.99
N GLY A 39 4.16 -24.60 -1.91
CA GLY A 39 3.52 -24.06 -0.73
C GLY A 39 3.52 -22.54 -0.63
N THR A 40 3.38 -22.02 0.61
CA THR A 40 3.35 -20.59 0.93
C THR A 40 4.66 -19.92 0.50
N PHE A 41 5.80 -20.53 0.86
CA PHE A 41 7.13 -20.07 0.50
C PHE A 41 7.97 -21.25 0.02
N GLY A 42 8.45 -21.16 -1.22
CA GLY A 42 9.29 -22.19 -1.82
C GLY A 42 8.57 -23.38 -2.42
N LYS A 43 9.34 -24.24 -3.12
CA LYS A 43 8.87 -25.45 -3.80
C LYS A 43 9.33 -26.70 -3.05
N VAL A 44 8.48 -27.74 -3.04
CA VAL A 44 8.76 -29.02 -2.37
C VAL A 44 8.96 -30.14 -3.42
N LYS A 45 10.12 -30.80 -3.38
CA LYS A 45 10.51 -31.88 -4.29
C LYS A 45 10.86 -33.16 -3.55
N ILE A 46 10.73 -34.32 -4.21
CA ILE A 46 11.08 -35.62 -3.65
C ILE A 46 12.61 -35.83 -3.75
N GLY A 47 13.21 -36.29 -2.66
CA GLY A 47 14.64 -36.54 -2.58
C GLY A 47 14.94 -38.00 -2.27
N GLU A 48 15.53 -38.71 -3.24
CA GLU A 48 15.88 -40.13 -3.09
C GLU A 48 17.36 -40.27 -2.79
N HIS A 49 17.70 -41.09 -1.78
CA HIS A 49 19.08 -41.36 -1.38
C HIS A 49 19.76 -42.20 -2.46
N GLN A 50 20.93 -41.75 -2.94
CA GLN A 50 21.70 -42.41 -4.00
C GLN A 50 22.20 -43.83 -3.67
N LEU A 51 22.35 -44.16 -2.38
CA LEU A 51 22.86 -45.46 -1.94
C LEU A 51 21.79 -46.41 -1.40
N THR A 52 20.85 -45.89 -0.58
CA THR A 52 19.79 -46.69 0.06
C THR A 52 18.45 -46.64 -0.65
N GLY A 53 18.10 -45.48 -1.20
CA GLY A 53 16.82 -45.26 -1.86
C GLY A 53 15.78 -44.64 -0.95
N HIS A 54 16.24 -44.12 0.22
CA HIS A 54 15.40 -43.46 1.24
C HIS A 54 14.82 -42.17 0.68
N LYS A 55 13.50 -41.99 0.85
CA LYS A 55 12.79 -40.83 0.34
C LYS A 55 12.58 -39.73 1.40
N VAL A 56 12.84 -38.47 1.01
CA VAL A 56 12.66 -37.27 1.83
C VAL A 56 11.98 -36.18 1.01
N ALA A 57 11.36 -35.19 1.68
CA ALA A 57 10.74 -34.06 1.01
C ALA A 57 11.64 -32.84 1.22
N VAL A 58 12.19 -32.31 0.13
CA VAL A 58 13.11 -31.17 0.20
C VAL A 58 12.40 -29.87 -0.20
N LYS A 59 12.26 -28.95 0.77
CA LYS A 59 11.64 -27.65 0.54
C LYS A 59 12.74 -26.66 0.20
N ILE A 60 12.73 -26.14 -1.04
CA ILE A 60 13.75 -25.20 -1.52
C ILE A 60 13.28 -23.76 -1.35
N LEU A 61 14.03 -22.98 -0.54
CA LEU A 61 13.73 -21.58 -0.29
C LEU A 61 14.80 -20.68 -0.93
N ASN A 62 14.41 -19.90 -1.95
CA ASN A 62 15.32 -19.00 -2.65
C ASN A 62 15.58 -17.76 -1.79
N ARG A 63 16.86 -17.54 -1.42
CA ARG A 63 17.33 -16.44 -0.58
C ARG A 63 16.93 -15.05 -1.11
N GLN A 64 17.02 -14.84 -2.43
CA GLN A 64 16.65 -13.58 -3.09
C GLN A 64 15.14 -13.32 -3.01
N LYS A 65 14.32 -14.39 -3.17
CA LYS A 65 12.86 -14.33 -3.09
C LYS A 65 12.40 -13.91 -1.69
N ILE A 66 13.10 -14.43 -0.64
CA ILE A 66 12.84 -14.13 0.77
C ILE A 66 13.22 -12.66 1.06
N ARG A 67 14.36 -12.20 0.50
CA ARG A 67 14.86 -10.83 0.64
C ARG A 67 13.93 -9.82 -0.07
N SER A 68 13.39 -10.22 -1.24
CA SER A 68 12.47 -9.42 -2.04
C SER A 68 11.11 -9.26 -1.35
N LEU A 69 10.57 -10.36 -0.77
CA LEU A 69 9.29 -10.39 -0.08
C LEU A 69 9.39 -9.88 1.38
N ASP A 70 10.63 -9.70 1.90
CA ASP A 70 10.95 -9.25 3.26
C ASP A 70 10.34 -10.19 4.32
N VAL A 71 10.63 -11.49 4.18
CA VAL A 71 10.14 -12.55 5.07
C VAL A 71 11.28 -13.32 5.78
N VAL A 72 12.44 -12.66 5.98
CA VAL A 72 13.61 -13.23 6.65
C VAL A 72 13.31 -13.70 8.08
N GLY A 73 12.49 -12.91 8.79
CA GLY A 73 12.04 -13.21 10.15
C GLY A 73 11.05 -14.36 10.22
N LYS A 74 10.12 -14.41 9.26
CA LYS A 74 9.09 -15.45 9.13
C LYS A 74 9.70 -16.83 8.89
N ILE A 75 10.75 -16.90 8.04
CA ILE A 75 11.48 -18.13 7.72
C ILE A 75 12.32 -18.57 8.94
N LYS A 76 12.96 -17.60 9.63
CA LYS A 76 13.78 -17.82 10.83
C LYS A 76 12.98 -18.49 11.95
N ARG A 77 11.74 -18.01 12.20
CA ARG A 77 10.83 -18.57 13.22
C ARG A 77 10.33 -19.95 12.81
N GLU A 78 10.02 -20.14 11.51
CA GLU A 78 9.54 -21.40 10.93
C GLU A 78 10.54 -22.54 11.12
N ILE A 79 11.84 -22.27 10.86
CA ILE A 79 12.94 -23.25 11.03
C ILE A 79 13.13 -23.57 12.52
N GLN A 80 13.13 -22.52 13.38
CA GLN A 80 13.28 -22.61 14.83
C GLN A 80 12.20 -23.50 15.46
N ASN A 81 10.94 -23.32 15.03
CA ASN A 81 9.79 -24.10 15.52
C ASN A 81 9.87 -25.56 15.11
N LEU A 82 10.15 -25.83 13.81
CA LEU A 82 10.26 -27.19 13.27
C LEU A 82 11.44 -27.98 13.83
N LYS A 83 12.52 -27.29 14.26
CA LYS A 83 13.70 -27.90 14.88
C LYS A 83 13.36 -28.32 16.32
N LEU A 84 12.44 -27.57 16.97
CA LEU A 84 11.99 -27.80 18.33
C LEU A 84 10.82 -28.80 18.40
N PHE A 85 9.89 -28.74 17.41
CA PHE A 85 8.70 -29.59 17.34
C PHE A 85 9.03 -31.08 17.20
N ARG A 86 8.49 -31.89 18.13
CA ARG A 86 8.66 -33.35 18.16
C ARG A 86 7.29 -33.99 18.44
N HIS A 87 6.48 -34.11 17.38
CA HIS A 87 5.13 -34.67 17.45
C HIS A 87 4.90 -35.69 16.31
N PRO A 88 4.25 -36.85 16.58
CA PRO A 88 4.02 -37.82 15.50
C PRO A 88 3.00 -37.43 14.43
N HIS A 89 2.39 -36.23 14.55
CA HIS A 89 1.39 -35.74 13.60
C HIS A 89 1.72 -34.38 12.97
N ILE A 90 3.02 -34.01 13.00
CA ILE A 90 3.60 -32.81 12.40
C ILE A 90 4.82 -33.29 11.59
N ILE A 91 4.98 -32.80 10.34
CA ILE A 91 6.10 -33.16 9.47
C ILE A 91 7.43 -32.81 10.15
N LYS A 92 8.27 -33.83 10.38
CA LYS A 92 9.56 -33.69 11.03
C LYS A 92 10.61 -33.11 10.10
N LEU A 93 11.44 -32.19 10.63
CA LEU A 93 12.53 -31.55 9.92
C LEU A 93 13.83 -32.20 10.38
N TYR A 94 14.49 -32.97 9.51
CA TYR A 94 15.74 -33.66 9.81
C TYR A 94 16.91 -32.69 9.88
N GLN A 95 17.13 -31.92 8.79
CA GLN A 95 18.19 -30.92 8.68
C GLN A 95 17.83 -29.84 7.67
N VAL A 96 18.62 -28.75 7.64
CA VAL A 96 18.45 -27.63 6.72
C VAL A 96 19.81 -27.20 6.13
N ILE A 97 20.08 -27.64 4.89
CA ILE A 97 21.33 -27.36 4.17
C ILE A 97 21.26 -25.95 3.56
N SER A 98 22.29 -25.13 3.84
CA SER A 98 22.36 -23.75 3.35
C SER A 98 23.42 -23.58 2.25
N THR A 99 23.02 -22.93 1.15
CA THR A 99 23.88 -22.62 -0.01
C THR A 99 23.90 -21.09 -0.22
N PRO A 100 24.90 -20.49 -0.93
CA PRO A 100 24.90 -19.01 -1.10
C PRO A 100 23.69 -18.38 -1.80
N THR A 101 22.78 -19.20 -2.36
CA THR A 101 21.58 -18.71 -3.07
C THR A 101 20.26 -19.38 -2.65
N ASP A 102 20.30 -20.58 -2.03
CA ASP A 102 19.10 -21.32 -1.63
C ASP A 102 19.20 -22.03 -0.27
N PHE A 103 18.03 -22.33 0.34
CA PHE A 103 17.90 -23.07 1.60
C PHE A 103 17.19 -24.39 1.32
N PHE A 104 17.82 -25.51 1.69
CA PHE A 104 17.27 -26.85 1.45
C PHE A 104 16.80 -27.51 2.75
N MET A 105 15.48 -27.44 3.02
CA MET A 105 14.86 -28.03 4.20
C MET A 105 14.55 -29.51 3.95
N VAL A 106 15.41 -30.41 4.46
CA VAL A 106 15.24 -31.86 4.32
C VAL A 106 14.21 -32.31 5.37
N MET A 107 12.99 -32.61 4.91
CA MET A 107 11.86 -33.00 5.77
C MET A 107 11.47 -34.47 5.62
N GLU A 108 10.57 -34.92 6.52
CA GLU A 108 10.01 -36.27 6.57
C GLU A 108 9.06 -36.46 5.38
N TYR A 109 9.19 -37.59 4.65
CA TYR A 109 8.35 -37.88 3.49
C TYR A 109 7.20 -38.83 3.84
N VAL A 110 6.00 -38.50 3.35
CA VAL A 110 4.78 -39.30 3.53
C VAL A 110 4.18 -39.66 2.16
N SER A 111 4.12 -40.97 1.85
CA SER A 111 3.67 -41.52 0.58
C SER A 111 2.21 -41.27 0.19
N GLY A 112 1.30 -41.36 1.15
CA GLY A 112 -0.15 -41.19 0.96
C GLY A 112 -0.62 -39.89 0.34
N GLY A 113 0.16 -38.82 0.53
CA GLY A 113 -0.16 -37.50 0.00
C GLY A 113 -1.22 -36.75 0.78
N GLU A 114 -1.88 -35.78 0.11
CA GLU A 114 -2.93 -34.91 0.68
C GLU A 114 -4.14 -35.66 1.20
N LEU A 115 -4.76 -35.10 2.27
CA LEU A 115 -6.00 -35.61 2.86
C LEU A 115 -7.16 -35.23 1.93
N PHE A 116 -7.02 -34.08 1.24
CA PHE A 116 -7.96 -33.54 0.25
C PHE A 116 -8.20 -34.54 -0.88
N ASP A 117 -7.11 -35.16 -1.38
CA ASP A 117 -7.15 -36.16 -2.45
C ASP A 117 -7.81 -37.47 -1.98
N TYR A 118 -7.66 -37.81 -0.68
CA TYR A 118 -8.26 -39.01 -0.07
C TYR A 118 -9.78 -38.85 0.04
N ILE A 119 -10.25 -37.63 0.43
CA ILE A 119 -11.67 -37.28 0.56
C ILE A 119 -12.37 -37.39 -0.81
N CYS A 120 -11.71 -36.87 -1.87
CA CYS A 120 -12.19 -36.88 -3.25
C CYS A 120 -12.25 -38.30 -3.83
N LYS A 121 -11.27 -39.15 -3.48
CA LYS A 121 -11.15 -40.55 -3.94
C LYS A 121 -12.26 -41.44 -3.39
N HIS A 122 -12.60 -41.28 -2.10
CA HIS A 122 -13.61 -42.08 -1.41
C HIS A 122 -15.00 -41.44 -1.33
N GLY A 123 -15.09 -40.16 -1.67
CA GLY A 123 -16.35 -39.40 -1.63
C GLY A 123 -16.63 -38.86 -0.25
N ARG A 124 -16.72 -39.78 0.74
CA ARG A 124 -16.97 -39.48 2.15
C ARG A 124 -16.13 -40.42 3.02
N VAL A 125 -15.42 -39.85 4.01
CA VAL A 125 -14.60 -40.65 4.94
C VAL A 125 -15.53 -41.19 6.03
N GLU A 126 -15.52 -42.53 6.23
CA GLU A 126 -16.34 -43.23 7.23
C GLU A 126 -16.03 -42.76 8.64
N GLU A 127 -17.06 -42.73 9.52
CA GLU A 127 -16.98 -42.28 10.92
C GLU A 127 -15.80 -42.84 11.72
N MET A 128 -15.51 -44.14 11.56
CA MET A 128 -14.39 -44.83 12.23
C MET A 128 -13.04 -44.22 11.87
N GLU A 129 -12.85 -43.90 10.57
CA GLU A 129 -11.62 -43.30 10.06
C GLU A 129 -11.60 -41.78 10.27
N ALA A 130 -12.74 -41.09 10.02
CA ALA A 130 -12.90 -39.63 10.17
C ALA A 130 -12.64 -39.15 11.60
N ARG A 131 -13.06 -39.94 12.61
CA ARG A 131 -12.86 -39.66 14.03
C ARG A 131 -11.37 -39.84 14.36
N ARG A 132 -10.77 -40.96 13.89
CA ARG A 132 -9.37 -41.32 14.06
C ARG A 132 -8.45 -40.23 13.49
N LEU A 133 -8.76 -39.73 12.27
CA LEU A 133 -7.98 -38.69 11.60
C LEU A 133 -8.08 -37.34 12.31
N PHE A 134 -9.30 -36.96 12.75
CA PHE A 134 -9.56 -35.70 13.45
C PHE A 134 -8.84 -35.64 14.80
N GLN A 135 -8.79 -36.78 15.52
CA GLN A 135 -8.11 -36.93 16.81
C GLN A 135 -6.60 -36.71 16.63
N GLN A 136 -6.03 -37.21 15.52
CA GLN A 136 -4.62 -37.06 15.15
C GLN A 136 -4.32 -35.61 14.75
N ILE A 137 -5.24 -34.94 14.04
CA ILE A 137 -5.12 -33.54 13.60
C ILE A 137 -5.12 -32.62 14.83
N LEU A 138 -6.15 -32.76 15.70
CA LEU A 138 -6.29 -31.95 16.92
C LEU A 138 -5.14 -32.13 17.91
N SER A 139 -4.49 -33.32 17.91
CA SER A 139 -3.34 -33.64 18.75
C SER A 139 -2.14 -32.78 18.33
N ALA A 140 -1.97 -32.59 17.00
CA ALA A 140 -0.92 -31.77 16.40
C ALA A 140 -1.18 -30.27 16.61
N VAL A 141 -2.47 -29.85 16.49
CA VAL A 141 -2.92 -28.46 16.66
C VAL A 141 -2.70 -28.02 18.12
N ASP A 142 -3.02 -28.91 19.09
CA ASP A 142 -2.83 -28.67 20.53
C ASP A 142 -1.35 -28.53 20.88
N TYR A 143 -0.49 -29.35 20.25
CA TYR A 143 0.98 -29.32 20.45
C TYR A 143 1.53 -27.95 20.03
N CYS A 144 1.04 -27.41 18.88
CA CYS A 144 1.42 -26.10 18.35
C CYS A 144 1.01 -24.99 19.32
N HIS A 145 -0.24 -25.03 19.82
CA HIS A 145 -0.82 -24.05 20.74
C HIS A 145 -0.12 -24.04 22.09
N ARG A 146 0.29 -25.22 22.60
CA ARG A 146 1.01 -25.36 23.88
C ARG A 146 2.43 -24.78 23.75
N HIS A 147 2.98 -24.77 22.52
CA HIS A 147 4.29 -24.22 22.18
C HIS A 147 4.18 -22.79 21.64
N MET A 148 3.01 -22.13 21.89
CA MET A 148 2.67 -20.75 21.50
C MET A 148 2.81 -20.46 20.00
N VAL A 149 2.40 -21.43 19.16
CA VAL A 149 2.46 -21.35 17.69
C VAL A 149 1.06 -21.63 17.10
N VAL A 150 0.59 -20.77 16.20
CA VAL A 150 -0.69 -20.96 15.52
C VAL A 150 -0.47 -21.13 14.02
N HIS A 151 -0.93 -22.27 13.47
CA HIS A 151 -0.78 -22.66 12.06
C HIS A 151 -1.42 -21.66 11.08
N ARG A 152 -2.67 -21.24 11.35
CA ARG A 152 -3.46 -20.25 10.58
C ARG A 152 -3.83 -20.64 9.12
N ASP A 153 -3.34 -21.80 8.64
CA ASP A 153 -3.64 -22.29 7.29
C ASP A 153 -3.96 -23.80 7.31
N LEU A 154 -4.86 -24.22 8.21
CA LEU A 154 -5.25 -25.61 8.33
C LEU A 154 -6.37 -25.97 7.35
N LYS A 155 -6.08 -26.91 6.45
CA LYS A 155 -6.98 -27.41 5.40
C LYS A 155 -6.54 -28.84 4.97
N PRO A 156 -7.43 -29.69 4.41
CA PRO A 156 -6.99 -31.05 3.99
C PRO A 156 -5.87 -31.09 2.95
N GLU A 157 -5.61 -29.93 2.30
CA GLU A 157 -4.53 -29.77 1.34
C GLU A 157 -3.19 -29.70 2.10
N ASN A 158 -3.21 -29.09 3.31
CA ASN A 158 -2.03 -28.96 4.18
C ASN A 158 -1.88 -30.11 5.17
N VAL A 159 -2.90 -30.99 5.26
CA VAL A 159 -2.88 -32.18 6.12
C VAL A 159 -2.49 -33.35 5.22
N LEU A 160 -1.36 -33.99 5.52
CA LEU A 160 -0.85 -35.12 4.73
C LEU A 160 -1.06 -36.48 5.40
N LEU A 161 -0.93 -37.56 4.62
CA LEU A 161 -1.12 -38.94 5.08
C LEU A 161 0.06 -39.83 4.73
N ASP A 162 0.36 -40.82 5.59
CA ASP A 162 1.43 -41.79 5.37
C ASP A 162 0.87 -43.14 4.90
N ALA A 163 1.75 -44.16 4.76
CA ALA A 163 1.38 -45.51 4.34
C ALA A 163 0.44 -46.20 5.36
N HIS A 164 0.57 -45.83 6.65
CA HIS A 164 -0.23 -46.37 7.75
C HIS A 164 -1.48 -45.51 8.06
N MET A 165 -1.82 -44.58 7.12
CA MET A 165 -2.97 -43.67 7.18
C MET A 165 -3.02 -42.70 8.37
N ASN A 166 -1.85 -42.18 8.78
CA ASN A 166 -1.72 -41.23 9.89
C ASN A 166 -1.62 -39.79 9.38
N ALA A 167 -2.41 -38.88 9.98
CA ALA A 167 -2.45 -37.45 9.62
C ALA A 167 -1.17 -36.71 10.03
N LYS A 168 -0.69 -35.81 9.16
CA LYS A 168 0.53 -35.01 9.36
C LYS A 168 0.35 -33.58 8.82
N ILE A 169 0.37 -32.56 9.70
CA ILE A 169 0.25 -31.16 9.28
C ILE A 169 1.61 -30.65 8.76
N ALA A 170 1.62 -29.87 7.65
CA ALA A 170 2.87 -29.46 7.02
C ALA A 170 3.25 -27.98 6.84
N ASP A 171 2.47 -27.20 6.07
CA ASP A 171 2.82 -25.81 5.75
C ASP A 171 2.76 -24.80 6.91
N PHE A 172 3.93 -24.45 7.47
CA PHE A 172 4.05 -23.48 8.55
C PHE A 172 4.47 -22.08 8.05
N GLY A 173 4.17 -21.80 6.78
CA GLY A 173 4.48 -20.52 6.13
C GLY A 173 3.69 -19.36 6.67
N LEU A 174 2.37 -19.56 6.86
CA LEU A 174 1.45 -18.54 7.39
C LEU A 174 1.34 -18.58 8.92
N SER A 175 2.14 -19.44 9.58
CA SER A 175 2.16 -19.58 11.03
C SER A 175 2.75 -18.36 11.74
N ASN A 176 2.31 -18.11 13.00
CA ASN A 176 2.78 -16.99 13.81
C ASN A 176 2.85 -17.34 15.29
N MET A 177 3.69 -16.60 16.03
CA MET A 177 3.91 -16.76 17.47
C MET A 177 2.82 -16.10 18.32
N MET A 178 2.56 -16.67 19.51
CA MET A 178 1.57 -16.16 20.46
C MET A 178 2.30 -15.47 21.61
N SER A 179 2.05 -14.16 21.78
CA SER A 179 2.68 -13.35 22.83
C SER A 179 1.66 -12.83 23.84
N ASP A 180 2.09 -12.66 25.10
CA ASP A 180 1.26 -12.17 26.20
C ASP A 180 0.73 -10.75 25.97
N GLY A 181 -0.59 -10.64 25.95
CA GLY A 181 -1.30 -9.38 25.73
C GLY A 181 -1.18 -8.91 24.30
N GLU A 182 -0.91 -9.84 23.40
CA GLU A 182 -0.79 -9.52 22.00
C GLU A 182 -1.81 -10.18 21.08
N PHE A 183 -2.10 -9.52 19.97
CA PHE A 183 -3.11 -9.97 19.03
C PHE A 183 -2.50 -10.06 17.65
N LEU A 184 -3.08 -10.93 16.82
CA LEU A 184 -2.59 -11.13 15.46
C LEU A 184 -3.64 -10.56 14.53
N ARG A 185 -3.21 -9.76 13.57
CA ARG A 185 -4.14 -9.14 12.62
C ARG A 185 -4.15 -9.74 11.22
N SER A 187 -4.41 -11.59 7.78
CA SER A 187 -5.40 -12.44 7.16
C SER A 187 -4.81 -13.55 6.33
N CYS A 188 -5.04 -14.79 6.74
CA CYS A 188 -4.32 -15.92 6.18
C CYS A 188 -5.16 -17.12 5.75
N GLY A 189 -4.73 -17.76 4.68
CA GLY A 189 -5.32 -18.99 4.23
C GLY A 189 -6.53 -18.88 3.32
N SER A 190 -7.02 -20.04 2.88
CA SER A 190 -8.12 -20.09 1.96
C SER A 190 -9.37 -19.54 2.60
N PRO A 191 -10.16 -18.81 1.83
CA PRO A 191 -11.40 -18.23 2.38
C PRO A 191 -12.39 -19.25 2.94
N ASN A 192 -12.44 -20.46 2.36
CA ASN A 192 -13.33 -21.56 2.78
C ASN A 192 -12.97 -22.10 4.17
N TYR A 193 -11.71 -21.90 4.62
CA TYR A 193 -11.20 -22.37 5.90
C TYR A 193 -10.93 -21.24 6.91
N ALA A 194 -10.91 -19.98 6.43
CA ALA A 194 -10.69 -18.80 7.26
C ALA A 194 -11.90 -18.48 8.13
N ALA A 195 -11.64 -18.10 9.41
CA ALA A 195 -12.66 -17.74 10.41
C ALA A 195 -13.33 -16.38 10.07
N PRO A 196 -14.56 -16.08 10.58
CA PRO A 196 -15.20 -14.79 10.25
C PRO A 196 -14.39 -13.55 10.62
N GLU A 197 -13.58 -13.62 11.70
CA GLU A 197 -12.71 -12.52 12.15
C GLU A 197 -11.50 -12.33 11.23
N VAL A 198 -11.06 -13.41 10.55
CA VAL A 198 -9.91 -13.42 9.63
C VAL A 198 -10.28 -12.69 8.33
N ILE A 199 -11.43 -13.05 7.73
CA ILE A 199 -11.94 -12.44 6.48
C ILE A 199 -12.34 -10.97 6.67
N SER A 200 -12.79 -10.60 7.88
CA SER A 200 -13.20 -9.23 8.23
C SER A 200 -12.01 -8.31 8.51
N GLY A 201 -10.83 -8.89 8.74
CA GLY A 201 -9.60 -8.17 9.02
C GLY A 201 -9.51 -7.64 10.45
N ARG A 202 -10.28 -8.24 11.36
CA ARG A 202 -10.33 -7.88 12.78
C ARG A 202 -9.21 -8.58 13.56
N LEU A 203 -8.83 -8.05 14.72
CA LEU A 203 -7.81 -8.69 15.56
C LEU A 203 -8.27 -9.97 16.22
N TYR A 204 -7.37 -10.93 16.40
CA TYR A 204 -7.70 -12.20 17.04
C TYR A 204 -6.58 -12.75 17.93
N ALA A 205 -6.95 -13.51 18.96
CA ALA A 205 -5.99 -14.27 19.75
C ALA A 205 -5.32 -15.36 18.93
N GLY A 206 -6.12 -16.03 18.11
CA GLY A 206 -5.65 -16.97 17.11
C GLY A 206 -5.68 -18.46 17.39
N PRO A 207 -5.80 -18.90 18.61
CA PRO A 207 -6.07 -20.32 18.86
C PRO A 207 -7.42 -20.69 18.30
N GLU A 208 -8.37 -19.77 18.44
CA GLU A 208 -9.74 -19.96 18.01
C GLU A 208 -9.84 -20.09 16.51
N VAL A 209 -8.99 -19.38 15.80
CA VAL A 209 -8.98 -19.40 14.35
C VAL A 209 -8.69 -20.81 13.82
N ASP A 210 -7.75 -21.50 14.46
CA ASP A 210 -7.44 -22.88 14.08
C ASP A 210 -8.60 -23.84 14.31
N ILE A 211 -9.34 -23.64 15.39
CA ILE A 211 -10.52 -24.45 15.72
C ILE A 211 -11.53 -24.39 14.59
N TRP A 212 -11.80 -23.17 14.06
CA TRP A 212 -12.72 -22.94 12.94
C TRP A 212 -12.26 -23.76 11.73
N SER A 213 -10.95 -23.67 11.40
CA SER A 213 -10.31 -24.41 10.31
C SER A 213 -10.47 -25.91 10.50
N CYS A 214 -10.27 -26.40 11.75
CA CYS A 214 -10.43 -27.80 12.13
C CYS A 214 -11.88 -28.25 11.99
N GLY A 215 -12.81 -27.32 12.26
CA GLY A 215 -14.25 -27.53 12.14
C GLY A 215 -14.66 -27.78 10.70
N VAL A 216 -14.05 -27.02 9.75
CA VAL A 216 -14.28 -27.14 8.32
C VAL A 216 -13.73 -28.50 7.82
N ILE A 217 -12.52 -28.89 8.29
CA ILE A 217 -11.86 -30.17 7.96
C ILE A 217 -12.74 -31.35 8.42
N LEU A 218 -13.29 -31.27 9.65
CA LEU A 218 -14.16 -32.29 10.24
C LEU A 218 -15.44 -32.47 9.41
N TYR A 219 -16.02 -31.35 8.91
CA TYR A 219 -17.20 -31.37 8.04
C TYR A 219 -16.83 -31.96 6.69
N ALA A 220 -15.67 -31.55 6.12
CA ALA A 220 -15.15 -32.02 4.84
C ALA A 220 -14.85 -33.53 4.85
N LEU A 221 -14.42 -34.06 6.01
CA LEU A 221 -14.11 -35.49 6.17
C LEU A 221 -15.38 -36.33 6.14
N LEU A 222 -16.38 -35.95 6.95
CA LEU A 222 -17.66 -36.65 7.09
C LEU A 222 -18.65 -36.45 5.94
N CYS A 223 -18.70 -35.23 5.37
CA CYS A 223 -19.65 -34.88 4.30
C CYS A 223 -19.10 -34.97 2.87
N GLY A 224 -17.81 -34.71 2.71
CA GLY A 224 -17.15 -34.72 1.40
C GLY A 224 -17.39 -33.44 0.62
N THR A 225 -17.85 -32.39 1.32
CA THR A 225 -18.15 -31.05 0.80
C THR A 225 -17.80 -29.99 1.84
N LEU A 226 -17.77 -28.71 1.44
CA LEU A 226 -17.46 -27.60 2.33
C LEU A 226 -18.73 -27.03 2.98
N PRO A 227 -18.72 -26.66 4.28
CA PRO A 227 -19.95 -26.10 4.90
C PRO A 227 -20.26 -24.69 4.42
N PHE A 228 -19.22 -23.97 3.94
CA PHE A 228 -19.30 -22.61 3.41
C PHE A 228 -18.56 -22.63 2.06
N ASP A 229 -19.34 -22.73 0.96
CA ASP A 229 -18.81 -22.79 -0.40
C ASP A 229 -19.73 -22.06 -1.39
N ASP A 230 -19.13 -21.15 -2.18
CA ASP A 230 -19.81 -20.35 -3.21
C ASP A 230 -18.84 -19.85 -4.28
N GLU A 231 -19.33 -19.71 -5.52
CA GLU A 231 -18.57 -19.22 -6.68
C GLU A 231 -18.15 -17.75 -6.46
N HIS A 232 -19.12 -16.90 -6.05
CA HIS A 232 -18.92 -15.49 -5.77
C HIS A 232 -18.27 -15.30 -4.39
N VAL A 233 -17.09 -14.63 -4.37
CA VAL A 233 -16.30 -14.36 -3.16
C VAL A 233 -17.09 -13.58 -2.08
N PRO A 234 -17.74 -12.41 -2.36
CA PRO A 234 -18.52 -11.72 -1.30
C PRO A 234 -19.71 -12.51 -0.75
N THR A 235 -20.31 -13.40 -1.58
CA THR A 235 -21.42 -14.27 -1.18
C THR A 235 -20.89 -15.36 -0.25
N LEU A 236 -19.68 -15.88 -0.54
CA LEU A 236 -18.98 -16.89 0.27
C LEU A 236 -18.64 -16.28 1.64
N PHE A 237 -18.13 -15.02 1.65
CA PHE A 237 -17.77 -14.26 2.85
C PHE A 237 -19.00 -14.00 3.73
N LYS A 238 -20.17 -13.77 3.09
CA LYS A 238 -21.46 -13.53 3.74
C LYS A 238 -21.94 -14.80 4.47
N LYS A 239 -21.66 -15.98 3.89
CA LYS A 239 -22.01 -17.29 4.45
C LYS A 239 -21.18 -17.60 5.71
N ILE A 240 -19.88 -17.23 5.70
CA ILE A 240 -18.94 -17.43 6.82
C ILE A 240 -19.34 -16.51 7.99
N ARG A 241 -19.60 -15.22 7.70
CA ARG A 241 -20.01 -14.22 8.68
C ARG A 241 -21.37 -14.54 9.31
N GLY A 242 -22.26 -15.16 8.52
CA GLY A 242 -23.58 -15.59 8.96
C GLY A 242 -23.52 -16.80 9.87
N GLY A 243 -22.60 -17.72 9.57
CA GLY A 243 -22.37 -18.95 10.31
C GLY A 243 -23.47 -19.98 10.18
N VAL A 244 -24.18 -19.95 9.02
CA VAL A 244 -25.27 -20.89 8.73
C VAL A 244 -24.77 -21.91 7.71
N PHE A 245 -24.84 -23.21 8.08
CA PHE A 245 -24.42 -24.33 7.24
C PHE A 245 -25.36 -25.52 7.42
N TYR A 246 -25.62 -26.24 6.31
CA TYR A 246 -26.50 -27.41 6.30
C TYR A 246 -25.84 -28.62 6.96
N ILE A 247 -26.57 -29.28 7.87
CA ILE A 247 -26.10 -30.48 8.56
C ILE A 247 -26.85 -31.68 7.93
N PRO A 248 -26.13 -32.57 7.18
CA PRO A 248 -26.81 -33.70 6.53
C PRO A 248 -27.46 -34.70 7.48
N GLU A 249 -28.48 -35.43 6.96
CA GLU A 249 -29.25 -36.43 7.71
C GLU A 249 -28.44 -37.66 8.15
N TYR A 250 -27.36 -38.00 7.42
CA TYR A 250 -26.50 -39.14 7.78
C TYR A 250 -25.60 -38.91 9.00
N LEU A 251 -25.50 -37.64 9.45
CA LEU A 251 -24.70 -37.28 10.63
C LEU A 251 -25.55 -37.32 11.89
N ASN A 252 -25.05 -38.00 12.93
CA ASN A 252 -25.72 -38.12 14.23
C ASN A 252 -25.69 -36.80 15.00
N ARG A 253 -26.64 -36.63 15.95
CA ARG A 253 -26.80 -35.43 16.78
C ARG A 253 -25.57 -35.05 17.59
N SER A 254 -24.74 -36.06 17.98
CA SER A 254 -23.52 -35.87 18.77
C SER A 254 -22.48 -35.07 17.99
N VAL A 255 -22.05 -35.57 16.80
CA VAL A 255 -21.08 -34.89 15.94
C VAL A 255 -21.61 -33.55 15.38
N ALA A 256 -22.95 -33.44 15.21
CA ALA A 256 -23.64 -32.24 14.72
C ALA A 256 -23.47 -31.08 15.70
N THR A 257 -23.58 -31.36 17.02
CA THR A 257 -23.42 -30.35 18.08
C THR A 257 -21.95 -29.91 18.20
N LEU A 258 -21.00 -30.85 17.97
CA LEU A 258 -19.56 -30.57 18.01
C LEU A 258 -19.18 -29.63 16.87
N LEU A 259 -19.70 -29.88 15.66
CA LEU A 259 -19.45 -29.05 14.47
C LEU A 259 -20.03 -27.65 14.64
N MET A 260 -21.20 -27.54 15.30
CA MET A 260 -21.89 -26.27 15.57
C MET A 260 -21.12 -25.42 16.57
N HIS A 261 -20.58 -26.05 17.64
CA HIS A 261 -19.78 -25.40 18.69
C HIS A 261 -18.42 -24.94 18.15
N MET A 262 -17.81 -25.74 17.25
CA MET A 262 -16.52 -25.45 16.62
C MET A 262 -16.67 -24.35 15.56
N LEU A 263 -17.84 -24.28 14.90
CA LEU A 263 -18.13 -23.30 13.87
C LEU A 263 -19.12 -22.23 14.39
N GLN A 264 -18.63 -21.40 15.32
CA GLN A 264 -19.38 -20.31 15.95
C GLN A 264 -18.81 -18.97 15.49
N VAL A 265 -19.69 -18.04 15.09
CA VAL A 265 -19.32 -16.69 14.62
C VAL A 265 -18.56 -15.96 15.74
N ASP A 266 -19.10 -15.98 16.98
CA ASP A 266 -18.49 -15.37 18.15
C ASP A 266 -17.29 -16.21 18.60
N PRO A 267 -16.04 -15.66 18.58
CA PRO A 267 -14.87 -16.45 19.00
C PRO A 267 -14.89 -16.85 20.47
N LEU A 268 -15.62 -16.07 21.30
CA LEU A 268 -15.80 -16.29 22.73
C LEU A 268 -16.71 -17.50 22.99
N LYS A 269 -17.76 -17.66 22.18
CA LYS A 269 -18.72 -18.78 22.27
C LYS A 269 -18.18 -20.04 21.58
N ARG A 270 -17.15 -19.88 20.73
CA ARG A 270 -16.50 -20.95 19.97
C ARG A 270 -15.76 -21.93 20.90
N ALA A 271 -15.78 -23.22 20.53
CA ALA A 271 -15.15 -24.32 21.27
C ALA A 271 -13.63 -24.20 21.36
N THR A 272 -13.08 -24.67 22.49
CA THR A 272 -11.64 -24.72 22.77
C THR A 272 -11.23 -26.19 22.71
N ILE A 273 -9.91 -26.50 22.71
CA ILE A 273 -9.41 -27.89 22.66
C ILE A 273 -9.97 -28.71 23.85
N LYS A 274 -10.05 -28.09 25.04
CA LYS A 274 -10.61 -28.70 26.26
C LYS A 274 -12.09 -29.07 26.07
N ASP A 275 -12.86 -28.21 25.36
CA ASP A 275 -14.28 -28.44 25.05
C ASP A 275 -14.45 -29.61 24.08
N ILE A 276 -13.56 -29.72 23.07
CA ILE A 276 -13.56 -30.79 22.07
C ILE A 276 -13.14 -32.11 22.75
N ARG A 277 -12.15 -32.06 23.65
CA ARG A 277 -11.67 -33.21 24.42
C ARG A 277 -12.74 -33.76 25.37
N GLU A 278 -13.62 -32.88 25.89
CA GLU A 278 -14.71 -33.23 26.80
C GLU A 278 -15.95 -33.78 26.07
N HIS A 279 -16.02 -33.57 24.73
CA HIS A 279 -17.13 -34.02 23.90
C HIS A 279 -17.16 -35.54 23.75
N GLU A 280 -18.35 -36.14 23.93
CA GLU A 280 -18.60 -37.58 23.90
C GLU A 280 -18.20 -38.28 22.60
N TRP A 281 -18.40 -37.61 21.45
CA TRP A 281 -18.06 -38.13 20.12
C TRP A 281 -16.54 -38.24 19.94
N PHE A 282 -15.79 -37.23 20.40
CA PHE A 282 -14.33 -37.17 20.32
C PHE A 282 -13.68 -38.17 21.29
N LYS A 283 -14.31 -38.40 22.46
CA LYS A 283 -13.84 -39.31 23.51
C LYS A 283 -13.76 -40.78 23.05
N GLN A 284 -14.67 -41.19 22.12
CA GLN A 284 -14.77 -42.55 21.59
C GLN A 284 -13.47 -43.05 20.94
N ASP A 285 -12.98 -44.21 21.42
CA ASP A 285 -11.76 -44.90 20.96
C ASP A 285 -10.49 -44.01 20.86
N LEU A 286 -10.47 -42.89 21.63
CA LEU A 286 -9.38 -41.94 21.66
C LEU A 286 -8.15 -42.53 22.38
N PRO A 287 -6.99 -42.66 21.68
CA PRO A 287 -5.77 -43.19 22.34
C PRO A 287 -5.30 -42.29 23.48
N SER A 288 -4.80 -42.90 24.57
CA SER A 288 -4.34 -42.21 25.77
C SER A 288 -2.91 -41.63 25.71
N TYR A 289 -2.37 -41.43 24.49
CA TYR A 289 -1.02 -40.88 24.28
C TYR A 289 -0.98 -39.58 23.46
N LEU A 290 -2.08 -39.23 22.78
CA LEU A 290 -2.17 -38.05 21.92
C LEU A 290 -2.17 -36.71 22.64
N PHE A 291 -2.84 -36.62 23.80
CA PHE A 291 -2.95 -35.38 24.56
C PHE A 291 -2.32 -35.44 25.97
N PRO A 292 -1.75 -34.31 26.49
CA PRO A 292 -1.17 -34.35 27.84
C PRO A 292 -2.20 -34.58 28.95
N GLU A 293 -1.72 -35.08 30.12
CA GLU A 293 -2.49 -35.44 31.33
C GLU A 293 -3.28 -36.76 31.21
N ASP A 294 -3.27 -37.39 30.01
CA ASP A 294 -3.93 -38.67 29.73
C ASP A 294 -3.14 -39.85 30.36
N PRO A 295 -3.77 -41.05 30.59
CA PRO A 295 -3.05 -42.15 31.24
C PRO A 295 -1.69 -42.58 30.70
N SER A 296 -1.58 -42.90 29.39
CA SER A 296 -0.32 -43.36 28.79
C SER A 296 0.54 -42.26 28.12
N TYR A 297 0.27 -40.98 28.42
CA TYR A 297 1.02 -39.85 27.86
C TYR A 297 2.39 -39.72 28.53
N ASP A 298 2.41 -39.62 29.88
CA ASP A 298 3.60 -39.43 30.71
C ASP A 298 4.65 -40.55 30.61
N ALA A 299 4.22 -41.77 30.24
CA ALA A 299 5.10 -42.94 30.10
C ALA A 299 5.58 -43.19 28.67
N ASN A 300 4.96 -42.53 27.66
CA ASN A 300 5.31 -42.73 26.25
C ASN A 300 5.76 -41.47 25.49
N VAL A 301 5.33 -40.26 25.95
CA VAL A 301 5.69 -38.99 25.32
C VAL A 301 6.70 -38.19 26.14
N ILE A 302 7.81 -37.79 25.51
CA ILE A 302 8.88 -37.01 26.14
C ILE A 302 8.49 -35.56 26.47
N ASP A 303 8.83 -35.09 27.69
CA ASP A 303 8.54 -33.74 28.15
C ASP A 303 9.84 -32.92 28.06
N ASP A 304 9.88 -31.97 27.10
CA ASP A 304 11.03 -31.11 26.80
C ASP A 304 11.51 -30.28 28.00
N GLU A 305 10.56 -29.74 28.80
CA GLU A 305 10.84 -28.92 29.98
C GLU A 305 11.53 -29.70 31.10
N ALA A 306 11.18 -30.99 31.27
CA ALA A 306 11.72 -31.87 32.31
C ALA A 306 13.16 -32.33 32.01
N VAL A 307 13.48 -32.60 30.72
CA VAL A 307 14.81 -33.04 30.26
C VAL A 307 15.87 -31.95 30.54
N LYS A 308 15.54 -30.68 30.21
CA LYS A 308 16.40 -29.51 30.43
C LYS A 308 16.68 -29.28 31.92
N GLU A 309 15.67 -29.56 32.77
CA GLU A 309 15.73 -29.44 34.23
C GLU A 309 16.69 -30.48 34.84
N VAL A 310 16.76 -31.69 34.22
CA VAL A 310 17.64 -32.79 34.64
C VAL A 310 19.08 -32.53 34.17
N CYS A 311 19.24 -32.03 32.92
CA CYS A 311 20.52 -31.71 32.28
C CYS A 311 21.36 -30.69 33.08
N GLU A 312 20.69 -29.71 33.73
CA GLU A 312 21.36 -28.69 34.55
C GLU A 312 21.67 -29.17 35.98
N LYS A 313 20.88 -30.15 36.48
CA LYS A 313 21.02 -30.73 37.82
C LYS A 313 22.13 -31.79 37.86
N PHE A 314 22.24 -32.60 36.79
CA PHE A 314 23.23 -33.67 36.66
C PHE A 314 24.49 -33.26 35.86
N GLU A 315 24.47 -32.05 35.25
CA GLU A 315 25.56 -31.47 34.44
C GLU A 315 25.99 -32.36 33.24
N CYS A 316 24.99 -32.96 32.56
CA CYS A 316 25.21 -33.86 31.42
C CYS A 316 24.39 -33.47 30.18
N THR A 317 24.75 -34.06 29.02
CA THR A 317 24.08 -33.83 27.73
C THR A 317 22.69 -34.48 27.63
N GLU A 318 21.86 -34.01 26.68
CA GLU A 318 20.50 -34.49 26.42
C GLU A 318 20.46 -35.93 25.93
N SER A 319 21.46 -36.35 25.12
CA SER A 319 21.59 -37.69 24.56
C SER A 319 21.81 -38.77 25.64
N GLU A 320 22.56 -38.42 26.70
CA GLU A 320 22.85 -39.31 27.83
C GLU A 320 21.62 -39.57 28.70
N VAL A 321 20.75 -38.55 28.85
CA VAL A 321 19.48 -38.61 29.59
C VAL A 321 18.53 -39.57 28.86
N MET A 322 18.50 -39.49 27.51
CA MET A 322 17.69 -40.34 26.63
C MET A 322 18.15 -41.80 26.70
N ASN A 323 19.49 -42.04 26.63
CA ASN A 323 20.11 -43.36 26.72
C ASN A 323 19.75 -44.10 28.00
N SER A 324 19.61 -43.36 29.11
CA SER A 324 19.21 -43.86 30.43
C SER A 324 17.73 -44.27 30.44
N LEU A 325 16.89 -43.56 29.65
CA LEU A 325 15.46 -43.83 29.53
C LEU A 325 15.20 -45.00 28.57
N TYR A 326 15.94 -45.06 27.44
CA TYR A 326 15.81 -46.12 26.44
C TYR A 326 16.52 -47.43 26.86
N SER A 327 17.28 -47.42 27.98
CA SER A 327 18.00 -48.57 28.52
C SER A 327 17.07 -49.66 29.06
N GLY A 328 17.63 -50.85 29.31
CA GLY A 328 16.91 -52.00 29.83
C GLY A 328 16.40 -51.87 31.25
N ASP A 329 17.22 -51.26 32.15
CA ASP A 329 16.85 -51.07 33.55
C ASP A 329 16.23 -49.70 33.86
N PRO A 330 15.02 -49.67 34.48
CA PRO A 330 14.39 -48.38 34.80
C PRO A 330 15.00 -47.69 36.03
N GLN A 331 15.80 -48.44 36.82
CA GLN A 331 16.49 -47.96 38.03
C GLN A 331 17.76 -47.14 37.71
N ASP A 332 18.00 -46.84 36.41
CA ASP A 332 19.14 -46.07 35.92
C ASP A 332 19.08 -44.63 36.45
N GLN A 333 20.20 -44.15 37.03
CA GLN A 333 20.41 -42.84 37.66
C GLN A 333 19.72 -41.63 37.01
N LEU A 334 19.88 -41.45 35.69
CA LEU A 334 19.28 -40.31 34.99
C LEU A 334 17.77 -40.43 34.73
N ALA A 335 17.28 -41.68 34.54
CA ALA A 335 15.87 -41.98 34.29
C ALA A 335 14.97 -41.68 35.50
N VAL A 336 15.41 -42.08 36.72
CA VAL A 336 14.66 -41.87 37.97
C VAL A 336 14.46 -40.38 38.33
N ALA A 337 15.45 -39.54 38.00
CA ALA A 337 15.44 -38.09 38.23
C ALA A 337 14.40 -37.40 37.33
N TYR A 338 14.27 -37.88 36.08
CA TYR A 338 13.32 -37.38 35.09
C TYR A 338 11.89 -37.70 35.53
N HIS A 339 11.62 -38.96 35.93
CA HIS A 339 10.32 -39.42 36.39
C HIS A 339 9.84 -38.84 37.72
N LEU A 340 10.79 -38.35 38.57
CA LEU A 340 10.50 -37.69 39.84
C LEU A 340 9.81 -36.34 39.58
N ILE A 341 10.23 -35.65 38.50
CA ILE A 341 9.68 -34.37 38.04
C ILE A 341 8.31 -34.68 37.42
N ILE A 342 8.21 -35.77 36.62
CA ILE A 342 7.00 -36.24 35.94
C ILE A 342 5.92 -36.63 36.96
N ASP A 343 6.29 -37.38 38.02
CA ASP A 343 5.37 -37.80 39.09
C ASP A 343 4.84 -36.60 39.86
N ASN A 344 5.75 -35.70 40.32
CA ASN A 344 5.43 -34.47 41.05
C ASN A 344 4.50 -33.55 40.26
N ARG A 345 4.71 -33.46 38.93
CA ARG A 345 3.90 -32.65 38.02
C ARG A 345 2.48 -33.21 37.93
N ARG A 346 2.34 -34.55 37.86
CA ARG A 346 1.06 -35.28 37.77
C ARG A 346 0.17 -35.01 39.00
N ILE A 347 0.75 -35.11 40.23
CA ILE A 347 0.06 -34.88 41.51
C ILE A 347 -0.53 -33.46 41.55
N MET A 348 0.28 -32.45 41.13
CA MET A 348 -0.10 -31.04 41.09
C MET A 348 -1.13 -30.77 39.98
N ASN A 349 -1.04 -31.48 38.84
CA ASN A 349 -1.98 -31.34 37.72
C ASN A 349 -3.33 -31.98 38.03
N GLN A 350 -3.34 -33.11 38.77
CA GLN A 350 -4.56 -33.83 39.17
C GLN A 350 -5.41 -33.00 40.15
N ALA A 351 -4.75 -32.29 41.09
CA ALA A 351 -5.39 -31.43 42.08
C ALA A 351 -5.68 -30.05 41.47
N SER A 352 -6.62 -30.02 40.51
CA SER A 352 -7.05 -28.83 39.78
C SER A 352 -7.77 -27.82 40.68
N GLU A 353 -8.51 -28.32 41.69
CA GLU A 353 -9.27 -27.52 42.65
C GLU A 353 -8.35 -26.72 43.59
N PHE A 354 -7.10 -27.20 43.77
CA PHE A 354 -6.07 -26.59 44.61
C PHE A 354 -5.38 -25.43 43.88
N TYR A 355 -5.17 -25.54 42.55
CA TYR A 355 -4.51 -24.51 41.73
C TYR A 355 -5.43 -23.60 40.92
N LEU A 356 -6.63 -24.06 40.56
CA LEU A 356 -7.57 -23.29 39.76
C LEU A 356 -8.99 -23.30 40.32
N ALA A 357 -9.75 -22.22 40.04
CA ALA A 357 -11.15 -22.07 40.47
C ALA A 357 -12.08 -22.77 39.47
N SER A 358 -13.14 -23.41 39.98
CA SER A 358 -14.15 -24.13 39.19
C SER A 358 -15.00 -23.19 38.34
N ARG A 372 -22.25 -27.05 51.28
CA ARG A 372 -21.75 -26.10 52.25
C ARG A 372 -20.83 -25.07 51.59
N PRO A 373 -20.97 -23.76 51.88
CA PRO A 373 -20.06 -22.77 51.25
C PRO A 373 -18.69 -22.71 51.92
N HIS A 374 -17.70 -22.08 51.25
CA HIS A 374 -16.34 -21.93 51.74
C HIS A 374 -16.25 -21.06 53.00
N PRO A 375 -15.43 -21.42 54.03
CA PRO A 375 -15.36 -20.62 55.27
C PRO A 375 -14.93 -19.16 55.09
N GLU A 376 -14.02 -18.88 54.13
CA GLU A 376 -13.52 -17.53 53.84
C GLU A 376 -14.55 -16.62 53.16
N ARG A 377 -15.58 -17.22 52.51
CA ARG A 377 -16.65 -16.52 51.80
C ARG A 377 -17.76 -15.97 52.73
N VAL A 378 -17.66 -16.28 54.05
CA VAL A 378 -18.61 -15.85 55.08
C VAL A 378 -18.62 -14.33 55.32
N PRO A 379 -17.54 -13.62 54.94
CA PRO A 379 -17.56 -12.15 54.98
C PRO A 379 -18.45 -11.50 53.90
N PHE A 380 -18.26 -11.89 52.62
CA PHE A 380 -19.04 -11.35 51.51
C PHE A 380 -20.46 -11.93 51.46
N LYS A 407 -22.64 -5.41 43.54
CA LYS A 407 -21.20 -5.46 43.31
C LYS A 407 -20.78 -4.54 42.15
N ALA A 408 -19.72 -3.74 42.37
CA ALA A 408 -19.18 -2.81 41.37
C ALA A 408 -18.47 -3.59 40.25
N LYS A 409 -18.83 -3.31 39.00
CA LYS A 409 -18.27 -4.00 37.82
C LYS A 409 -17.03 -3.32 37.27
N TRP A 410 -16.02 -4.13 36.88
CA TRP A 410 -14.75 -3.69 36.33
C TRP A 410 -14.85 -3.41 34.82
N HIS A 411 -13.97 -2.52 34.32
CA HIS A 411 -13.92 -2.14 32.90
C HIS A 411 -12.48 -1.92 32.43
N LEU A 412 -12.24 -2.16 31.13
CA LEU A 412 -10.93 -2.00 30.49
C LEU A 412 -10.66 -0.53 30.16
N GLY A 413 -9.52 -0.02 30.65
CA GLY A 413 -9.03 1.34 30.46
C GLY A 413 -10.02 2.48 30.61
N ILE A 414 -9.87 3.53 29.77
CA ILE A 414 -10.73 4.72 29.75
C ILE A 414 -11.63 4.67 28.51
N ARG A 415 -12.94 4.89 28.70
CA ARG A 415 -13.92 4.95 27.62
C ARG A 415 -14.26 6.41 27.31
N SER A 416 -14.36 6.73 26.01
CA SER A 416 -14.66 8.09 25.54
C SER A 416 -15.64 8.12 24.36
N GLN A 417 -16.48 9.16 24.32
CA GLN A 417 -17.49 9.38 23.26
C GLN A 417 -16.96 10.38 22.22
N SER A 418 -15.86 11.08 22.55
CA SER A 418 -15.20 12.10 21.73
C SER A 418 -14.58 11.57 20.43
N LYS A 419 -14.19 12.50 19.52
CA LYS A 419 -13.55 12.24 18.22
C LYS A 419 -12.17 11.57 18.43
N PRO A 420 -11.76 10.58 17.59
CA PRO A 420 -10.44 9.92 17.80
C PRO A 420 -9.24 10.87 17.78
N TYR A 421 -9.29 11.93 16.95
CA TYR A 421 -8.23 12.94 16.84
C TYR A 421 -8.12 13.77 18.11
N ASP A 422 -9.26 14.08 18.75
CA ASP A 422 -9.34 14.86 19.99
C ASP A 422 -8.81 14.10 21.20
N ILE A 423 -9.00 12.75 21.22
CA ILE A 423 -8.52 11.87 22.29
C ILE A 423 -6.99 11.84 22.29
N MET A 424 -6.37 11.77 21.09
CA MET A 424 -4.91 11.76 20.90
C MET A 424 -4.28 12.98 21.58
N ALA A 425 -4.77 14.19 21.24
CA ALA A 425 -4.33 15.49 21.76
C ALA A 425 -4.37 15.57 23.29
N GLU A 426 -5.38 14.93 23.92
CA GLU A 426 -5.55 14.88 25.37
C GLU A 426 -4.45 14.03 26.02
N VAL A 427 -4.05 12.93 25.36
CA VAL A 427 -3.01 12.01 25.82
C VAL A 427 -1.63 12.69 25.73
N TYR A 428 -1.33 13.35 24.58
CA TYR A 428 -0.05 14.08 24.36
C TYR A 428 0.12 15.24 25.36
N ARG A 429 -1.00 15.88 25.76
CA ARG A 429 -1.03 16.98 26.74
C ARG A 429 -0.77 16.43 28.15
N ALA A 430 -1.40 15.29 28.50
CA ALA A 430 -1.27 14.62 29.80
C ALA A 430 0.15 14.09 30.02
N MET A 431 0.74 13.49 29.00
CA MET A 431 2.09 12.97 29.11
C MET A 431 3.08 14.08 29.38
N LYS A 432 2.90 15.21 28.70
CA LYS A 432 3.78 16.34 28.83
C LYS A 432 3.74 16.87 30.26
N GLN A 433 2.54 16.90 30.83
CA GLN A 433 2.36 17.37 32.18
C GLN A 433 3.13 16.46 33.13
N LEU A 434 3.12 15.17 32.85
CA LEU A 434 3.78 14.20 33.69
C LEU A 434 5.22 13.97 33.24
N ASP A 435 5.61 14.61 32.15
CA ASP A 435 6.98 14.50 31.67
C ASP A 435 7.31 13.12 31.11
N PHE A 436 6.29 12.42 30.62
CA PHE A 436 6.52 11.13 29.96
C PHE A 436 7.16 11.34 28.58
N GLU A 437 8.00 10.41 28.16
CA GLU A 437 8.61 10.45 26.85
C GLU A 437 8.15 9.23 26.04
N TRP A 438 7.73 9.44 24.80
CA TRP A 438 7.12 8.36 24.02
C TRP A 438 7.62 8.18 22.59
N LYS A 439 7.41 6.97 22.08
CA LYS A 439 7.73 6.59 20.71
C LYS A 439 6.41 6.43 19.95
N VAL A 440 6.23 7.22 18.86
CA VAL A 440 5.01 7.18 18.06
C VAL A 440 5.13 6.20 16.88
N VAL A 441 5.02 4.90 17.20
CA VAL A 441 5.10 3.79 16.24
C VAL A 441 3.88 3.76 15.28
N ASN A 442 2.71 4.16 15.78
CA ASN A 442 1.45 4.22 15.03
C ASN A 442 0.63 5.44 15.50
N ALA A 443 -0.36 5.87 14.68
CA ALA A 443 -1.25 7.01 14.97
C ALA A 443 -2.05 6.79 16.26
N TYR A 444 -2.55 5.56 16.48
CA TYR A 444 -3.33 5.21 17.68
C TYR A 444 -2.59 4.31 18.69
N HIS A 445 -1.35 3.89 18.35
CA HIS A 445 -0.53 3.04 19.21
C HIS A 445 0.80 3.73 19.61
N LEU A 446 0.99 3.96 20.92
CA LEU A 446 2.16 4.63 21.48
C LEU A 446 2.93 3.77 22.49
N ARG A 447 4.24 4.04 22.64
CA ARG A 447 5.14 3.34 23.57
C ARG A 447 5.75 4.38 24.52
N VAL A 448 5.06 4.63 25.66
CA VAL A 448 5.46 5.63 26.68
C VAL A 448 6.43 5.10 27.75
N ARG A 449 7.32 5.98 28.25
CA ARG A 449 8.36 5.70 29.26
C ARG A 449 8.42 6.80 30.34
N ARG A 450 8.70 6.39 31.60
CA ARG A 450 8.84 7.28 32.77
C ARG A 450 9.90 6.75 33.73
N LYS A 451 10.87 7.59 34.11
CA LYS A 451 11.92 7.23 35.07
C LYS A 451 11.42 7.47 36.49
N ASN A 452 11.48 6.42 37.34
CA ASN A 452 11.05 6.49 38.73
C ASN A 452 12.11 7.24 39.57
N PRO A 453 11.72 8.24 40.39
CA PRO A 453 12.71 9.01 41.15
C PRO A 453 13.35 8.27 42.33
N VAL A 454 12.65 7.28 42.91
CA VAL A 454 13.14 6.51 44.06
C VAL A 454 14.02 5.32 43.64
N THR A 455 13.49 4.42 42.80
CA THR A 455 14.20 3.22 42.34
C THR A 455 15.28 3.49 41.30
N GLY A 456 15.08 4.53 40.48
CA GLY A 456 16.01 4.93 39.43
C GLY A 456 15.95 4.04 38.21
N ASN A 457 14.74 3.58 37.86
CA ASN A 457 14.48 2.71 36.71
C ASN A 457 13.34 3.24 35.84
N TYR A 458 13.38 2.94 34.53
CA TYR A 458 12.37 3.35 33.57
C TYR A 458 11.17 2.42 33.58
N VAL A 459 9.96 2.99 33.47
CA VAL A 459 8.69 2.26 33.47
C VAL A 459 8.08 2.35 32.07
N LYS A 460 8.07 1.22 31.34
CA LYS A 460 7.54 1.13 29.98
C LYS A 460 6.05 0.76 29.98
N MET A 461 5.26 1.44 29.12
CA MET A 461 3.82 1.24 28.99
C MET A 461 3.38 1.42 27.54
N SER A 462 2.40 0.62 27.09
CA SER A 462 1.87 0.66 25.73
C SER A 462 0.42 1.15 25.70
N LEU A 463 0.18 2.28 25.00
CA LEU A 463 -1.14 2.88 24.83
C LEU A 463 -1.70 2.53 23.46
N GLN A 464 -2.97 2.10 23.40
CA GLN A 464 -3.64 1.72 22.16
C GLN A 464 -5.12 2.12 22.17
N LEU A 465 -5.57 2.84 21.12
CA LEU A 465 -6.96 3.25 21.00
C LEU A 465 -7.76 2.22 20.21
N TYR A 466 -8.94 1.84 20.73
CA TYR A 466 -9.84 0.86 20.13
C TYR A 466 -11.23 1.45 19.87
N LEU A 467 -12.00 0.81 18.97
CA LEU A 467 -13.36 1.19 18.62
C LEU A 467 -14.31 0.14 19.25
N VAL A 468 -15.05 0.54 20.30
CA VAL A 468 -16.01 -0.34 20.99
C VAL A 468 -17.26 -0.46 20.12
N ASP A 469 -17.88 0.69 19.79
CA ASP A 469 -19.08 0.78 18.96
C ASP A 469 -18.96 1.97 17.99
N ASN A 470 -20.08 2.33 17.32
CA ASN A 470 -20.16 3.43 16.37
C ASN A 470 -19.98 4.79 17.04
N ARG A 471 -20.27 4.89 18.36
CA ARG A 471 -20.17 6.13 19.14
C ARG A 471 -19.12 6.07 20.28
N SER A 472 -18.70 4.85 20.68
CA SER A 472 -17.73 4.64 21.77
C SER A 472 -16.30 4.32 21.30
N TYR A 473 -15.31 4.80 22.09
CA TYR A 473 -13.87 4.60 21.88
C TYR A 473 -13.20 4.24 23.21
N LEU A 474 -12.18 3.36 23.18
CA LEU A 474 -11.48 2.92 24.38
C LEU A 474 -9.96 3.09 24.30
N LEU A 475 -9.34 3.55 25.41
CA LEU A 475 -7.90 3.71 25.53
C LEU A 475 -7.35 2.57 26.40
N ASP A 476 -6.56 1.68 25.79
CA ASP A 476 -5.97 0.51 26.44
C ASP A 476 -4.59 0.78 27.04
N PHE A 477 -4.33 0.22 28.23
CA PHE A 477 -3.07 0.33 28.96
C PHE A 477 -2.45 -1.06 29.07
N LYS A 478 -1.18 -1.20 28.68
CA LYS A 478 -0.45 -2.47 28.71
C LYS A 478 0.97 -2.30 29.24
N SER A 479 1.39 -3.18 30.17
CA SER A 479 2.74 -3.14 30.76
C SER A 479 3.76 -3.84 29.87
N ILE A 480 4.96 -3.26 29.76
CA ILE A 480 6.07 -3.81 28.98
C ILE A 480 7.17 -4.25 29.95
N ASP A 481 7.58 -5.52 29.83
CA ASP A 481 8.62 -6.13 30.67
C ASP A 481 9.91 -6.34 29.87
N ASP A 482 11.06 -5.96 30.47
CA ASP A 482 12.39 -6.10 29.86
C ASP A 482 12.83 -7.56 29.78
N LEU A 540 14.51 -1.57 45.48
CA LEU A 540 14.23 -2.29 44.24
C LEU A 540 12.89 -1.89 43.62
N GLY A 541 11.84 -1.83 44.45
CA GLY A 541 10.49 -1.47 44.02
C GLY A 541 9.64 -2.66 43.66
N SER A 542 8.72 -2.47 42.69
CA SER A 542 7.80 -3.48 42.17
C SER A 542 7.34 -3.07 40.77
N HIS A 543 7.60 -3.94 39.77
CA HIS A 543 7.26 -3.74 38.36
C HIS A 543 5.77 -3.50 38.12
N THR A 544 4.91 -4.28 38.80
CA THR A 544 3.45 -4.18 38.68
C THR A 544 2.94 -2.88 39.31
N MET A 545 3.50 -2.49 40.47
CA MET A 545 3.13 -1.26 41.18
C MET A 545 3.54 -0.02 40.38
N ASP A 546 4.68 -0.10 39.66
CA ASP A 546 5.21 0.94 38.80
C ASP A 546 4.26 1.20 37.61
N PHE A 547 3.63 0.11 37.10
CA PHE A 547 2.67 0.16 36.00
C PHE A 547 1.37 0.81 36.44
N PHE A 548 0.86 0.44 37.64
CA PHE A 548 -0.38 0.97 38.21
C PHE A 548 -0.25 2.46 38.53
N GLU A 549 0.91 2.88 39.11
CA GLU A 549 1.19 4.27 39.46
C GLU A 549 1.32 5.16 38.22
N MET A 550 1.87 4.61 37.11
CA MET A 550 2.02 5.30 35.84
C MET A 550 0.64 5.45 35.19
N CYS A 551 -0.24 4.44 35.36
CA CYS A 551 -1.62 4.42 34.86
C CYS A 551 -2.47 5.43 35.60
N ALA A 552 -2.37 5.44 36.96
CA ALA A 552 -3.10 6.34 37.86
C ALA A 552 -2.80 7.81 37.58
N SER A 553 -1.54 8.12 37.22
CA SER A 553 -1.08 9.46 36.89
C SER A 553 -1.76 10.02 35.64
N LEU A 554 -1.83 9.21 34.56
CA LEU A 554 -2.44 9.58 33.29
C LEU A 554 -3.97 9.64 33.34
N ILE A 555 -4.62 8.74 34.11
CA ILE A 555 -6.07 8.67 34.28
C ILE A 555 -6.58 9.95 34.98
N THR A 556 -5.89 10.38 36.06
CA THR A 556 -6.23 11.58 36.84
C THR A 556 -6.06 12.85 35.98
N THR A 557 -4.96 12.94 35.21
CA THR A 557 -4.64 14.08 34.34
C THR A 557 -5.62 14.21 33.17
N LEU A 558 -5.98 13.07 32.53
CA LEU A 558 -6.92 13.02 31.39
C LEU A 558 -8.36 13.36 31.81
N ALA A 559 -8.73 13.07 33.07
CA ALA A 559 -10.06 13.34 33.62
C ALA A 559 -9.99 14.29 34.81
N ARG B 78 31.55 -27.69 0.62
CA ARG B 78 30.37 -26.86 0.78
C ARG B 78 29.57 -26.78 -0.54
N PRO B 79 28.25 -27.12 -0.55
CA PRO B 79 27.49 -27.08 -1.80
C PRO B 79 27.20 -25.67 -2.33
N THR B 80 27.17 -25.52 -3.68
CA THR B 80 26.89 -24.27 -4.39
C THR B 80 25.91 -24.55 -5.53
N VAL B 81 24.83 -23.75 -5.63
CA VAL B 81 23.77 -23.91 -6.63
C VAL B 81 23.98 -23.01 -7.86
N PHE B 82 23.89 -23.61 -9.06
CA PHE B 82 24.02 -22.93 -10.35
C PHE B 82 22.77 -23.20 -11.19
N ARG B 83 21.74 -22.34 -11.03
CA ARG B 83 20.46 -22.48 -11.73
C ARG B 83 20.30 -21.49 -12.89
N TRP B 84 19.86 -22.01 -14.05
CA TRP B 84 19.61 -21.21 -15.26
C TRP B 84 18.10 -21.06 -15.44
N THR B 85 17.58 -19.87 -15.09
CA THR B 85 16.15 -19.53 -15.18
C THR B 85 15.66 -19.35 -16.61
N GLY B 86 16.57 -18.95 -17.51
CA GLY B 86 16.28 -18.72 -18.91
C GLY B 86 15.92 -19.95 -19.71
N GLY B 87 15.49 -19.73 -20.95
CA GLY B 87 15.10 -20.80 -21.87
C GLY B 87 16.26 -21.50 -22.55
N GLY B 88 15.92 -22.38 -23.48
CA GLY B 88 16.89 -23.16 -24.24
C GLY B 88 16.67 -24.66 -24.16
N LYS B 89 17.31 -25.41 -25.07
CA LYS B 89 17.22 -26.87 -25.13
C LYS B 89 18.43 -27.54 -24.46
N GLU B 90 19.63 -26.98 -24.70
CA GLU B 90 20.90 -27.47 -24.15
C GLU B 90 21.66 -26.32 -23.48
N VAL B 91 21.97 -26.48 -22.18
CA VAL B 91 22.68 -25.47 -21.38
C VAL B 91 23.89 -26.10 -20.68
N TYR B 92 25.08 -25.48 -20.85
CA TYR B 92 26.35 -25.90 -20.27
C TYR B 92 26.91 -24.86 -19.31
N LEU B 93 27.59 -25.30 -18.25
CA LEU B 93 28.21 -24.41 -17.26
C LEU B 93 29.73 -24.48 -17.36
N SER B 94 30.37 -23.32 -17.57
CA SER B 94 31.81 -23.18 -17.67
C SER B 94 32.30 -22.12 -16.69
N GLY B 95 33.22 -22.52 -15.81
CA GLY B 95 33.77 -21.64 -14.79
C GLY B 95 35.20 -21.95 -14.39
N SER B 96 35.79 -21.08 -13.54
CA SER B 96 37.15 -21.20 -13.01
C SER B 96 37.37 -22.46 -12.16
N PHE B 97 36.29 -22.99 -11.58
CA PHE B 97 36.27 -24.19 -10.75
C PHE B 97 36.51 -25.49 -11.53
N ASN B 98 36.18 -25.50 -12.84
CA ASN B 98 36.37 -26.67 -13.71
C ASN B 98 37.36 -26.43 -14.87
N ASN B 99 38.28 -25.45 -14.68
CA ASN B 99 39.31 -25.03 -15.65
C ASN B 99 38.71 -24.55 -16.99
N TRP B 100 37.53 -23.91 -16.91
CA TRP B 100 36.74 -23.37 -18.02
C TRP B 100 36.33 -24.41 -19.07
N SER B 101 35.64 -25.47 -18.59
CA SER B 101 35.13 -26.58 -19.41
C SER B 101 33.61 -26.67 -19.30
N LYS B 102 32.94 -27.13 -20.38
CA LYS B 102 31.48 -27.26 -20.43
C LYS B 102 30.97 -28.43 -19.59
N LEU B 103 30.05 -28.14 -18.65
CA LEU B 103 29.42 -29.12 -17.77
C LEU B 103 27.92 -29.20 -18.11
N PRO B 104 27.39 -30.38 -18.54
CA PRO B 104 25.97 -30.45 -18.89
C PRO B 104 25.03 -30.36 -17.69
N LEU B 105 24.03 -29.46 -17.77
CA LEU B 105 23.04 -29.23 -16.71
C LEU B 105 21.77 -30.05 -16.96
N THR B 106 21.19 -30.59 -15.88
CA THR B 106 19.96 -31.39 -15.94
C THR B 106 18.75 -30.47 -16.04
N ARG B 107 17.81 -30.77 -16.92
CA ARG B 107 16.70 -29.85 -17.09
C ARG B 107 15.40 -30.42 -16.54
N HIS B 109 11.69 -28.84 -16.77
CA HIS B 109 10.94 -27.69 -17.21
C HIS B 109 11.93 -26.64 -17.68
N ASN B 110 11.80 -25.42 -17.16
CA ASN B 110 12.66 -24.32 -17.57
C ASN B 110 13.94 -24.20 -16.76
N ASN B 111 14.14 -25.12 -15.82
CA ASN B 111 15.28 -25.04 -14.92
C ASN B 111 16.43 -25.96 -15.33
N PHE B 112 17.62 -25.39 -15.44
CA PHE B 112 18.85 -26.11 -15.75
C PHE B 112 19.74 -25.90 -14.53
N VAL B 113 19.96 -26.96 -13.73
CA VAL B 113 20.72 -26.84 -12.48
C VAL B 113 21.77 -27.94 -12.24
N ALA B 114 22.79 -27.62 -11.42
CA ALA B 114 23.88 -28.48 -10.97
C ALA B 114 24.41 -27.96 -9.64
N ILE B 115 24.44 -28.84 -8.62
CA ILE B 115 24.94 -28.50 -7.29
C ILE B 115 26.37 -29.01 -7.16
N LEU B 116 27.35 -28.07 -7.10
CA LEU B 116 28.77 -28.38 -7.02
C LEU B 116 29.37 -28.03 -5.65
N ASP B 117 30.28 -28.88 -5.15
CA ASP B 117 30.97 -28.66 -3.88
C ASP B 117 32.15 -27.71 -4.13
N LEU B 118 32.03 -26.47 -3.63
CA LEU B 118 33.05 -25.42 -3.81
C LEU B 118 33.53 -24.79 -2.49
N PRO B 119 34.83 -24.43 -2.37
CA PRO B 119 35.29 -23.78 -1.13
C PRO B 119 34.94 -22.29 -1.06
N GLU B 120 35.22 -21.64 0.08
CA GLU B 120 34.93 -20.21 0.27
C GLU B 120 35.92 -19.29 -0.48
N GLY B 121 35.36 -18.36 -1.26
CA GLY B 121 36.10 -17.40 -2.06
C GLY B 121 35.36 -16.94 -3.30
N GLU B 122 36.04 -16.09 -4.12
CA GLU B 122 35.47 -15.55 -5.37
C GLU B 122 35.57 -16.56 -6.50
N HIS B 123 34.46 -16.80 -7.21
CA HIS B 123 34.39 -17.75 -8.32
C HIS B 123 33.70 -17.11 -9.53
N GLN B 124 34.36 -17.18 -10.70
CA GLN B 124 33.86 -16.64 -11.95
C GLN B 124 33.32 -17.78 -12.83
N TYR B 125 32.13 -17.59 -13.42
CA TYR B 125 31.46 -18.58 -14.25
C TYR B 125 30.57 -17.95 -15.34
N LYS B 126 30.25 -18.71 -16.39
CA LYS B 126 29.38 -18.30 -17.50
C LYS B 126 28.60 -19.48 -18.10
N PHE B 127 27.49 -19.19 -18.79
CA PHE B 127 26.62 -20.21 -19.40
C PHE B 127 26.79 -20.31 -20.91
N PHE B 128 26.62 -21.54 -21.44
CA PHE B 128 26.70 -21.84 -22.87
C PHE B 128 25.33 -22.42 -23.30
N VAL B 129 24.44 -21.53 -23.77
CA VAL B 129 23.07 -21.86 -24.18
C VAL B 129 22.93 -21.91 -25.70
N ASP B 130 22.47 -23.07 -26.23
CA ASP B 130 22.22 -23.36 -27.64
C ASP B 130 23.39 -23.04 -28.59
N GLY B 131 24.61 -23.30 -28.13
CA GLY B 131 25.84 -23.06 -28.87
C GLY B 131 26.39 -21.65 -28.80
N GLN B 132 25.91 -20.83 -27.84
CA GLN B 132 26.33 -19.44 -27.66
C GLN B 132 26.61 -19.09 -26.20
N TRP B 133 27.65 -18.27 -25.95
CA TRP B 133 28.03 -17.81 -24.60
C TRP B 133 27.10 -16.73 -24.08
N THR B 134 26.64 -16.89 -22.83
CA THR B 134 25.75 -15.95 -22.14
C THR B 134 25.96 -15.94 -20.61
N HIS B 135 25.25 -15.04 -19.91
CA HIS B 135 25.33 -14.86 -18.45
C HIS B 135 23.93 -14.58 -17.87
N ASP B 136 23.77 -14.78 -16.55
CA ASP B 136 22.51 -14.52 -15.85
C ASP B 136 22.45 -13.01 -15.54
N PRO B 137 21.48 -12.24 -16.09
CA PRO B 137 21.43 -10.79 -15.83
C PRO B 137 21.12 -10.40 -14.38
N SER B 138 20.43 -11.27 -13.63
CA SER B 138 20.06 -11.06 -12.23
C SER B 138 21.25 -11.19 -11.27
N GLU B 139 22.31 -11.93 -11.68
CA GLU B 139 23.51 -12.19 -10.88
C GLU B 139 24.63 -11.14 -11.12
N PRO B 140 25.54 -10.88 -10.13
CA PRO B 140 26.61 -9.88 -10.36
C PRO B 140 27.61 -10.34 -11.42
N ILE B 141 28.06 -9.40 -12.27
CA ILE B 141 28.99 -9.69 -13.38
C ILE B 141 30.33 -8.94 -13.28
N VAL B 142 31.35 -9.50 -13.95
CA VAL B 142 32.70 -8.95 -14.07
C VAL B 142 33.15 -9.03 -15.54
N THR B 143 33.74 -7.95 -16.07
CA THR B 143 34.19 -7.90 -17.47
C THR B 143 35.72 -7.86 -17.55
N SER B 144 36.28 -8.73 -18.40
CA SER B 144 37.73 -8.84 -18.62
C SER B 144 38.22 -7.78 -19.63
N GLN B 145 39.55 -7.74 -19.87
CA GLN B 145 40.22 -6.79 -20.78
C GLN B 145 39.73 -6.91 -22.23
N LEU B 146 39.48 -8.16 -22.68
CA LEU B 146 39.01 -8.46 -24.04
C LEU B 146 37.48 -8.34 -24.22
N GLY B 147 36.77 -8.09 -23.11
CA GLY B 147 35.33 -7.88 -23.10
C GLY B 147 34.43 -9.10 -23.04
N THR B 148 34.81 -10.10 -22.22
CA THR B 148 34.00 -11.31 -22.03
C THR B 148 33.31 -11.25 -20.68
N VAL B 149 31.96 -11.20 -20.69
CA VAL B 149 31.16 -11.15 -19.46
C VAL B 149 30.97 -12.52 -18.83
N ASN B 150 31.19 -12.60 -17.52
CA ASN B 150 31.05 -13.82 -16.74
C ASN B 150 30.64 -13.48 -15.31
N ASN B 151 29.63 -14.20 -14.81
CA ASN B 151 29.10 -13.95 -13.50
C ASN B 151 30.13 -14.24 -12.43
N ILE B 152 30.10 -13.47 -11.35
CA ILE B 152 30.99 -13.65 -10.21
C ILE B 152 30.22 -13.96 -8.93
N ILE B 153 30.56 -15.08 -8.29
CA ILE B 153 29.93 -15.52 -7.04
C ILE B 153 30.93 -15.49 -5.87
N GLN B 154 30.52 -14.88 -4.75
CA GLN B 154 31.35 -14.77 -3.56
C GLN B 154 30.86 -15.75 -2.48
N VAL B 155 31.54 -16.91 -2.40
CA VAL B 155 31.21 -17.97 -1.43
C VAL B 155 31.75 -17.52 -0.06
N LYS B 156 30.83 -17.19 0.86
CA LYS B 156 31.14 -16.71 2.21
C LYS B 156 31.00 -17.81 3.25
N LYS B 157 31.61 -17.62 4.44
CA LYS B 157 31.56 -18.55 5.57
C LYS B 157 30.14 -18.63 6.16
N THR B 158 29.39 -17.51 6.08
CA THR B 158 28.02 -17.39 6.57
C THR B 158 27.02 -18.16 5.70
N ASP B 159 27.37 -18.42 4.42
CA ASP B 159 26.53 -19.13 3.45
C ASP B 159 26.39 -20.63 3.77
N PHE B 160 27.35 -21.21 4.51
CA PHE B 160 27.36 -22.63 4.88
C PHE B 160 26.30 -22.99 5.94
N GLU B 161 26.11 -22.11 6.95
CA GLU B 161 25.14 -22.31 8.03
C GLU B 161 23.87 -21.51 7.79
N VAL B 162 22.70 -22.09 8.11
CA VAL B 162 21.38 -21.50 7.93
C VAL B 162 21.12 -20.19 8.73
N PHE B 163 21.36 -20.22 10.05
CA PHE B 163 21.15 -19.06 10.92
C PHE B 163 22.14 -17.92 10.68
N ASP B 164 23.35 -18.26 10.19
CA ASP B 164 24.39 -17.29 9.84
C ASP B 164 23.99 -16.57 8.55
N ALA B 165 23.40 -17.32 7.59
CA ALA B 165 22.92 -16.82 6.30
C ALA B 165 21.69 -15.93 6.47
N LEU B 166 20.77 -16.32 7.39
CA LEU B 166 19.55 -15.56 7.69
C LEU B 166 19.87 -14.24 8.40
N MET B 167 20.98 -14.20 9.17
CA MET B 167 21.46 -13.02 9.89
C MET B 167 22.00 -12.00 8.87
N VAL B 168 22.65 -12.48 7.79
CA VAL B 168 23.20 -11.66 6.71
C VAL B 168 22.04 -11.15 5.82
N ASP B 169 21.06 -12.04 5.52
CA ASP B 169 19.87 -11.74 4.72
C ASP B 169 18.97 -10.68 5.37
N SER B 170 18.93 -10.64 6.71
CA SER B 170 18.15 -9.67 7.48
C SER B 170 18.79 -8.28 7.42
N GLN B 171 20.13 -8.22 7.38
CA GLN B 171 20.92 -6.98 7.30
C GLN B 171 20.70 -6.26 5.97
N LYS B 172 20.56 -7.03 4.87
CA LYS B 172 20.31 -6.51 3.52
C LYS B 172 18.86 -6.06 3.39
N CYS B 173 17.95 -6.67 4.17
CA CYS B 173 16.51 -6.38 4.19
C CYS B 173 16.17 -5.01 4.79
N SER B 174 16.96 -4.58 5.80
CA SER B 174 16.79 -3.29 6.48
C SER B 174 17.10 -2.13 5.53
N ASP B 175 16.04 -1.42 5.08
CA ASP B 175 16.13 -0.29 4.16
C ASP B 175 15.53 0.99 4.76
N VAL B 176 15.38 2.05 3.93
CA VAL B 176 14.84 3.37 4.30
C VAL B 176 13.37 3.29 4.75
N GLY B 185 14.44 5.36 15.79
CA GLY B 185 13.83 6.54 16.36
C GLY B 185 13.72 6.48 17.88
N PRO B 186 14.58 7.22 18.63
CA PRO B 186 14.50 7.17 20.10
C PRO B 186 13.34 7.96 20.70
N TYR B 187 13.19 7.91 22.04
CA TYR B 187 12.13 8.59 22.80
C TYR B 187 12.16 10.10 22.64
N HIS B 188 10.96 10.70 22.47
CA HIS B 188 10.76 12.14 22.29
C HIS B 188 9.47 12.64 22.95
N GLN B 189 9.36 13.97 23.15
CA GLN B 189 8.18 14.62 23.75
C GLN B 189 7.32 15.37 22.71
N GLU B 190 7.53 15.07 21.41
CA GLU B 190 6.79 15.69 20.30
C GLU B 190 5.56 14.87 19.86
N PRO B 191 4.38 15.51 19.68
CA PRO B 191 3.19 14.75 19.26
C PRO B 191 3.21 14.41 17.77
N TYR B 192 2.66 13.26 17.42
CA TYR B 192 2.57 12.80 16.04
C TYR B 192 1.62 13.63 15.19
N VAL B 193 2.04 13.95 13.97
CA VAL B 193 1.17 14.57 12.98
C VAL B 193 0.18 13.49 12.60
N CYS B 194 -1.09 13.85 12.45
CA CYS B 194 -2.10 12.80 12.37
C CYS B 194 -1.94 11.86 11.18
N LYS B 195 -1.70 12.41 10.01
CA LYS B 195 -1.54 11.59 8.81
C LYS B 195 -1.00 12.40 7.65
N PRO B 196 -0.57 11.74 6.59
CA PRO B 196 -0.29 12.49 5.38
C PRO B 196 -1.63 13.06 4.96
N GLU B 197 -1.71 14.33 4.59
CA GLU B 197 -2.99 14.88 4.24
C GLU B 197 -3.93 14.61 5.41
N GLU B 198 -5.12 14.05 5.14
CA GLU B 198 -5.95 13.52 6.20
C GLU B 198 -6.12 12.02 6.00
N ARG B 199 -5.65 11.22 6.95
CA ARG B 199 -5.83 9.77 6.91
C ARG B 199 -7.28 9.35 7.05
N PHE B 200 -7.99 10.00 7.97
CA PHE B 200 -9.36 9.63 8.28
C PHE B 200 -9.31 8.22 8.84
N ARG B 201 -8.17 7.86 9.41
CA ARG B 201 -7.93 6.51 9.91
C ARG B 201 -8.81 6.16 11.10
N ALA B 202 -9.45 4.98 11.04
CA ALA B 202 -10.32 4.48 12.09
C ALA B 202 -9.52 3.58 13.04
N PRO B 203 -9.72 3.67 14.39
CA PRO B 203 -8.95 2.82 15.30
C PRO B 203 -9.36 1.34 15.17
N PRO B 204 -8.44 0.37 15.42
CA PRO B 204 -8.82 -1.06 15.28
C PRO B 204 -9.98 -1.45 16.20
N ILE B 205 -10.92 -2.27 15.68
CA ILE B 205 -12.09 -2.74 16.42
C ILE B 205 -11.65 -3.54 17.64
N LEU B 206 -12.13 -3.13 18.84
CA LEU B 206 -11.83 -3.75 20.14
C LEU B 206 -12.09 -5.26 20.11
N PRO B 207 -11.08 -6.10 20.43
CA PRO B 207 -11.31 -7.56 20.43
C PRO B 207 -12.22 -8.00 21.57
N PRO B 208 -13.12 -8.99 21.34
CA PRO B 208 -14.03 -9.40 22.43
C PRO B 208 -13.35 -10.13 23.59
N HIS B 209 -12.11 -10.63 23.36
CA HIS B 209 -11.28 -11.33 24.35
C HIS B 209 -10.91 -10.43 25.52
N LEU B 210 -10.65 -9.13 25.26
CA LEU B 210 -10.30 -8.14 26.26
C LEU B 210 -11.48 -7.79 27.18
N LEU B 211 -12.72 -7.94 26.69
CA LEU B 211 -13.94 -7.66 27.46
C LEU B 211 -14.20 -8.73 28.53
N GLN B 212 -13.54 -9.90 28.42
CA GLN B 212 -13.65 -11.00 29.38
C GLN B 212 -12.86 -10.65 30.65
N VAL B 213 -13.51 -9.93 31.58
CA VAL B 213 -12.90 -9.50 32.84
C VAL B 213 -12.85 -10.68 33.82
N ILE B 214 -11.65 -11.04 34.28
CA ILE B 214 -11.40 -12.14 35.21
C ILE B 214 -12.05 -11.95 36.59
N LEU B 215 -12.07 -10.70 37.09
CA LEU B 215 -12.64 -10.36 38.40
C LEU B 215 -14.17 -10.35 38.41
N ASN B 216 -14.79 -10.00 37.29
CA ASN B 216 -16.24 -10.08 37.16
C ASN B 216 -16.77 -11.52 37.22
N LYS B 217 -16.03 -12.43 36.61
CA LYS B 217 -16.42 -13.84 36.46
C LYS B 217 -16.67 -14.48 37.82
N ASP B 218 -17.81 -15.16 37.96
CA ASP B 218 -18.20 -15.75 39.22
C ASP B 218 -17.62 -17.16 39.26
N THR B 219 -16.76 -17.37 40.26
CA THR B 219 -16.12 -18.65 40.53
C THR B 219 -16.96 -19.76 41.16
N GLY B 220 -17.97 -19.32 41.90
CA GLY B 220 -18.81 -20.20 42.69
C GLY B 220 -18.37 -20.42 44.12
N ILE B 221 -19.33 -20.81 44.96
CA ILE B 221 -19.13 -20.86 46.40
C ILE B 221 -18.07 -21.85 46.88
N SER B 222 -17.99 -23.00 46.24
CA SER B 222 -17.19 -24.09 46.77
C SER B 222 -15.72 -23.75 46.93
N CYS B 223 -15.15 -23.07 45.94
CA CYS B 223 -13.72 -22.75 45.96
C CYS B 223 -13.35 -21.57 46.84
N ASP B 224 -12.05 -21.48 47.14
CA ASP B 224 -11.45 -20.40 47.91
C ASP B 224 -11.58 -19.08 47.15
N PRO B 225 -11.75 -17.96 47.85
CA PRO B 225 -12.01 -16.70 47.12
C PRO B 225 -10.81 -16.13 46.35
N ALA B 226 -9.58 -16.48 46.77
CA ALA B 226 -8.34 -16.03 46.13
C ALA B 226 -8.14 -16.73 44.78
N LEU B 227 -8.71 -17.94 44.60
CA LEU B 227 -8.60 -18.72 43.36
C LEU B 227 -9.36 -18.07 42.20
N LEU B 228 -8.79 -18.15 40.99
CA LEU B 228 -9.35 -17.59 39.76
C LEU B 228 -9.22 -18.57 38.58
N PRO B 229 -10.06 -18.49 37.51
CA PRO B 229 -9.88 -19.41 36.37
C PRO B 229 -8.65 -19.05 35.54
N GLU B 230 -8.15 -20.00 34.72
CA GLU B 230 -6.96 -19.76 33.88
C GLU B 230 -7.20 -18.67 32.84
N PRO B 231 -6.45 -17.54 32.91
CA PRO B 231 -6.69 -16.46 31.94
C PRO B 231 -6.12 -16.71 30.56
N ASN B 232 -6.69 -16.04 29.55
CA ASN B 232 -6.24 -16.10 28.17
C ASN B 232 -4.95 -15.27 28.10
N HIS B 233 -3.96 -15.71 27.29
CA HIS B 233 -2.68 -15.00 27.17
C HIS B 233 -2.82 -13.55 26.66
N VAL B 234 -3.86 -13.29 25.84
CA VAL B 234 -4.15 -11.99 25.24
C VAL B 234 -4.63 -10.90 26.21
N MET B 235 -5.17 -11.29 27.39
CA MET B 235 -5.64 -10.32 28.38
C MET B 235 -4.58 -9.97 29.44
N LEU B 236 -3.42 -10.68 29.41
CA LEU B 236 -2.30 -10.48 30.32
C LEU B 236 -1.65 -9.12 30.10
N ASN B 237 -1.17 -8.48 31.19
CA ASN B 237 -0.52 -7.16 31.21
C ASN B 237 -1.46 -5.96 30.95
N HIS B 238 -2.73 -6.23 30.59
CA HIS B 238 -3.74 -5.20 30.32
C HIS B 238 -4.38 -4.67 31.60
N LEU B 239 -4.59 -3.34 31.66
CA LEU B 239 -5.18 -2.67 32.82
C LEU B 239 -6.72 -2.66 32.80
N TYR B 240 -7.30 -3.02 33.95
CA TYR B 240 -8.74 -3.05 34.21
C TYR B 240 -8.97 -2.22 35.47
N ALA B 241 -9.93 -1.29 35.44
CA ALA B 241 -10.20 -0.40 36.58
C ALA B 241 -11.67 -0.26 36.96
N LEU B 242 -11.93 0.25 38.17
CA LEU B 242 -13.25 0.54 38.71
C LEU B 242 -13.49 2.05 38.67
N SER B 243 -14.78 2.48 38.63
CA SER B 243 -15.15 3.89 38.62
C SER B 243 -14.79 4.51 39.98
N ILE B 244 -14.08 5.65 39.95
CA ILE B 244 -13.60 6.36 41.15
C ILE B 244 -14.74 6.74 42.10
N LYS B 245 -14.76 6.08 43.27
CA LYS B 245 -15.72 6.28 44.35
C LYS B 245 -14.96 6.55 45.65
N ASP B 246 -15.47 7.50 46.47
CA ASP B 246 -14.89 7.92 47.76
C ASP B 246 -13.47 8.53 47.66
N GLY B 247 -13.12 9.02 46.47
CA GLY B 247 -11.82 9.62 46.19
C GLY B 247 -10.69 8.61 46.07
N VAL B 248 -11.03 7.32 45.89
CA VAL B 248 -10.07 6.23 45.75
C VAL B 248 -10.22 5.50 44.39
N MET B 249 -9.08 5.33 43.69
CA MET B 249 -8.98 4.66 42.39
C MET B 249 -8.52 3.21 42.62
N VAL B 250 -9.22 2.26 42.00
CA VAL B 250 -8.88 0.84 42.11
C VAL B 250 -8.43 0.32 40.74
N LEU B 251 -7.18 -0.17 40.65
CA LEU B 251 -6.59 -0.66 39.40
C LEU B 251 -6.19 -2.13 39.52
N SER B 252 -6.36 -2.89 38.43
CA SER B 252 -6.01 -4.31 38.37
C SER B 252 -5.48 -4.74 37.00
N ALA B 253 -4.56 -5.72 37.01
CA ALA B 253 -3.93 -6.31 35.82
C ALA B 253 -3.44 -7.73 36.15
N THR B 254 -3.51 -8.62 35.17
CA THR B 254 -3.03 -9.99 35.35
C THR B 254 -1.65 -10.15 34.73
N HIS B 255 -0.72 -10.66 35.54
CA HIS B 255 0.67 -10.77 35.15
C HIS B 255 1.12 -12.17 35.41
N ARG B 256 2.14 -12.60 34.69
CA ARG B 256 2.62 -13.95 34.80
C ARG B 256 3.95 -14.02 35.52
N TYR B 257 3.98 -14.74 36.63
CA TYR B 257 5.20 -15.32 37.15
C TYR B 257 5.32 -16.62 36.42
N LYS B 258 6.30 -17.45 36.75
CA LYS B 258 6.84 -18.31 35.75
C LYS B 258 5.80 -19.10 34.92
N LYS B 259 5.02 -19.93 35.60
CA LYS B 259 3.89 -20.59 34.94
C LYS B 259 2.59 -20.23 35.62
N LYS B 260 2.64 -19.19 36.43
CA LYS B 260 1.54 -18.82 37.30
C LYS B 260 1.09 -17.43 36.99
N TYR B 261 -0.17 -17.14 37.24
CA TYR B 261 -0.71 -15.83 36.94
C TYR B 261 -1.21 -15.16 38.19
N VAL B 262 -0.78 -13.93 38.41
CA VAL B 262 -1.22 -13.17 39.56
C VAL B 262 -2.04 -12.00 39.12
N THR B 263 -3.24 -11.90 39.68
CA THR B 263 -4.16 -10.80 39.41
C THR B 263 -4.08 -9.85 40.62
N THR B 264 -3.21 -8.84 40.53
CA THR B 264 -3.00 -7.86 41.59
C THR B 264 -4.06 -6.76 41.53
N LEU B 265 -4.49 -6.27 42.70
CA LEU B 265 -5.48 -5.21 42.85
C LEU B 265 -4.88 -4.11 43.71
N LEU B 266 -4.90 -2.85 43.23
CA LEU B 266 -4.35 -1.73 43.99
C LEU B 266 -5.37 -0.64 44.29
N TYR B 267 -5.59 -0.39 45.59
CA TYR B 267 -6.49 0.64 46.10
C TYR B 267 -5.62 1.86 46.41
N LYS B 268 -5.59 2.82 45.48
CA LYS B 268 -4.78 4.04 45.58
C LYS B 268 -5.67 5.30 45.53
N PRO B 269 -5.62 6.20 46.54
CA PRO B 269 -6.47 7.40 46.49
C PRO B 269 -6.04 8.40 45.42
N ILE B 270 -7.02 9.06 44.77
CA ILE B 270 -6.80 10.05 43.71
C ILE B 270 -6.23 11.35 44.27
N GLY C 23 -52.92 20.54 -27.44
CA GLY C 23 -53.05 19.50 -28.45
C GLY C 23 -51.78 19.25 -29.23
N ARG C 24 -51.16 20.33 -29.76
CA ARG C 24 -49.92 20.28 -30.54
C ARG C 24 -48.71 19.91 -29.69
N VAL C 25 -47.74 19.20 -30.30
CA VAL C 25 -46.51 18.76 -29.63
C VAL C 25 -45.49 19.91 -29.51
N LYS C 26 -45.17 20.30 -28.27
CA LYS C 26 -44.26 21.41 -28.01
C LYS C 26 -43.13 21.09 -27.02
N ILE C 27 -41.90 21.48 -27.39
CA ILE C 27 -40.70 21.31 -26.57
C ILE C 27 -40.07 22.70 -26.33
N GLY C 28 -40.00 23.10 -25.05
CA GLY C 28 -39.51 24.40 -24.64
C GLY C 28 -40.52 25.48 -24.98
N HIS C 29 -40.30 26.17 -26.11
CA HIS C 29 -41.18 27.22 -26.64
C HIS C 29 -41.48 26.98 -28.14
N TYR C 30 -40.94 25.86 -28.68
CA TYR C 30 -41.09 25.49 -30.09
C TYR C 30 -42.05 24.33 -30.31
N VAL C 31 -42.88 24.44 -31.37
CA VAL C 31 -43.86 23.43 -31.77
C VAL C 31 -43.19 22.55 -32.83
N LEU C 32 -43.11 21.23 -32.56
CA LEU C 32 -42.49 20.26 -33.47
C LEU C 32 -43.41 19.96 -34.65
N GLY C 33 -42.90 20.22 -35.85
CA GLY C 33 -43.63 20.02 -37.10
C GLY C 33 -43.10 18.89 -37.97
N ASP C 34 -43.02 19.13 -39.29
CA ASP C 34 -42.55 18.18 -40.30
C ASP C 34 -41.10 17.75 -40.11
N THR C 35 -40.79 16.50 -40.49
CA THR C 35 -39.44 15.93 -40.40
C THR C 35 -38.59 16.46 -41.55
N LEU C 36 -37.45 17.09 -41.20
CA LEU C 36 -36.49 17.64 -42.18
C LEU C 36 -35.67 16.51 -42.80
N GLY C 37 -35.39 15.49 -41.99
CA GLY C 37 -34.62 14.31 -42.38
C GLY C 37 -34.13 13.49 -41.21
N VAL C 38 -33.58 12.31 -41.50
CA VAL C 38 -33.02 11.39 -40.50
C VAL C 38 -31.51 11.27 -40.69
N GLY C 39 -30.76 11.61 -39.64
CA GLY C 39 -29.30 11.59 -39.65
C GLY C 39 -28.71 10.24 -39.30
N THR C 40 -27.43 10.25 -38.86
CA THR C 40 -26.69 9.06 -38.47
C THR C 40 -27.29 8.45 -37.19
N PHE C 41 -27.49 9.30 -36.16
CA PHE C 41 -28.08 8.91 -34.88
C PHE C 41 -29.03 10.01 -34.38
N GLY C 42 -30.28 9.93 -34.84
CA GLY C 42 -31.32 10.89 -34.46
C GLY C 42 -32.16 11.41 -35.61
N LYS C 43 -33.43 11.75 -35.31
CA LYS C 43 -34.39 12.30 -36.27
C LYS C 43 -34.43 13.82 -36.13
N VAL C 44 -34.37 14.53 -37.27
CA VAL C 44 -34.37 16.00 -37.30
C VAL C 44 -35.74 16.52 -37.75
N LYS C 45 -36.41 17.26 -36.86
CA LYS C 45 -37.73 17.86 -37.08
C LYS C 45 -37.70 19.37 -36.95
N ILE C 46 -38.57 20.07 -37.70
CA ILE C 46 -38.67 21.54 -37.66
C ILE C 46 -39.38 22.00 -36.37
N GLY C 47 -38.90 23.10 -35.81
CA GLY C 47 -39.45 23.70 -34.59
C GLY C 47 -39.83 25.15 -34.79
N GLU C 48 -41.13 25.44 -34.78
CA GLU C 48 -41.65 26.80 -34.95
C GLU C 48 -42.06 27.37 -33.60
N HIS C 49 -41.59 28.60 -33.30
CA HIS C 49 -41.87 29.29 -32.03
C HIS C 49 -43.36 29.60 -31.87
N GLN C 50 -43.91 29.26 -30.69
CA GLN C 50 -45.32 29.44 -30.34
C GLN C 50 -45.83 30.88 -30.39
N LEU C 51 -44.93 31.88 -30.28
CA LEU C 51 -45.30 33.29 -30.28
C LEU C 51 -44.85 34.06 -31.53
N THR C 52 -43.60 33.85 -31.98
CA THR C 52 -43.00 34.56 -33.11
C THR C 52 -43.05 33.83 -34.45
N GLY C 53 -42.93 32.50 -34.41
CA GLY C 53 -42.90 31.66 -35.60
C GLY C 53 -41.50 31.41 -36.11
N HIS C 54 -40.49 31.64 -35.23
CA HIS C 54 -39.06 31.45 -35.49
C HIS C 54 -38.77 29.98 -35.70
N LYS C 55 -38.07 29.65 -36.80
CA LYS C 55 -37.75 28.26 -37.15
C LYS C 55 -36.40 27.79 -36.64
N VAL C 56 -36.39 26.56 -36.07
CA VAL C 56 -35.20 25.87 -35.55
C VAL C 56 -35.23 24.40 -36.00
N ALA C 57 -34.08 23.74 -35.99
CA ALA C 57 -33.97 22.33 -36.35
C ALA C 57 -33.74 21.53 -35.07
N VAL C 58 -34.72 20.70 -34.69
CA VAL C 58 -34.65 19.90 -33.47
C VAL C 58 -34.24 18.46 -33.77
N LYS C 59 -33.02 18.07 -33.33
CA LYS C 59 -32.51 16.72 -33.50
C LYS C 59 -32.84 15.92 -32.24
N ILE C 60 -33.72 14.92 -32.37
CA ILE C 60 -34.16 14.09 -31.24
C ILE C 60 -33.28 12.86 -31.07
N LEU C 61 -32.65 12.73 -29.90
CA LEU C 61 -31.76 11.64 -29.53
C LEU C 61 -32.40 10.77 -28.45
N ASN C 62 -32.74 9.52 -28.79
CA ASN C 62 -33.37 8.57 -27.88
C ASN C 62 -32.38 8.05 -26.84
N ARG C 63 -32.74 8.18 -25.55
CA ARG C 63 -31.92 7.75 -24.42
C ARG C 63 -31.71 6.23 -24.35
N GLN C 64 -32.72 5.45 -24.79
CA GLN C 64 -32.63 3.99 -24.79
C GLN C 64 -31.75 3.50 -25.93
N LYS C 65 -31.85 4.12 -27.12
CA LYS C 65 -31.07 3.80 -28.32
C LYS C 65 -29.57 4.05 -28.10
N ILE C 66 -29.21 5.13 -27.37
CA ILE C 66 -27.82 5.47 -27.07
C ILE C 66 -27.22 4.52 -26.01
N ARG C 67 -28.08 3.93 -25.16
CA ARG C 67 -27.67 2.97 -24.12
C ARG C 67 -27.44 1.58 -24.74
N SER C 68 -28.34 1.14 -25.63
CA SER C 68 -28.27 -0.16 -26.31
C SER C 68 -27.05 -0.28 -27.23
N LEU C 69 -26.72 0.80 -27.96
CA LEU C 69 -25.57 0.86 -28.87
C LEU C 69 -24.26 1.24 -28.15
N ASP C 70 -24.35 1.52 -26.82
CA ASP C 70 -23.24 1.90 -25.93
C ASP C 70 -22.46 3.15 -26.40
N VAL C 71 -23.17 4.08 -27.07
CA VAL C 71 -22.62 5.34 -27.59
C VAL C 71 -22.82 6.53 -26.63
N VAL C 72 -22.89 6.24 -25.31
CA VAL C 72 -23.08 7.23 -24.23
C VAL C 72 -21.90 8.22 -24.21
N GLY C 73 -20.67 7.69 -24.27
CA GLY C 73 -19.44 8.47 -24.29
C GLY C 73 -19.25 9.26 -25.58
N LYS C 74 -19.75 8.72 -26.71
CA LYS C 74 -19.68 9.34 -28.03
C LYS C 74 -20.62 10.55 -28.10
N ILE C 75 -21.88 10.38 -27.65
CA ILE C 75 -22.92 11.41 -27.63
C ILE C 75 -22.56 12.56 -26.66
N LYS C 76 -21.99 12.23 -25.49
CA LYS C 76 -21.55 13.20 -24.47
C LYS C 76 -20.48 14.14 -25.04
N ARG C 77 -19.50 13.58 -25.78
CA ARG C 77 -18.42 14.35 -26.41
C ARG C 77 -18.92 15.13 -27.62
N GLU C 78 -19.92 14.59 -28.35
CA GLU C 78 -20.56 15.22 -29.52
C GLU C 78 -21.28 16.51 -29.12
N ILE C 79 -21.97 16.49 -27.95
CA ILE C 79 -22.69 17.63 -27.39
C ILE C 79 -21.69 18.68 -26.91
N GLN C 80 -20.65 18.25 -26.17
CA GLN C 80 -19.57 19.11 -25.64
C GLN C 80 -18.88 19.92 -26.73
N ASN C 81 -18.62 19.29 -27.90
CA ASN C 81 -17.98 19.94 -29.05
C ASN C 81 -18.90 20.97 -29.70
N LEU C 82 -20.19 20.62 -29.94
CA LEU C 82 -21.18 21.52 -30.53
C LEU C 82 -21.51 22.72 -29.63
N LYS C 83 -21.42 22.54 -28.31
CA LYS C 83 -21.65 23.59 -27.32
C LYS C 83 -20.47 24.58 -27.31
N LEU C 84 -19.26 24.08 -27.63
CA LEU C 84 -18.02 24.85 -27.68
C LEU C 84 -17.80 25.53 -29.04
N PHE C 85 -18.21 24.87 -30.15
CA PHE C 85 -18.06 25.35 -31.53
C PHE C 85 -18.74 26.69 -31.79
N ARG C 86 -18.00 27.62 -32.39
CA ARG C 86 -18.46 28.96 -32.77
C ARG C 86 -17.78 29.32 -34.09
N HIS C 87 -18.48 29.01 -35.20
CA HIS C 87 -18.02 29.25 -36.57
C HIS C 87 -19.22 29.61 -37.45
N PRO C 88 -19.10 30.59 -38.39
CA PRO C 88 -20.24 30.94 -39.24
C PRO C 88 -20.60 29.89 -40.30
N HIS C 89 -19.81 28.79 -40.41
CA HIS C 89 -20.04 27.74 -41.40
C HIS C 89 -20.24 26.33 -40.82
N ILE C 90 -20.63 26.27 -39.54
CA ILE C 90 -20.98 25.06 -38.78
C ILE C 90 -22.31 25.37 -38.09
N ILE C 91 -23.31 24.47 -38.24
CA ILE C 91 -24.65 24.61 -37.64
C ILE C 91 -24.54 24.81 -36.12
N LYS C 92 -25.06 25.96 -35.64
CA LYS C 92 -25.06 26.36 -34.23
C LYS C 92 -26.03 25.51 -33.42
N LEU C 93 -25.67 25.25 -32.16
CA LEU C 93 -26.52 24.54 -31.20
C LEU C 93 -26.94 25.57 -30.16
N TYR C 94 -28.20 26.02 -30.23
CA TYR C 94 -28.74 27.03 -29.33
C TYR C 94 -28.90 26.51 -27.90
N GLN C 95 -29.58 25.36 -27.74
CA GLN C 95 -29.81 24.70 -26.45
C GLN C 95 -30.10 23.21 -26.64
N VAL C 96 -30.13 22.47 -25.52
CA VAL C 96 -30.46 21.05 -25.51
C VAL C 96 -31.36 20.72 -24.31
N ILE C 97 -32.65 20.44 -24.60
CA ILE C 97 -33.67 20.14 -23.61
C ILE C 97 -33.66 18.63 -23.30
N SER C 98 -33.50 18.30 -22.02
CA SER C 98 -33.45 16.91 -21.56
C SER C 98 -34.77 16.48 -20.92
N THR C 99 -35.27 15.30 -21.34
CA THR C 99 -36.50 14.66 -20.85
C THR C 99 -36.15 13.25 -20.35
N PRO C 100 -36.98 12.56 -19.51
CA PRO C 100 -36.61 11.22 -19.03
C PRO C 100 -36.48 10.13 -20.11
N THR C 101 -36.96 10.39 -21.34
CA THR C 101 -36.90 9.43 -22.44
C THR C 101 -36.03 9.84 -23.62
N ASP C 102 -35.94 11.15 -23.94
CA ASP C 102 -35.19 11.65 -25.09
C ASP C 102 -34.40 12.95 -24.84
N PHE C 103 -33.49 13.30 -25.79
CA PHE C 103 -32.69 14.52 -25.78
C PHE C 103 -33.08 15.37 -26.99
N PHE C 104 -33.45 16.64 -26.75
CA PHE C 104 -33.87 17.56 -27.81
C PHE C 104 -32.82 18.62 -28.10
N MET C 105 -32.04 18.42 -29.18
CA MET C 105 -30.97 19.34 -29.59
C MET C 105 -31.52 20.45 -30.50
N VAL C 106 -31.72 21.65 -29.93
CA VAL C 106 -32.24 22.82 -30.66
C VAL C 106 -31.09 23.47 -31.43
N MET C 107 -31.11 23.31 -32.76
CA MET C 107 -30.09 23.84 -33.68
C MET C 107 -30.64 24.92 -34.60
N GLU C 108 -29.74 25.69 -35.25
CA GLU C 108 -30.12 26.76 -36.18
C GLU C 108 -30.73 26.20 -37.47
N TYR C 109 -31.75 26.90 -38.01
CA TYR C 109 -32.41 26.49 -39.25
C TYR C 109 -31.89 27.26 -40.44
N VAL C 110 -31.66 26.54 -41.56
CA VAL C 110 -31.19 27.09 -42.82
C VAL C 110 -32.20 26.75 -43.94
N SER C 111 -32.83 27.80 -44.52
CA SER C 111 -33.87 27.70 -45.55
C SER C 111 -33.48 27.09 -46.89
N GLY C 112 -32.26 27.34 -47.35
CA GLY C 112 -31.74 26.88 -48.64
C GLY C 112 -31.62 25.38 -48.85
N GLY C 113 -31.60 24.62 -47.75
CA GLY C 113 -31.51 23.16 -47.78
C GLY C 113 -30.14 22.63 -48.17
N GLU C 114 -30.12 21.40 -48.73
CA GLU C 114 -28.92 20.68 -49.16
C GLU C 114 -28.19 21.32 -50.33
N LEU C 115 -26.85 21.15 -50.36
CA LEU C 115 -25.98 21.61 -51.44
C LEU C 115 -26.11 20.64 -52.61
N PHE C 116 -26.37 19.34 -52.30
CA PHE C 116 -26.58 18.26 -53.28
C PHE C 116 -27.76 18.57 -54.18
N ASP C 117 -28.86 19.11 -53.61
CA ASP C 117 -30.06 19.53 -54.34
C ASP C 117 -29.79 20.76 -55.20
N TYR C 118 -28.89 21.65 -54.75
CA TYR C 118 -28.47 22.86 -55.48
C TYR C 118 -27.61 22.47 -56.70
N ILE C 119 -26.71 21.48 -56.53
CA ILE C 119 -25.83 20.95 -57.59
C ILE C 119 -26.69 20.23 -58.65
N CYS C 120 -27.77 19.55 -58.21
CA CYS C 120 -28.72 18.84 -59.08
C CYS C 120 -29.65 19.80 -59.82
N LYS C 121 -30.12 20.88 -59.15
CA LYS C 121 -31.02 21.89 -59.73
C LYS C 121 -30.29 22.65 -60.86
N HIS C 122 -29.05 23.10 -60.58
CA HIS C 122 -28.20 23.77 -61.56
C HIS C 122 -27.49 22.70 -62.39
N GLY C 123 -26.81 23.10 -63.47
CA GLY C 123 -26.05 22.18 -64.30
C GLY C 123 -24.79 21.76 -63.55
N ARG C 124 -23.99 22.77 -63.20
CA ARG C 124 -22.74 22.71 -62.42
C ARG C 124 -22.43 24.13 -61.94
N VAL C 125 -22.00 24.27 -60.66
CA VAL C 125 -21.70 25.56 -60.02
C VAL C 125 -20.53 26.25 -60.72
N GLU C 126 -20.73 27.54 -61.10
CA GLU C 126 -19.76 28.41 -61.77
C GLU C 126 -18.49 28.57 -60.91
N GLU C 127 -17.31 28.53 -61.57
CA GLU C 127 -15.96 28.64 -60.98
C GLU C 127 -15.83 29.61 -59.80
N MET C 128 -16.42 30.82 -59.91
CA MET C 128 -16.38 31.84 -58.85
C MET C 128 -17.23 31.47 -57.65
N GLU C 129 -18.47 30.99 -57.89
CA GLU C 129 -19.42 30.57 -56.84
C GLU C 129 -18.99 29.23 -56.21
N ALA C 130 -18.44 28.31 -57.02
CA ALA C 130 -17.95 26.99 -56.57
C ALA C 130 -16.75 27.14 -55.64
N ARG C 131 -15.89 28.15 -55.89
CA ARG C 131 -14.71 28.47 -55.09
C ARG C 131 -15.14 29.07 -53.75
N ARG C 132 -16.08 30.05 -53.79
CA ARG C 132 -16.63 30.74 -52.63
C ARG C 132 -17.22 29.76 -51.60
N LEU C 133 -17.95 28.73 -52.08
CA LEU C 133 -18.56 27.69 -51.26
C LEU C 133 -17.49 26.79 -50.64
N PHE C 134 -16.51 26.33 -51.46
CA PHE C 134 -15.39 25.47 -51.05
C PHE C 134 -14.52 26.12 -49.98
N GLN C 135 -14.30 27.45 -50.07
CA GLN C 135 -13.52 28.23 -49.11
C GLN C 135 -14.21 28.20 -47.74
N GLN C 136 -15.56 28.32 -47.72
CA GLN C 136 -16.40 28.30 -46.52
C GLN C 136 -16.42 26.90 -45.90
N ILE C 137 -16.47 25.84 -46.74
CA ILE C 137 -16.46 24.44 -46.30
C ILE C 137 -15.14 24.10 -45.61
N LEU C 138 -14.00 24.35 -46.28
CA LEU C 138 -12.65 24.09 -45.75
C LEU C 138 -12.34 24.89 -44.49
N SER C 139 -12.88 26.12 -44.37
CA SER C 139 -12.71 27.00 -43.20
C SER C 139 -13.34 26.34 -41.98
N ALA C 140 -14.52 25.73 -42.16
CA ALA C 140 -15.27 25.01 -41.13
C ALA C 140 -14.59 23.69 -40.79
N VAL C 141 -14.03 22.99 -41.81
CA VAL C 141 -13.30 21.72 -41.67
C VAL C 141 -11.99 21.97 -40.88
N ASP C 142 -11.31 23.10 -41.17
CA ASP C 142 -10.09 23.52 -40.48
C ASP C 142 -10.37 23.82 -39.01
N TYR C 143 -11.53 24.46 -38.71
CA TYR C 143 -11.98 24.80 -37.36
C TYR C 143 -12.16 23.53 -36.52
N CYS C 144 -12.74 22.47 -37.12
CA CYS C 144 -12.96 21.17 -36.50
C CYS C 144 -11.61 20.51 -36.19
N HIS C 145 -10.69 20.50 -37.17
CA HIS C 145 -9.35 19.92 -37.08
C HIS C 145 -8.46 20.61 -36.05
N ARG C 146 -8.61 21.94 -35.90
CA ARG C 146 -7.86 22.73 -34.91
C ARG C 146 -8.41 22.46 -33.50
N HIS C 147 -9.69 22.04 -33.40
CA HIS C 147 -10.38 21.70 -32.16
C HIS C 147 -10.35 20.19 -31.88
N MET C 148 -9.43 19.46 -32.57
CA MET C 148 -9.19 18.02 -32.47
C MET C 148 -10.43 17.13 -32.74
N VAL C 149 -11.28 17.56 -33.69
CA VAL C 149 -12.50 16.85 -34.10
C VAL C 149 -12.46 16.57 -35.60
N VAL C 150 -12.67 15.30 -35.99
CA VAL C 150 -12.71 14.90 -37.39
C VAL C 150 -14.16 14.54 -37.78
N HIS C 151 -14.70 15.16 -38.85
CA HIS C 151 -16.08 14.98 -39.32
C HIS C 151 -16.39 13.57 -39.84
N ARG C 152 -15.53 13.05 -40.76
CA ARG C 152 -15.62 11.72 -41.37
C ARG C 152 -16.83 11.43 -42.27
N ASP C 153 -17.78 12.38 -42.38
CA ASP C 153 -18.99 12.22 -43.20
C ASP C 153 -19.29 13.47 -44.05
N LEU C 154 -18.25 14.04 -44.68
CA LEU C 154 -18.40 15.24 -45.51
C LEU C 154 -18.90 14.87 -46.90
N LYS C 155 -20.06 15.44 -47.30
CA LYS C 155 -20.73 15.26 -48.58
C LYS C 155 -21.72 16.41 -48.83
N PRO C 156 -22.09 16.77 -50.10
CA PRO C 156 -23.04 17.87 -50.32
C PRO C 156 -24.41 17.69 -49.65
N GLU C 157 -24.73 16.46 -49.22
CA GLU C 157 -25.96 16.12 -48.51
C GLU C 157 -25.87 16.62 -47.05
N ASN C 158 -24.64 16.66 -46.49
CA ASN C 158 -24.37 17.14 -45.14
C ASN C 158 -23.99 18.62 -45.08
N VAL C 159 -23.68 19.22 -46.25
CA VAL C 159 -23.35 20.64 -46.38
C VAL C 159 -24.66 21.36 -46.71
N LEU C 160 -25.14 22.21 -45.80
CA LEU C 160 -26.39 22.94 -45.96
C LEU C 160 -26.18 24.39 -46.41
N LEU C 161 -27.25 25.04 -46.90
CA LEU C 161 -27.21 26.42 -47.39
C LEU C 161 -28.28 27.29 -46.73
N ASP C 162 -27.96 28.58 -46.51
CA ASP C 162 -28.90 29.55 -45.94
C ASP C 162 -29.52 30.41 -47.06
N ALA C 163 -30.24 31.49 -46.69
CA ALA C 163 -30.88 32.41 -47.63
C ALA C 163 -29.84 33.21 -48.43
N HIS C 164 -28.65 33.46 -47.83
CA HIS C 164 -27.55 34.20 -48.44
C HIS C 164 -26.51 33.28 -49.12
N MET C 165 -26.89 32.01 -49.37
CA MET C 165 -26.09 30.96 -50.02
C MET C 165 -24.79 30.53 -49.30
N ASN C 166 -24.67 30.81 -47.99
CA ASN C 166 -23.50 30.43 -47.20
C ASN C 166 -23.53 28.95 -46.83
N ALA C 167 -22.37 28.26 -46.98
CA ALA C 167 -22.22 26.83 -46.68
C ALA C 167 -22.24 26.58 -45.17
N LYS C 168 -22.88 25.47 -44.73
CA LYS C 168 -23.01 25.09 -43.32
C LYS C 168 -22.85 23.57 -43.12
N ILE C 169 -21.83 23.16 -42.34
CA ILE C 169 -21.55 21.75 -42.00
C ILE C 169 -22.55 21.34 -40.90
N ALA C 170 -23.20 20.15 -41.04
CA ALA C 170 -24.23 19.74 -40.08
C ALA C 170 -24.10 18.42 -39.31
N ASP C 171 -24.17 17.26 -40.00
CA ASP C 171 -24.17 15.95 -39.35
C ASP C 171 -22.85 15.52 -38.70
N PHE C 172 -22.81 15.59 -37.36
CA PHE C 172 -21.65 15.19 -36.57
C PHE C 172 -21.87 13.82 -35.88
N GLY C 173 -22.67 12.98 -36.51
CA GLY C 173 -23.00 11.64 -36.04
C GLY C 173 -21.84 10.67 -36.12
N LEU C 174 -21.12 10.68 -37.25
CA LEU C 174 -19.95 9.82 -37.50
C LEU C 174 -18.62 10.50 -37.10
N SER C 175 -18.70 11.68 -36.45
CA SER C 175 -17.54 12.43 -36.00
C SER C 175 -16.82 11.76 -34.82
N ASN C 176 -15.49 11.97 -34.71
CA ASN C 176 -14.67 11.41 -33.64
C ASN C 176 -13.56 12.36 -33.19
N MET C 177 -13.12 12.23 -31.93
CA MET C 177 -12.08 13.05 -31.32
C MET C 177 -10.68 12.53 -31.64
N MET C 178 -9.77 13.44 -32.01
CA MET C 178 -8.37 13.12 -32.34
C MET C 178 -7.54 13.10 -31.05
N SER C 179 -6.94 11.94 -30.76
CA SER C 179 -6.11 11.74 -29.56
C SER C 179 -4.65 11.53 -29.92
N ASP C 180 -3.74 11.96 -29.02
CA ASP C 180 -2.29 11.84 -29.21
C ASP C 180 -1.83 10.38 -29.19
N GLY C 181 -1.27 9.94 -30.31
CA GLY C 181 -0.77 8.59 -30.50
C GLY C 181 -1.82 7.55 -30.82
N GLU C 182 -3.04 8.00 -31.06
CA GLU C 182 -4.15 7.11 -31.39
C GLU C 182 -4.57 7.24 -32.84
N PHE C 183 -5.16 6.17 -33.38
CA PHE C 183 -5.57 6.10 -34.77
C PHE C 183 -7.04 5.71 -34.83
N LEU C 184 -7.69 6.02 -35.95
CA LEU C 184 -9.10 5.70 -36.11
C LEU C 184 -9.35 4.66 -37.20
N ARG C 185 -10.05 3.59 -36.85
CA ARG C 185 -10.29 2.48 -37.78
C ARG C 185 -11.66 2.45 -38.43
N SER C 187 -14.99 2.79 -40.47
CA SER C 187 -15.23 3.23 -41.82
C SER C 187 -16.61 3.88 -41.88
N CYS C 188 -16.63 5.14 -42.31
CA CYS C 188 -17.85 5.92 -42.23
C CYS C 188 -18.16 6.65 -43.52
N GLY C 189 -19.44 6.89 -43.76
CA GLY C 189 -19.89 7.69 -44.88
C GLY C 189 -20.13 6.96 -46.18
N SER C 190 -20.60 7.72 -47.16
CA SER C 190 -20.94 7.18 -48.46
C SER C 190 -19.69 6.63 -49.12
N PRO C 191 -19.80 5.50 -49.79
CA PRO C 191 -18.61 4.96 -50.48
C PRO C 191 -18.00 5.90 -51.51
N ASN C 192 -18.83 6.72 -52.18
CA ASN C 192 -18.42 7.69 -53.21
C ASN C 192 -17.52 8.80 -52.64
N TYR C 193 -17.74 9.19 -51.38
CA TYR C 193 -17.01 10.25 -50.68
C TYR C 193 -15.90 9.76 -49.74
N ALA C 194 -15.86 8.44 -49.49
CA ALA C 194 -14.89 7.80 -48.61
C ALA C 194 -13.51 7.60 -49.27
N ALA C 195 -12.44 7.88 -48.50
CA ALA C 195 -11.03 7.77 -48.90
C ALA C 195 -10.58 6.30 -49.14
N PRO C 196 -9.48 6.04 -49.91
CA PRO C 196 -9.06 4.63 -50.13
C PRO C 196 -8.67 3.85 -48.88
N GLU C 197 -8.11 4.53 -47.86
CA GLU C 197 -7.70 3.91 -46.60
C GLU C 197 -8.88 3.47 -45.72
N VAL C 198 -10.01 4.19 -45.81
CA VAL C 198 -11.21 3.92 -45.03
C VAL C 198 -12.09 2.79 -45.63
N ILE C 199 -12.14 2.69 -46.98
CA ILE C 199 -12.89 1.64 -47.68
C ILE C 199 -12.18 0.28 -47.58
N SER C 200 -10.83 0.30 -47.47
CA SER C 200 -9.98 -0.88 -47.34
C SER C 200 -9.95 -1.41 -45.89
N GLY C 201 -10.39 -0.57 -44.95
CA GLY C 201 -10.44 -0.92 -43.53
C GLY C 201 -9.18 -0.59 -42.76
N ARG C 202 -8.16 -0.03 -43.45
CA ARG C 202 -6.86 0.35 -42.88
C ARG C 202 -6.98 1.55 -41.93
N LEU C 203 -6.10 1.67 -40.95
CA LEU C 203 -6.14 2.78 -40.00
C LEU C 203 -5.72 4.13 -40.59
N TYR C 204 -6.35 5.20 -40.11
CA TYR C 204 -6.01 6.55 -40.56
C TYR C 204 -5.96 7.53 -39.39
N ALA C 205 -5.12 8.56 -39.51
CA ALA C 205 -5.04 9.59 -38.48
C ALA C 205 -6.32 10.40 -38.35
N GLY C 206 -6.89 10.80 -39.48
CA GLY C 206 -8.20 11.41 -39.53
C GLY C 206 -8.35 12.65 -40.39
N PRO C 207 -7.43 13.59 -40.31
CA PRO C 207 -7.56 14.81 -41.09
C PRO C 207 -7.54 14.54 -42.60
N GLU C 208 -6.70 13.60 -43.02
CA GLU C 208 -6.51 13.32 -44.43
C GLU C 208 -7.75 12.80 -45.11
N VAL C 209 -8.50 11.96 -44.43
CA VAL C 209 -9.74 11.42 -44.97
C VAL C 209 -10.75 12.53 -45.22
N ASP C 210 -10.81 13.50 -44.32
CA ASP C 210 -11.70 14.64 -44.46
C ASP C 210 -11.34 15.46 -45.69
N ILE C 211 -10.05 15.58 -45.96
CA ILE C 211 -9.58 16.28 -47.13
C ILE C 211 -10.03 15.62 -48.43
N TRP C 212 -10.01 14.30 -48.46
CA TRP C 212 -10.43 13.57 -49.65
C TRP C 212 -11.90 13.85 -49.91
N SER C 213 -12.68 13.82 -48.84
CA SER C 213 -14.11 14.13 -48.84
C SER C 213 -14.37 15.53 -49.41
N CYS C 214 -13.51 16.51 -49.07
CA CYS C 214 -13.60 17.88 -49.57
C CYS C 214 -13.19 17.96 -51.05
N GLY C 215 -12.33 17.03 -51.47
CA GLY C 215 -11.85 16.90 -52.85
C GLY C 215 -13.00 16.42 -53.70
N VAL C 216 -13.73 15.39 -53.21
CA VAL C 216 -14.92 14.84 -53.86
C VAL C 216 -16.03 15.92 -54.01
N ILE C 217 -16.25 16.72 -52.93
CA ILE C 217 -17.16 17.88 -52.92
C ILE C 217 -16.81 18.97 -53.95
N LEU C 218 -15.51 19.35 -54.03
CA LEU C 218 -14.96 20.34 -54.97
C LEU C 218 -15.19 19.91 -56.43
N TYR C 219 -15.05 18.60 -56.73
CA TYR C 219 -15.27 18.02 -58.06
C TYR C 219 -16.76 18.08 -58.39
N ALA C 220 -17.63 17.69 -57.42
CA ALA C 220 -19.10 17.69 -57.57
C ALA C 220 -19.67 19.09 -57.83
N LEU C 221 -19.06 20.13 -57.23
CA LEU C 221 -19.49 21.53 -57.40
C LEU C 221 -19.14 22.05 -58.81
N LEU C 222 -17.90 21.79 -59.25
CA LEU C 222 -17.39 22.26 -60.55
C LEU C 222 -17.81 21.45 -61.77
N CYS C 223 -17.95 20.12 -61.64
CA CYS C 223 -18.32 19.24 -62.75
C CYS C 223 -19.81 18.91 -62.83
N GLY C 224 -20.45 18.72 -61.68
CA GLY C 224 -21.86 18.37 -61.58
C GLY C 224 -22.10 16.87 -61.44
N THR C 225 -21.01 16.09 -61.45
CA THR C 225 -20.99 14.63 -61.32
C THR C 225 -19.93 14.19 -60.30
N LEU C 226 -19.89 12.88 -59.97
CA LEU C 226 -18.91 12.31 -59.04
C LEU C 226 -17.65 11.84 -59.80
N PRO C 227 -16.42 11.97 -59.22
CA PRO C 227 -15.22 11.51 -59.93
C PRO C 227 -15.12 10.00 -60.04
N PHE C 228 -15.67 9.28 -59.03
CA PHE C 228 -15.70 7.81 -58.97
C PHE C 228 -17.15 7.41 -58.70
N ASP C 229 -17.83 6.88 -59.73
CA ASP C 229 -19.23 6.45 -59.62
C ASP C 229 -19.53 5.26 -60.52
N ASP C 230 -20.02 4.17 -59.91
CA ASP C 230 -20.38 2.92 -60.59
C ASP C 230 -21.43 2.16 -59.77
N GLU C 231 -22.43 1.58 -60.47
CA GLU C 231 -23.54 0.82 -59.88
C GLU C 231 -23.05 -0.39 -59.07
N HIS C 232 -21.99 -1.06 -59.54
CA HIS C 232 -21.38 -2.22 -58.89
C HIS C 232 -20.36 -1.74 -57.85
N VAL C 233 -20.59 -2.10 -56.57
CA VAL C 233 -19.76 -1.72 -55.42
C VAL C 233 -18.27 -2.14 -55.49
N PRO C 234 -17.89 -3.44 -55.70
CA PRO C 234 -16.45 -3.78 -55.76
C PRO C 234 -15.64 -3.06 -56.85
N THR C 235 -16.25 -2.80 -58.02
CA THR C 235 -15.60 -2.08 -59.13
C THR C 235 -15.40 -0.60 -58.79
N LEU C 236 -16.36 -0.02 -58.02
CA LEU C 236 -16.31 1.37 -57.54
C LEU C 236 -15.16 1.51 -56.53
N PHE C 237 -15.03 0.53 -55.62
CA PHE C 237 -13.99 0.44 -54.59
C PHE C 237 -12.59 0.36 -55.22
N LYS C 238 -12.46 -0.39 -56.33
CA LYS C 238 -11.22 -0.56 -57.09
C LYS C 238 -10.85 0.74 -57.83
N LYS C 239 -11.86 1.51 -58.28
CA LYS C 239 -11.69 2.78 -58.98
C LYS C 239 -11.14 3.86 -58.04
N ILE C 240 -11.59 3.85 -56.76
CA ILE C 240 -11.16 4.77 -55.71
C ILE C 240 -9.71 4.45 -55.32
N ARG C 241 -9.40 3.15 -55.10
CA ARG C 241 -8.07 2.64 -54.74
C ARG C 241 -7.01 2.93 -55.82
N GLY C 242 -7.46 3.01 -57.08
CA GLY C 242 -6.62 3.32 -58.22
C GLY C 242 -6.31 4.80 -58.30
N GLY C 243 -7.30 5.62 -57.95
CA GLY C 243 -7.19 7.08 -57.94
C GLY C 243 -7.28 7.75 -59.29
N VAL C 244 -7.79 7.01 -60.30
CA VAL C 244 -7.95 7.52 -61.67
C VAL C 244 -9.36 8.08 -61.84
N PHE C 245 -9.44 9.38 -62.17
CA PHE C 245 -10.69 10.10 -62.40
C PHE C 245 -10.56 11.04 -63.60
N TYR C 246 -11.65 11.21 -64.35
CA TYR C 246 -11.70 12.06 -65.54
C TYR C 246 -11.70 13.55 -65.19
N ILE C 247 -10.82 14.32 -65.86
CA ILE C 247 -10.71 15.77 -65.68
C ILE C 247 -11.19 16.43 -66.99
N PRO C 248 -12.34 17.14 -66.96
CA PRO C 248 -12.87 17.75 -68.20
C PRO C 248 -12.03 18.88 -68.79
N GLU C 249 -12.25 19.17 -70.09
CA GLU C 249 -11.55 20.20 -70.86
C GLU C 249 -11.91 21.63 -70.43
N TYR C 250 -13.20 21.88 -70.11
CA TYR C 250 -13.67 23.21 -69.66
C TYR C 250 -13.05 23.63 -68.33
N LEU C 251 -12.67 22.64 -67.50
CA LEU C 251 -12.05 22.83 -66.19
C LEU C 251 -10.61 23.31 -66.39
N ASN C 252 -10.28 24.49 -65.82
CA ASN C 252 -8.94 25.07 -65.92
C ASN C 252 -7.87 24.20 -65.24
N ARG C 253 -6.63 24.27 -65.74
CA ARG C 253 -5.49 23.48 -65.24
C ARG C 253 -5.06 23.79 -63.80
N SER C 254 -5.45 24.97 -63.26
CA SER C 254 -5.12 25.38 -61.90
C SER C 254 -5.86 24.51 -60.87
N VAL C 255 -7.21 24.42 -60.96
CA VAL C 255 -8.02 23.58 -60.06
C VAL C 255 -7.78 22.07 -60.26
N ALA C 256 -7.39 21.68 -61.51
CA ALA C 256 -7.08 20.30 -61.89
C ALA C 256 -5.93 19.74 -61.05
N THR C 257 -4.89 20.56 -60.81
CA THR C 257 -3.72 20.20 -60.00
C THR C 257 -4.09 20.14 -58.52
N LEU C 258 -5.04 20.99 -58.08
CA LEU C 258 -5.54 21.04 -56.70
C LEU C 258 -6.35 19.78 -56.39
N LEU C 259 -7.24 19.38 -57.34
CA LEU C 259 -8.07 18.17 -57.22
C LEU C 259 -7.20 16.91 -57.19
N MET C 260 -6.12 16.90 -58.00
CA MET C 260 -5.16 15.80 -58.09
C MET C 260 -4.44 15.58 -56.76
N HIS C 261 -4.00 16.68 -56.11
CA HIS C 261 -3.30 16.66 -54.82
C HIS C 261 -4.23 16.28 -53.67
N MET C 262 -5.51 16.73 -53.74
CA MET C 262 -6.53 16.43 -52.74
C MET C 262 -7.03 14.98 -52.86
N LEU C 263 -7.18 14.48 -54.09
CA LEU C 263 -7.64 13.12 -54.36
C LEU C 263 -6.47 12.13 -54.59
N GLN C 264 -5.41 12.26 -53.79
CA GLN C 264 -4.23 11.40 -53.83
C GLN C 264 -4.50 10.15 -52.99
N VAL C 265 -4.22 8.96 -53.57
CA VAL C 265 -4.41 7.66 -52.90
C VAL C 265 -3.53 7.48 -51.66
N ASP C 266 -2.29 7.99 -51.72
CA ASP C 266 -1.33 7.92 -50.61
C ASP C 266 -1.66 9.04 -49.61
N PRO C 267 -2.03 8.71 -48.34
CA PRO C 267 -2.36 9.76 -47.36
C PRO C 267 -1.21 10.72 -47.04
N LEU C 268 0.04 10.23 -47.10
CA LEU C 268 1.24 11.04 -46.84
C LEU C 268 1.51 12.04 -47.97
N LYS C 269 1.21 11.64 -49.22
CA LYS C 269 1.37 12.49 -50.40
C LYS C 269 0.17 13.40 -50.63
N ARG C 270 -0.97 13.10 -49.94
CA ARG C 270 -2.22 13.88 -50.02
C ARG C 270 -2.05 15.27 -49.42
N ALA C 271 -2.71 16.27 -50.03
CA ALA C 271 -2.71 17.68 -49.63
C ALA C 271 -3.27 17.89 -48.23
N THR C 272 -2.74 18.91 -47.53
CA THR C 272 -3.17 19.33 -46.19
C THR C 272 -3.89 20.67 -46.34
N ILE C 273 -4.49 21.20 -45.26
CA ILE C 273 -5.19 22.50 -45.27
C ILE C 273 -4.21 23.62 -45.70
N LYS C 274 -2.96 23.55 -45.22
CA LYS C 274 -1.87 24.49 -45.55
C LYS C 274 -1.53 24.44 -47.05
N ASP C 275 -1.56 23.23 -47.66
CA ASP C 275 -1.30 23.03 -49.09
C ASP C 275 -2.39 23.68 -49.96
N ILE C 276 -3.67 23.54 -49.54
CA ILE C 276 -4.83 24.11 -50.24
C ILE C 276 -4.81 25.64 -50.09
N ARG C 277 -4.42 26.16 -48.90
CA ARG C 277 -4.32 27.59 -48.62
C ARG C 277 -3.22 28.25 -49.46
N GLU C 278 -2.10 27.54 -49.68
CA GLU C 278 -0.96 28.02 -50.48
C GLU C 278 -1.26 28.00 -51.98
N HIS C 279 -2.20 27.13 -52.42
CA HIS C 279 -2.60 26.96 -53.81
C HIS C 279 -3.21 28.23 -54.40
N GLU C 280 -2.71 28.64 -55.59
CA GLU C 280 -3.12 29.84 -56.33
C GLU C 280 -4.61 29.97 -56.64
N TRP C 281 -5.27 28.85 -56.96
CA TRP C 281 -6.71 28.81 -57.29
C TRP C 281 -7.58 29.14 -56.07
N PHE C 282 -7.23 28.59 -54.90
CA PHE C 282 -7.96 28.78 -53.64
C PHE C 282 -7.84 30.20 -53.08
N LYS C 283 -6.63 30.81 -53.14
CA LYS C 283 -6.38 32.15 -52.62
C LYS C 283 -6.97 33.31 -53.43
N GLN C 284 -7.56 33.00 -54.58
CA GLN C 284 -8.23 33.99 -55.39
C GLN C 284 -9.54 34.41 -54.76
N ASP C 285 -9.73 35.71 -54.63
CA ASP C 285 -10.98 36.24 -54.12
C ASP C 285 -11.29 35.63 -52.77
N LEU C 286 -10.27 35.47 -51.93
CA LEU C 286 -10.43 34.81 -50.66
C LEU C 286 -10.48 35.80 -49.51
N PRO C 287 -11.52 35.74 -48.70
CA PRO C 287 -11.68 36.69 -47.59
C PRO C 287 -10.70 36.39 -46.45
N SER C 288 -9.99 37.44 -45.98
CA SER C 288 -8.95 37.35 -44.94
C SER C 288 -9.41 37.08 -43.48
N TYR C 289 -10.67 36.67 -43.28
CA TYR C 289 -11.20 36.37 -41.94
C TYR C 289 -11.49 34.87 -41.69
N LEU C 290 -11.50 34.05 -42.76
CA LEU C 290 -11.79 32.62 -42.70
C LEU C 290 -10.69 31.76 -42.06
N PHE C 291 -9.42 32.16 -42.19
CA PHE C 291 -8.30 31.37 -41.66
C PHE C 291 -7.42 32.08 -40.60
N PRO C 292 -6.93 31.32 -39.57
CA PRO C 292 -6.16 31.95 -38.47
C PRO C 292 -5.00 32.91 -38.71
N GLU C 293 -4.09 32.63 -39.66
CA GLU C 293 -2.94 33.52 -39.89
C GLU C 293 -3.07 34.55 -41.03
N ASP C 294 -4.31 34.82 -41.48
CA ASP C 294 -4.63 35.77 -42.54
C ASP C 294 -4.86 37.21 -41.97
N PRO C 295 -4.69 38.29 -42.79
CA PRO C 295 -4.82 39.67 -42.25
C PRO C 295 -6.00 40.10 -41.37
N SER C 296 -7.26 39.91 -41.81
CA SER C 296 -8.42 40.35 -41.05
C SER C 296 -9.08 39.29 -40.14
N TYR C 297 -8.27 38.37 -39.59
CA TYR C 297 -8.74 37.31 -38.69
C TYR C 297 -8.77 37.79 -37.24
N ASP C 298 -7.63 38.27 -36.72
CA ASP C 298 -7.44 38.74 -35.35
C ASP C 298 -8.37 39.86 -34.89
N ALA C 299 -8.78 40.73 -35.83
CA ALA C 299 -9.67 41.86 -35.56
C ALA C 299 -11.16 41.51 -35.64
N ASN C 300 -11.52 40.41 -36.33
CA ASN C 300 -12.91 39.98 -36.52
C ASN C 300 -13.30 38.70 -35.79
N VAL C 301 -12.39 37.70 -35.71
CA VAL C 301 -12.64 36.41 -35.08
C VAL C 301 -12.11 36.36 -33.63
N ILE C 302 -12.99 35.99 -32.68
CA ILE C 302 -12.66 35.86 -31.26
C ILE C 302 -12.00 34.50 -31.02
N ASP C 303 -10.78 34.53 -30.48
CA ASP C 303 -9.97 33.35 -30.18
C ASP C 303 -10.34 32.76 -28.80
N ASP C 304 -9.98 31.48 -28.57
CA ASP C 304 -10.21 30.75 -27.31
C ASP C 304 -9.31 31.28 -26.18
N GLU C 305 -8.37 32.20 -26.50
CA GLU C 305 -7.44 32.85 -25.57
C GLU C 305 -8.15 33.81 -24.59
N ALA C 306 -9.48 33.93 -24.71
CA ALA C 306 -10.33 34.76 -23.84
C ALA C 306 -10.37 34.20 -22.42
N VAL C 307 -10.19 32.89 -22.29
CA VAL C 307 -10.11 32.23 -21.01
C VAL C 307 -8.91 32.77 -20.25
N LYS C 308 -7.83 32.95 -20.97
CA LYS C 308 -6.59 33.39 -20.36
C LYS C 308 -6.84 34.74 -19.73
N GLU C 309 -7.54 35.61 -20.45
CA GLU C 309 -7.89 36.91 -19.90
C GLU C 309 -8.81 36.70 -18.71
N VAL C 310 -9.76 35.79 -18.86
CA VAL C 310 -10.74 35.54 -17.81
C VAL C 310 -10.13 34.99 -16.53
N CYS C 311 -9.21 34.06 -16.67
CA CYS C 311 -8.63 33.39 -15.51
C CYS C 311 -7.85 34.36 -14.63
N GLU C 312 -7.08 35.23 -15.26
CA GLU C 312 -6.29 36.19 -14.51
C GLU C 312 -7.16 37.13 -13.72
N LYS C 313 -8.25 37.60 -14.33
CA LYS C 313 -9.09 38.62 -13.72
C LYS C 313 -10.52 38.23 -13.27
N PHE C 314 -10.88 36.96 -13.31
CA PHE C 314 -12.27 36.61 -13.00
C PHE C 314 -13.16 37.32 -14.04
N GLU C 315 -14.08 38.16 -13.58
CA GLU C 315 -14.83 39.05 -14.48
C GLU C 315 -16.08 38.51 -15.16
N CYS C 316 -16.59 37.36 -14.70
CA CYS C 316 -17.78 36.76 -15.31
C CYS C 316 -17.44 36.08 -16.62
N THR C 317 -16.16 35.80 -16.81
CA THR C 317 -15.70 35.02 -17.95
C THR C 317 -16.09 35.66 -19.30
N GLU C 318 -16.69 34.88 -20.18
CA GLU C 318 -16.80 35.26 -21.58
C GLU C 318 -17.60 36.52 -21.83
N SER C 319 -18.71 36.70 -21.12
CA SER C 319 -19.57 37.83 -21.42
C SER C 319 -18.90 39.19 -21.18
N GLU C 320 -18.21 39.33 -20.05
CA GLU C 320 -17.55 40.59 -19.74
C GLU C 320 -16.43 40.91 -20.71
N VAL C 321 -15.66 39.89 -21.05
CA VAL C 321 -14.54 40.04 -21.95
C VAL C 321 -15.03 40.43 -23.35
N MET C 322 -16.07 39.76 -23.79
CA MET C 322 -16.67 40.03 -25.10
C MET C 322 -17.32 41.41 -25.19
N ASN C 323 -17.98 41.82 -24.12
CA ASN C 323 -18.64 43.12 -24.04
C ASN C 323 -17.65 44.27 -24.10
N SER C 324 -16.42 44.06 -23.57
CA SER C 324 -15.33 45.03 -23.56
C SER C 324 -14.74 45.21 -24.96
N LEU C 325 -14.82 44.15 -25.80
CA LEU C 325 -14.31 44.14 -27.18
C LEU C 325 -15.35 44.64 -28.18
N TYR C 326 -16.60 44.14 -28.09
CA TYR C 326 -17.71 44.50 -28.99
C TYR C 326 -18.11 45.97 -28.93
N SER C 327 -18.04 46.57 -27.72
CA SER C 327 -18.41 47.97 -27.49
C SER C 327 -17.49 48.66 -26.49
N GLY C 328 -17.11 49.89 -26.79
CA GLY C 328 -16.25 50.71 -25.94
C GLY C 328 -14.79 50.76 -26.33
N ASP C 329 -14.07 51.76 -25.78
CA ASP C 329 -12.64 51.99 -26.00
C ASP C 329 -11.78 51.16 -25.01
N PRO C 330 -10.48 50.91 -25.27
CA PRO C 330 -9.68 50.11 -24.31
C PRO C 330 -9.40 50.80 -22.98
N GLN C 333 -9.78 47.86 -19.94
CA GLN C 333 -8.94 47.14 -18.99
C GLN C 333 -8.86 45.64 -19.32
N LEU C 334 -10.02 44.99 -19.50
CA LEU C 334 -10.12 43.56 -19.84
C LEU C 334 -9.77 43.33 -21.31
N ALA C 335 -10.16 44.29 -22.19
CA ALA C 335 -9.92 44.26 -23.63
C ALA C 335 -8.44 44.46 -23.96
N VAL C 336 -7.72 45.24 -23.12
CA VAL C 336 -6.29 45.55 -23.24
C VAL C 336 -5.47 44.26 -23.09
N ALA C 337 -5.84 43.41 -22.10
CA ALA C 337 -5.20 42.13 -21.83
C ALA C 337 -5.41 41.14 -22.96
N TYR C 338 -6.62 41.12 -23.57
CA TYR C 338 -6.98 40.23 -24.69
C TYR C 338 -6.15 40.55 -25.94
N HIS C 339 -6.12 41.84 -26.37
CA HIS C 339 -5.38 42.29 -27.54
C HIS C 339 -3.87 42.11 -27.41
N LEU C 340 -3.33 42.20 -26.17
CA LEU C 340 -1.91 41.99 -25.87
C LEU C 340 -1.52 40.53 -26.16
N ILE C 341 -2.35 39.56 -25.71
CA ILE C 341 -2.15 38.12 -25.93
C ILE C 341 -2.17 37.82 -27.45
N ILE C 342 -3.07 38.49 -28.19
CA ILE C 342 -3.22 38.37 -29.64
C ILE C 342 -2.00 38.96 -30.36
N ASP C 343 -1.50 40.13 -29.88
CA ASP C 343 -0.32 40.80 -30.44
C ASP C 343 0.95 39.96 -30.20
N ASN C 344 1.08 39.37 -29.00
CA ASN C 344 2.20 38.50 -28.61
C ASN C 344 2.22 37.23 -29.46
N ARG C 345 1.02 36.66 -29.73
CA ARG C 345 0.81 35.45 -30.55
C ARG C 345 1.25 35.70 -32.00
N ARG C 346 0.95 36.89 -32.55
CA ARG C 346 1.31 37.30 -33.90
C ARG C 346 2.83 37.35 -34.08
N ILE C 347 3.56 37.89 -33.08
CA ILE C 347 5.03 37.99 -33.07
C ILE C 347 5.63 36.58 -33.10
N MET C 348 5.11 35.67 -32.24
CA MET C 348 5.55 34.28 -32.11
C MET C 348 5.20 33.42 -33.34
N ASN C 349 4.05 33.68 -33.98
CA ASN C 349 3.61 32.95 -35.19
C ASN C 349 4.44 33.35 -36.41
N GLN C 350 4.81 34.65 -36.51
CA GLN C 350 5.63 35.17 -37.61
C GLN C 350 7.10 34.76 -37.47
N ALA C 351 7.52 34.39 -36.24
CA ALA C 351 8.87 33.93 -35.95
C ALA C 351 8.90 32.38 -35.99
N SER C 352 8.56 31.82 -37.17
CA SER C 352 8.52 30.38 -37.42
C SER C 352 9.91 29.76 -37.33
N GLU C 353 10.95 30.52 -37.75
CA GLU C 353 12.36 30.11 -37.72
C GLU C 353 12.91 29.92 -36.30
N PHE C 354 12.26 30.57 -35.31
CA PHE C 354 12.61 30.51 -33.88
C PHE C 354 11.99 29.31 -33.15
N TYR C 355 10.80 28.85 -33.58
CA TYR C 355 10.09 27.73 -32.96
C TYR C 355 10.12 26.41 -33.74
N LEU C 356 10.14 26.48 -35.09
CA LEU C 356 10.14 25.29 -35.95
C LEU C 356 11.28 25.26 -36.96
N ALA C 357 11.64 24.04 -37.40
CA ALA C 357 12.70 23.82 -38.39
C ALA C 357 12.17 23.94 -39.81
N SER C 358 13.00 24.46 -40.72
CA SER C 358 12.68 24.64 -42.14
C SER C 358 12.63 23.30 -42.86
N SER C 359 11.58 23.09 -43.69
CA SER C 359 11.37 21.86 -44.45
C SER C 359 12.27 21.81 -45.68
N ARG C 372 25.12 29.47 -46.16
CA ARG C 372 25.87 29.75 -44.93
C ARG C 372 25.49 28.77 -43.80
N PRO C 373 26.47 28.15 -43.10
CA PRO C 373 26.11 27.20 -42.03
C PRO C 373 25.88 27.84 -40.66
N HIS C 374 25.03 27.20 -39.83
CA HIS C 374 24.71 27.63 -38.47
C HIS C 374 25.91 27.35 -37.54
N PRO C 375 26.22 28.24 -36.54
CA PRO C 375 27.38 27.98 -35.66
C PRO C 375 27.37 26.66 -34.89
N GLU C 376 26.17 26.14 -34.54
CA GLU C 376 26.01 24.88 -33.81
C GLU C 376 26.11 23.63 -34.70
N ARG C 377 25.88 23.77 -36.03
CA ARG C 377 25.93 22.66 -37.00
C ARG C 377 27.34 22.12 -37.26
N VAL C 378 28.39 22.94 -37.01
CA VAL C 378 29.79 22.56 -37.23
C VAL C 378 30.27 21.57 -36.16
N LYS C 407 25.25 9.13 -41.39
CA LYS C 407 24.58 9.06 -40.10
C LYS C 407 23.66 7.85 -40.00
N ALA C 408 23.55 7.26 -38.79
CA ALA C 408 22.70 6.10 -38.51
C ALA C 408 21.22 6.45 -38.59
N LYS C 409 20.39 5.53 -39.12
CA LYS C 409 18.96 5.73 -39.29
C LYS C 409 18.12 5.12 -38.17
N TRP C 410 17.09 5.86 -37.71
CA TRP C 410 16.16 5.48 -36.65
C TRP C 410 15.02 4.61 -37.19
N HIS C 411 14.48 3.73 -36.34
CA HIS C 411 13.38 2.83 -36.68
C HIS C 411 12.34 2.72 -35.56
N LEU C 412 11.07 2.51 -35.93
CA LEU C 412 9.96 2.39 -34.99
C LEU C 412 9.96 1.00 -34.33
N GLY C 413 9.94 1.00 -33.00
CA GLY C 413 9.91 -0.20 -32.16
C GLY C 413 10.93 -1.27 -32.49
N ILE C 414 10.44 -2.51 -32.68
CA ILE C 414 11.26 -3.67 -33.03
C ILE C 414 10.63 -4.51 -34.16
N ARG C 415 11.42 -4.83 -35.19
CA ARG C 415 10.98 -5.61 -36.35
C ARG C 415 11.35 -7.09 -36.22
N SER C 416 10.41 -7.99 -36.54
CA SER C 416 10.61 -9.44 -36.47
C SER C 416 10.04 -10.16 -37.70
N GLN C 417 10.82 -11.10 -38.25
CA GLN C 417 10.46 -11.91 -39.42
C GLN C 417 9.63 -13.14 -39.03
N SER C 418 9.57 -13.45 -37.71
CA SER C 418 8.85 -14.58 -37.12
C SER C 418 7.33 -14.52 -37.33
N LYS C 419 6.64 -15.66 -37.10
CA LYS C 419 5.19 -15.81 -37.23
C LYS C 419 4.45 -14.95 -36.19
N PRO C 420 3.23 -14.41 -36.48
CA PRO C 420 2.53 -13.58 -35.49
C PRO C 420 2.17 -14.25 -34.17
N TYR C 421 1.97 -15.59 -34.19
CA TYR C 421 1.66 -16.41 -33.03
C TYR C 421 2.89 -16.56 -32.12
N ASP C 422 4.08 -16.76 -32.72
CA ASP C 422 5.35 -16.94 -32.02
C ASP C 422 5.85 -15.69 -31.30
N ILE C 423 5.70 -14.50 -31.93
CA ILE C 423 6.11 -13.20 -31.37
C ILE C 423 5.31 -12.90 -30.09
N MET C 424 3.98 -13.11 -30.14
CA MET C 424 3.07 -12.88 -29.00
C MET C 424 3.36 -13.79 -27.82
N ALA C 425 3.80 -15.03 -28.09
CA ALA C 425 4.17 -16.01 -27.05
C ALA C 425 5.45 -15.59 -26.31
N GLU C 426 6.37 -14.90 -27.00
CA GLU C 426 7.64 -14.42 -26.46
C GLU C 426 7.48 -13.20 -25.55
N VAL C 427 6.51 -12.30 -25.86
CA VAL C 427 6.26 -11.09 -25.06
C VAL C 427 5.67 -11.38 -23.68
N TYR C 428 4.78 -12.40 -23.56
CA TYR C 428 4.18 -12.81 -22.28
C TYR C 428 5.26 -13.43 -21.38
N ARG C 429 6.22 -14.15 -21.99
CA ARG C 429 7.36 -14.81 -21.35
C ARG C 429 8.33 -13.75 -20.79
N ALA C 430 8.55 -12.66 -21.55
CA ALA C 430 9.42 -11.54 -21.18
C ALA C 430 8.84 -10.72 -20.02
N MET C 431 7.52 -10.46 -20.06
CA MET C 431 6.79 -9.70 -19.04
C MET C 431 6.73 -10.43 -17.70
N LYS C 432 6.65 -11.78 -17.74
CA LYS C 432 6.60 -12.65 -16.56
C LYS C 432 7.92 -12.63 -15.77
N GLN C 433 9.06 -12.64 -16.49
CA GLN C 433 10.40 -12.61 -15.90
C GLN C 433 10.74 -11.25 -15.29
N LEU C 434 10.23 -10.16 -15.89
CA LEU C 434 10.47 -8.78 -15.44
C LEU C 434 9.44 -8.31 -14.39
N ASP C 435 8.48 -9.19 -14.01
CA ASP C 435 7.39 -8.96 -13.07
C ASP C 435 6.45 -7.81 -13.52
N PHE C 436 5.94 -7.94 -14.75
CA PHE C 436 5.02 -6.98 -15.37
C PHE C 436 3.61 -7.55 -15.36
N GLU C 437 2.63 -6.72 -14.95
CA GLU C 437 1.21 -7.10 -14.91
C GLU C 437 0.52 -6.48 -16.12
N TRP C 438 -0.17 -7.29 -16.93
CA TRP C 438 -0.83 -6.80 -18.14
C TRP C 438 -2.33 -7.08 -18.26
N LYS C 439 -3.00 -6.33 -19.17
CA LYS C 439 -4.41 -6.44 -19.53
C LYS C 439 -4.51 -6.78 -21.01
N VAL C 440 -5.57 -7.49 -21.42
CA VAL C 440 -5.77 -7.87 -22.82
C VAL C 440 -7.00 -7.21 -23.47
N VAL C 441 -6.75 -6.41 -24.53
CA VAL C 441 -7.76 -5.70 -25.31
C VAL C 441 -8.18 -6.62 -26.47
N ASN C 442 -7.20 -7.09 -27.26
CA ASN C 442 -7.38 -8.01 -28.38
C ASN C 442 -6.15 -8.93 -28.54
N ALA C 443 -6.17 -9.81 -29.57
CA ALA C 443 -5.11 -10.77 -29.87
C ALA C 443 -3.72 -10.17 -30.08
N TYR C 444 -3.63 -8.86 -30.41
CA TYR C 444 -2.36 -8.17 -30.63
C TYR C 444 -2.12 -6.90 -29.80
N HIS C 445 -3.19 -6.35 -29.18
CA HIS C 445 -3.10 -5.15 -28.33
C HIS C 445 -3.14 -5.48 -26.84
N LEU C 446 -2.14 -5.00 -26.09
CA LEU C 446 -2.01 -5.23 -24.64
C LEU C 446 -1.70 -3.95 -23.87
N ARG C 447 -2.18 -3.87 -22.61
CA ARG C 447 -1.94 -2.74 -21.71
C ARG C 447 -1.09 -3.24 -20.53
N VAL C 448 0.24 -3.02 -20.63
CA VAL C 448 1.23 -3.46 -19.63
C VAL C 448 1.46 -2.42 -18.52
N ARG C 449 1.71 -2.90 -17.29
CA ARG C 449 1.96 -2.08 -16.10
C ARG C 449 3.24 -2.54 -15.37
N ARG C 450 3.95 -1.58 -14.73
CA ARG C 450 5.18 -1.81 -13.97
C ARG C 450 5.22 -0.95 -12.71
N LYS C 451 5.66 -1.53 -11.59
CA LYS C 451 5.78 -0.81 -10.32
C LYS C 451 7.22 -0.35 -10.09
N ASN C 452 7.41 0.99 -10.01
CA ASN C 452 8.73 1.59 -9.79
C ASN C 452 9.09 1.49 -8.30
N PRO C 453 10.21 0.83 -7.92
CA PRO C 453 10.55 0.68 -6.49
C PRO C 453 11.01 1.95 -5.77
N VAL C 454 11.42 2.99 -6.51
CA VAL C 454 11.91 4.25 -5.94
C VAL C 454 10.77 5.25 -5.71
N THR C 455 9.96 5.52 -6.75
CA THR C 455 8.85 6.48 -6.69
C THR C 455 7.58 5.89 -6.06
N GLY C 456 7.29 4.64 -6.39
CA GLY C 456 6.11 3.92 -5.91
C GLY C 456 4.95 3.92 -6.89
N ASN C 457 4.96 4.89 -7.83
CA ASN C 457 3.93 5.07 -8.86
C ASN C 457 4.00 3.98 -9.93
N TYR C 458 2.85 3.65 -10.54
CA TYR C 458 2.75 2.65 -11.61
C TYR C 458 3.10 3.26 -12.97
N VAL C 459 3.83 2.49 -13.79
CA VAL C 459 4.24 2.91 -15.14
C VAL C 459 3.43 2.11 -16.16
N LYS C 460 2.50 2.79 -16.87
CA LYS C 460 1.62 2.17 -17.86
C LYS C 460 2.20 2.28 -19.28
N MET C 461 2.13 1.18 -20.04
CA MET C 461 2.64 1.08 -21.40
C MET C 461 1.70 0.26 -22.29
N SER C 462 1.38 0.78 -23.49
CA SER C 462 0.50 0.13 -24.47
C SER C 462 1.29 -0.53 -25.59
N LEU C 463 1.04 -1.83 -25.83
CA LEU C 463 1.69 -2.63 -26.87
C LEU C 463 0.72 -3.04 -27.96
N GLN C 464 1.19 -3.03 -29.22
CA GLN C 464 0.39 -3.38 -30.40
C GLN C 464 1.29 -3.93 -31.52
N LEU C 465 0.93 -5.10 -32.08
CA LEU C 465 1.67 -5.71 -33.17
C LEU C 465 1.04 -5.33 -34.51
N TYR C 466 1.87 -4.89 -35.46
CA TYR C 466 1.43 -4.47 -36.79
C TYR C 466 1.99 -5.34 -37.92
N LEU C 467 1.24 -5.40 -39.04
CA LEU C 467 1.61 -6.13 -40.24
C LEU C 467 2.31 -5.15 -41.19
N VAL C 468 3.62 -5.34 -41.40
CA VAL C 468 4.43 -4.49 -42.27
C VAL C 468 4.92 -5.27 -43.51
N ASP C 469 4.72 -4.69 -44.71
CA ASP C 469 5.13 -5.23 -46.02
C ASP C 469 4.61 -6.67 -46.25
N ASN C 470 5.51 -7.66 -46.35
CA ASN C 470 5.19 -9.08 -46.56
C ASN C 470 6.17 -9.94 -45.76
N ARG C 471 5.63 -10.91 -44.99
CA ARG C 471 6.35 -11.86 -44.12
C ARG C 471 7.20 -11.21 -43.00
N SER C 472 6.91 -9.93 -42.68
CA SER C 472 7.59 -9.17 -41.63
C SER C 472 6.58 -8.49 -40.69
N TYR C 473 6.94 -8.34 -39.41
CA TYR C 473 6.07 -7.75 -38.39
C TYR C 473 6.79 -6.71 -37.53
N LEU C 474 6.03 -5.85 -36.84
CA LEU C 474 6.56 -4.80 -35.97
C LEU C 474 5.80 -4.73 -34.64
N LEU C 475 6.53 -4.56 -33.53
CA LEU C 475 5.96 -4.44 -32.19
C LEU C 475 6.07 -2.98 -31.74
N ASP C 476 4.91 -2.29 -31.63
CA ASP C 476 4.83 -0.88 -31.25
C ASP C 476 4.77 -0.66 -29.74
N PHE C 477 5.48 0.36 -29.25
CA PHE C 477 5.51 0.75 -27.84
C PHE C 477 4.96 2.17 -27.71
N LYS C 478 3.92 2.33 -26.87
CA LYS C 478 3.24 3.61 -26.64
C LYS C 478 3.11 3.92 -25.15
N SER C 479 3.40 5.18 -24.75
CA SER C 479 3.32 5.61 -23.36
C SER C 479 1.92 6.10 -23.00
N ILE C 480 1.46 5.75 -21.80
CA ILE C 480 0.15 6.16 -21.28
C ILE C 480 0.38 7.20 -20.19
N ASP C 481 -0.30 8.37 -20.31
CA ASP C 481 -0.22 9.47 -19.35
C ASP C 481 -0.76 9.06 -17.98
N ASP C 482 -0.19 9.62 -16.90
CA ASP C 482 -0.56 9.34 -15.50
C ASP C 482 -2.05 9.52 -15.23
N GLU C 483 -2.63 8.64 -14.38
CA GLU C 483 -4.04 8.62 -14.00
C GLU C 483 -4.43 9.87 -13.21
N PRO C 538 4.87 17.61 -6.03
CA PRO C 538 5.85 17.39 -7.10
C PRO C 538 6.12 15.90 -7.36
N ARG C 539 6.32 15.54 -8.65
CA ARG C 539 6.60 14.16 -9.07
C ARG C 539 8.10 13.89 -8.91
N LEU C 540 8.44 12.80 -8.19
CA LEU C 540 9.82 12.40 -7.91
C LEU C 540 10.59 11.87 -9.13
N GLY C 541 9.91 11.16 -10.01
CA GLY C 541 10.51 10.61 -11.22
C GLY C 541 10.21 11.43 -12.46
N SER C 542 10.38 10.81 -13.64
CA SER C 542 10.13 11.43 -14.94
C SER C 542 9.35 10.45 -15.81
N HIS C 543 8.18 10.89 -16.31
CA HIS C 543 7.25 10.09 -17.14
C HIS C 543 7.89 9.49 -18.40
N THR C 544 8.66 10.30 -19.16
CA THR C 544 9.35 9.87 -20.38
C THR C 544 10.48 8.88 -20.07
N MET C 545 11.21 9.12 -18.95
CA MET C 545 12.31 8.27 -18.49
C MET C 545 11.79 6.92 -17.98
N ASP C 546 10.62 6.92 -17.29
CA ASP C 546 9.95 5.72 -16.78
C ASP C 546 9.51 4.81 -17.92
N PHE C 547 9.03 5.40 -19.03
CA PHE C 547 8.58 4.69 -20.23
C PHE C 547 9.78 4.07 -20.98
N PHE C 548 10.90 4.81 -21.05
CA PHE C 548 12.13 4.37 -21.73
C PHE C 548 12.78 3.18 -21.01
N GLU C 549 12.81 3.22 -19.66
CA GLU C 549 13.37 2.15 -18.83
C GLU C 549 12.52 0.88 -18.91
N MET C 550 11.18 1.03 -19.02
CA MET C 550 10.22 -0.07 -19.16
C MET C 550 10.38 -0.71 -20.56
N CYS C 551 10.72 0.11 -21.57
CA CYS C 551 10.96 -0.32 -22.94
C CYS C 551 12.29 -1.07 -23.03
N ALA C 552 13.37 -0.49 -22.44
CA ALA C 552 14.72 -1.05 -22.41
C ALA C 552 14.78 -2.44 -21.76
N SER C 553 13.95 -2.68 -20.73
CA SER C 553 13.86 -3.97 -20.04
C SER C 553 13.22 -5.02 -20.94
N LEU C 554 12.10 -4.65 -21.61
CA LEU C 554 11.35 -5.52 -22.53
C LEU C 554 12.14 -5.86 -23.81
N ILE C 555 12.92 -4.91 -24.34
CA ILE C 555 13.75 -5.07 -25.54
C ILE C 555 14.96 -5.99 -25.27
N THR C 556 15.66 -5.79 -24.12
CA THR C 556 16.83 -6.58 -23.70
C THR C 556 16.46 -8.06 -23.51
N THR C 557 15.31 -8.33 -22.83
CA THR C 557 14.81 -9.69 -22.57
C THR C 557 14.36 -10.40 -23.85
N LEU C 558 13.86 -9.64 -24.84
CA LEU C 558 13.40 -10.16 -26.14
C LEU C 558 14.59 -10.61 -27.01
N ALA C 559 15.76 -9.96 -26.84
CA ALA C 559 16.98 -10.28 -27.57
C ALA C 559 18.12 -10.63 -26.62
N ALA D 77 -41.44 23.30 -17.66
CA ALA D 77 -40.48 23.23 -16.56
C ALA D 77 -39.85 21.84 -16.44
N ARG D 78 -40.68 20.77 -16.45
CA ARG D 78 -40.24 19.38 -16.37
C ARG D 78 -40.95 18.54 -17.45
N PRO D 79 -40.48 18.58 -18.73
CA PRO D 79 -41.18 17.85 -19.80
C PRO D 79 -41.00 16.33 -19.78
N THR D 80 -42.08 15.59 -20.00
CA THR D 80 -42.12 14.13 -20.05
C THR D 80 -42.76 13.70 -21.37
N VAL D 81 -42.02 12.92 -22.17
CA VAL D 81 -42.45 12.45 -23.49
C VAL D 81 -43.19 11.11 -23.40
N PHE D 82 -44.39 11.04 -23.99
CA PHE D 82 -45.22 9.83 -24.06
C PHE D 82 -45.46 9.49 -25.53
N ARG D 83 -44.59 8.62 -26.08
CA ARG D 83 -44.66 8.22 -27.49
C ARG D 83 -45.08 6.76 -27.67
N TRP D 84 -46.01 6.52 -28.61
CA TRP D 84 -46.52 5.20 -28.95
C TRP D 84 -45.98 4.76 -30.31
N THR D 85 -45.20 3.67 -30.32
CA THR D 85 -44.57 3.11 -31.52
C THR D 85 -45.35 1.93 -32.13
N GLY D 86 -46.27 1.36 -31.35
CA GLY D 86 -47.11 0.23 -31.75
C GLY D 86 -48.05 0.48 -32.91
N GLY D 87 -48.35 1.74 -33.19
CA GLY D 87 -49.23 2.16 -34.27
C GLY D 87 -50.70 1.95 -33.99
N GLY D 88 -51.53 2.20 -35.01
CA GLY D 88 -52.98 2.07 -34.95
C GLY D 88 -53.69 3.20 -35.67
N LYS D 89 -54.83 3.64 -35.10
CA LYS D 89 -55.65 4.72 -35.66
C LYS D 89 -55.99 5.78 -34.61
N GLU D 90 -56.45 5.34 -33.42
CA GLU D 90 -56.81 6.22 -32.30
C GLU D 90 -56.04 5.79 -31.04
N VAL D 91 -55.17 6.67 -30.53
CA VAL D 91 -54.36 6.41 -29.34
C VAL D 91 -54.61 7.49 -28.27
N TYR D 92 -54.93 7.06 -27.04
CA TYR D 92 -55.21 7.93 -25.90
C TYR D 92 -54.27 7.64 -24.73
N LEU D 93 -53.96 8.68 -23.93
CA LEU D 93 -53.10 8.54 -22.75
C LEU D 93 -53.86 8.84 -21.46
N SER D 94 -53.90 7.83 -20.57
CA SER D 94 -54.54 7.92 -19.26
C SER D 94 -53.51 7.61 -18.18
N GLY D 95 -53.53 8.39 -17.11
CA GLY D 95 -52.59 8.22 -16.00
C GLY D 95 -53.04 8.83 -14.69
N SER D 96 -52.18 8.72 -13.65
CA SER D 96 -52.43 9.25 -12.31
C SER D 96 -52.48 10.79 -12.32
N PHE D 97 -51.71 11.40 -13.24
CA PHE D 97 -51.59 12.84 -13.44
C PHE D 97 -52.88 13.52 -13.91
N ASN D 98 -53.69 12.83 -14.74
CA ASN D 98 -54.95 13.37 -15.27
C ASN D 98 -56.21 12.64 -14.75
N ASN D 99 -56.05 11.87 -13.65
CA ASN D 99 -57.10 11.07 -12.99
C ASN D 99 -57.74 10.04 -13.96
N TRP D 100 -56.87 9.36 -14.74
CA TRP D 100 -57.20 8.32 -15.72
C TRP D 100 -58.17 8.76 -16.83
N SER D 101 -58.08 10.03 -17.26
CA SER D 101 -58.88 10.60 -18.34
C SER D 101 -58.22 10.36 -19.68
N LYS D 102 -59.03 10.24 -20.76
CA LYS D 102 -58.52 9.98 -22.11
C LYS D 102 -58.00 11.26 -22.76
N LEU D 103 -56.67 11.33 -22.96
CA LEU D 103 -55.99 12.48 -23.59
C LEU D 103 -55.63 12.10 -25.04
N PRO D 104 -56.17 12.78 -26.07
CA PRO D 104 -55.85 12.43 -27.46
C PRO D 104 -54.40 12.72 -27.83
N LEU D 105 -53.77 11.79 -28.56
CA LEU D 105 -52.37 11.89 -28.99
C LEU D 105 -52.24 12.29 -30.45
N THR D 106 -51.33 13.25 -30.73
CA THR D 106 -51.08 13.76 -32.07
C THR D 106 -50.19 12.76 -32.82
N ARG D 107 -50.54 12.48 -34.07
CA ARG D 107 -49.80 11.49 -34.84
C ARG D 107 -48.92 12.11 -35.90
N HIS D 109 -46.22 10.40 -38.79
CA HIS D 109 -46.60 9.33 -39.69
C HIS D 109 -46.84 8.02 -38.95
N ASN D 110 -45.96 7.66 -38.03
CA ASN D 110 -46.20 6.44 -37.25
C ASN D 110 -46.22 6.64 -35.75
N ASN D 111 -45.83 7.82 -35.31
CA ASN D 111 -45.64 8.07 -33.90
C ASN D 111 -46.80 8.83 -33.33
N PHE D 112 -47.30 8.37 -32.19
CA PHE D 112 -48.37 9.08 -31.50
C PHE D 112 -47.68 9.70 -30.28
N VAL D 113 -47.60 11.03 -30.21
CA VAL D 113 -46.87 11.71 -29.15
C VAL D 113 -47.65 12.76 -28.34
N ALA D 114 -47.19 12.99 -27.09
CA ALA D 114 -47.71 13.96 -26.12
C ALA D 114 -46.61 14.32 -25.12
N ILE D 115 -46.27 15.62 -25.02
CA ILE D 115 -45.26 16.11 -24.09
C ILE D 115 -45.96 16.85 -22.93
N LEU D 116 -45.91 16.25 -21.73
CA LEU D 116 -46.55 16.79 -20.52
C LEU D 116 -45.55 17.23 -19.47
N ASP D 117 -45.86 18.34 -18.77
CA ASP D 117 -45.03 18.86 -17.68
C ASP D 117 -45.47 18.20 -16.37
N LEU D 118 -44.72 17.18 -15.93
CA LEU D 118 -45.01 16.39 -14.73
C LEU D 118 -43.97 16.58 -13.62
N PRO D 119 -44.38 16.60 -12.31
CA PRO D 119 -43.38 16.77 -11.24
C PRO D 119 -42.53 15.52 -10.98
N GLU D 120 -41.48 15.65 -10.15
CA GLU D 120 -40.56 14.58 -9.78
C GLU D 120 -41.25 13.47 -8.99
N GLY D 121 -40.85 12.23 -9.26
CA GLY D 121 -41.39 11.04 -8.60
C GLY D 121 -41.96 10.01 -9.56
N GLU D 122 -42.69 9.02 -9.02
CA GLU D 122 -43.30 7.95 -9.79
C GLU D 122 -44.67 8.35 -10.36
N HIS D 123 -44.95 7.93 -11.61
CA HIS D 123 -46.21 8.20 -12.30
C HIS D 123 -46.70 6.96 -13.03
N GLN D 124 -47.92 6.50 -12.69
CA GLN D 124 -48.54 5.33 -13.30
C GLN D 124 -49.41 5.76 -14.48
N TYR D 125 -49.17 5.18 -15.68
CA TYR D 125 -49.90 5.51 -16.90
C TYR D 125 -50.22 4.28 -17.77
N LYS D 126 -51.18 4.43 -18.71
CA LYS D 126 -51.60 3.39 -19.64
C LYS D 126 -52.14 3.97 -20.96
N PHE D 127 -52.03 3.19 -22.05
CA PHE D 127 -52.50 3.59 -23.38
C PHE D 127 -53.84 2.96 -23.74
N PHE D 128 -54.67 3.69 -24.50
CA PHE D 128 -55.99 3.25 -24.94
C PHE D 128 -56.05 3.25 -26.48
N VAL D 129 -55.45 2.22 -27.10
CA VAL D 129 -55.37 2.07 -28.56
C VAL D 129 -56.56 1.31 -29.13
N ASP D 130 -57.34 1.99 -30.00
CA ASP D 130 -58.52 1.48 -30.71
C ASP D 130 -59.57 0.77 -29.82
N GLY D 131 -60.01 1.49 -28.78
CA GLY D 131 -61.01 1.02 -27.83
C GLY D 131 -60.57 -0.13 -26.93
N GLN D 132 -59.25 -0.22 -26.65
CA GLN D 132 -58.69 -1.28 -25.81
C GLN D 132 -57.47 -0.80 -25.03
N TRP D 133 -57.37 -1.22 -23.75
CA TRP D 133 -56.26 -0.87 -22.86
C TRP D 133 -55.00 -1.66 -23.21
N THR D 134 -53.86 -0.96 -23.25
CA THR D 134 -52.53 -1.52 -23.55
C THR D 134 -51.40 -0.80 -22.79
N HIS D 135 -50.19 -1.36 -22.83
CA HIS D 135 -49.00 -0.81 -22.17
C HIS D 135 -47.73 -1.02 -23.00
N ASP D 136 -46.81 -0.04 -22.94
CA ASP D 136 -45.53 -0.04 -23.65
C ASP D 136 -44.61 -1.14 -23.07
N PRO D 137 -44.10 -2.07 -23.91
CA PRO D 137 -43.25 -3.16 -23.38
C PRO D 137 -41.84 -2.73 -22.95
N SER D 138 -41.30 -1.67 -23.55
CA SER D 138 -39.97 -1.13 -23.24
C SER D 138 -39.87 -0.52 -21.84
N GLU D 139 -40.99 0.03 -21.33
CA GLU D 139 -41.07 0.65 -20.01
C GLU D 139 -41.61 -0.32 -18.94
N PRO D 140 -41.21 -0.21 -17.64
CA PRO D 140 -41.70 -1.16 -16.63
C PRO D 140 -43.21 -1.05 -16.34
N ILE D 141 -43.81 -2.17 -15.91
CA ILE D 141 -45.24 -2.29 -15.59
C ILE D 141 -45.50 -2.64 -14.12
N VAL D 142 -46.71 -2.30 -13.63
CA VAL D 142 -47.15 -2.57 -12.25
C VAL D 142 -48.60 -3.11 -12.23
N THR D 143 -48.80 -4.25 -11.53
CA THR D 143 -50.11 -4.89 -11.42
C THR D 143 -50.77 -4.53 -10.09
N SER D 144 -52.01 -4.02 -10.16
CA SER D 144 -52.80 -3.58 -9.01
C SER D 144 -53.47 -4.76 -8.28
N GLN D 145 -54.13 -4.46 -7.14
CA GLN D 145 -54.85 -5.42 -6.29
C GLN D 145 -56.01 -6.08 -7.05
N LEU D 146 -56.67 -5.30 -7.94
CA LEU D 146 -57.79 -5.76 -8.77
C LEU D 146 -57.34 -6.45 -10.07
N GLY D 147 -56.04 -6.40 -10.34
CA GLY D 147 -55.42 -7.05 -11.50
C GLY D 147 -55.17 -6.19 -12.73
N THR D 148 -55.34 -4.86 -12.60
CA THR D 148 -55.12 -3.93 -13.72
C THR D 148 -53.63 -3.72 -13.97
N VAL D 149 -53.20 -3.86 -15.24
CA VAL D 149 -51.80 -3.71 -15.65
C VAL D 149 -51.60 -2.36 -16.34
N ASN D 150 -50.67 -1.54 -15.82
CA ASN D 150 -50.34 -0.22 -16.35
C ASN D 150 -48.87 0.15 -16.11
N ASN D 151 -48.26 0.88 -17.06
CA ASN D 151 -46.86 1.33 -17.04
C ASN D 151 -46.51 2.22 -15.84
N ILE D 152 -45.22 2.23 -15.48
CA ILE D 152 -44.67 3.04 -14.39
C ILE D 152 -43.43 3.82 -14.89
N ILE D 153 -43.36 5.12 -14.57
CA ILE D 153 -42.25 5.98 -14.98
C ILE D 153 -41.67 6.76 -13.80
N GLN D 154 -40.33 6.77 -13.67
CA GLN D 154 -39.62 7.47 -12.61
C GLN D 154 -39.06 8.81 -13.11
N VAL D 155 -39.70 9.91 -12.70
CA VAL D 155 -39.31 11.27 -13.06
C VAL D 155 -38.25 11.74 -12.05
N LYS D 156 -36.97 11.74 -12.47
CA LYS D 156 -35.82 12.11 -11.64
C LYS D 156 -35.34 13.53 -11.93
N LYS D 157 -34.56 14.12 -10.99
CA LYS D 157 -33.99 15.46 -11.12
C LYS D 157 -32.88 15.49 -12.18
N THR D 158 -32.15 14.37 -12.32
CA THR D 158 -31.05 14.20 -13.29
C THR D 158 -31.56 14.13 -14.74
N ASP D 159 -32.85 13.78 -14.93
CA ASP D 159 -33.50 13.66 -16.24
C ASP D 159 -33.65 14.99 -16.99
N PHE D 160 -33.55 16.14 -16.29
CA PHE D 160 -33.73 17.46 -16.89
C PHE D 160 -32.44 18.28 -17.13
N GLU D 161 -31.28 17.61 -17.03
CA GLU D 161 -29.97 18.18 -17.30
C GLU D 161 -29.20 17.12 -18.08
N VAL D 162 -28.88 17.42 -19.35
CA VAL D 162 -28.22 16.55 -20.33
C VAL D 162 -26.98 15.82 -19.81
N PHE D 163 -26.00 16.55 -19.23
CA PHE D 163 -24.78 15.97 -18.70
C PHE D 163 -25.02 15.12 -17.44
N ASP D 164 -26.04 15.49 -16.64
CA ASP D 164 -26.45 14.75 -15.45
C ASP D 164 -27.18 13.48 -15.88
N ALA D 165 -27.94 13.56 -16.99
CA ALA D 165 -28.68 12.46 -17.58
C ALA D 165 -27.73 11.48 -18.25
N LEU D 166 -26.66 11.98 -18.90
CA LEU D 166 -25.64 11.17 -19.55
C LEU D 166 -24.78 10.43 -18.52
N MET D 167 -24.62 11.02 -17.32
CA MET D 167 -23.86 10.44 -16.21
C MET D 167 -24.60 9.22 -15.64
N VAL D 168 -25.94 9.32 -15.46
CA VAL D 168 -26.77 8.22 -14.98
C VAL D 168 -27.02 7.18 -16.09
N ASP D 169 -26.92 7.60 -17.37
CA ASP D 169 -27.06 6.72 -18.53
C ASP D 169 -25.78 5.91 -18.73
N SER D 170 -24.63 6.47 -18.30
CA SER D 170 -23.30 5.84 -18.38
C SER D 170 -23.25 4.60 -17.48
N GLN D 171 -23.71 4.74 -16.22
CA GLN D 171 -23.76 3.65 -15.24
C GLN D 171 -24.87 2.63 -15.57
N LYS D 172 -25.98 3.08 -16.19
CA LYS D 172 -27.10 2.21 -16.58
C LYS D 172 -26.72 1.32 -17.78
N CYS D 173 -25.68 1.72 -18.54
CA CYS D 173 -25.16 1.01 -19.70
C CYS D 173 -23.94 0.14 -19.36
N SER D 174 -22.95 0.73 -18.64
CA SER D 174 -21.71 0.03 -18.27
C SER D 174 -21.92 -1.05 -17.21
N ASP D 175 -22.50 -0.70 -16.04
CA ASP D 175 -22.77 -1.63 -14.92
C ASP D 175 -23.68 -2.80 -15.32
N VAL D 176 -24.56 -2.61 -16.31
CA VAL D 176 -25.46 -3.63 -16.83
C VAL D 176 -24.67 -4.69 -17.61
N SER D 177 -23.64 -4.25 -18.38
CA SER D 177 -22.77 -5.13 -19.16
C SER D 177 -21.67 -5.76 -18.29
N GLU D 178 -21.22 -5.04 -17.24
CA GLU D 178 -20.19 -5.52 -16.31
C GLU D 178 -20.72 -6.66 -15.42
N LEU D 179 -22.02 -6.60 -15.06
CA LEU D 179 -22.68 -7.62 -14.22
C LEU D 179 -23.47 -8.59 -15.09
N PRO D 186 -9.01 -6.08 -14.25
CA PRO D 186 -7.79 -6.11 -13.45
C PRO D 186 -6.59 -6.69 -14.21
N TYR D 187 -5.37 -6.23 -13.86
CA TYR D 187 -4.12 -6.68 -14.46
C TYR D 187 -3.79 -8.11 -14.04
N HIS D 188 -3.48 -8.98 -15.03
CA HIS D 188 -3.18 -10.40 -14.79
C HIS D 188 -1.88 -10.88 -15.43
N GLN D 189 -1.31 -11.96 -14.89
CA GLN D 189 -0.06 -12.58 -15.37
C GLN D 189 -0.34 -13.81 -16.27
N GLU D 190 -1.62 -14.08 -16.58
CA GLU D 190 -2.04 -15.20 -17.42
C GLU D 190 -2.06 -14.81 -18.90
N PRO D 191 -1.40 -15.58 -19.80
CA PRO D 191 -1.41 -15.22 -21.23
C PRO D 191 -2.77 -15.44 -21.89
N TYR D 192 -3.00 -14.78 -23.04
CA TYR D 192 -4.24 -14.88 -23.82
C TYR D 192 -4.35 -16.27 -24.45
N VAL D 193 -5.49 -16.94 -24.22
CA VAL D 193 -5.76 -18.31 -24.69
C VAL D 193 -6.14 -18.45 -26.18
N CYS D 194 -5.26 -17.93 -27.08
CA CYS D 194 -5.38 -17.98 -28.55
C CYS D 194 -6.79 -17.64 -29.10
N LYS D 195 -7.39 -16.55 -28.58
CA LYS D 195 -8.74 -16.05 -28.92
C LYS D 195 -9.87 -16.99 -28.54
N GLU D 197 -14.26 -17.40 -32.19
CA GLU D 197 -12.98 -17.25 -31.49
C GLU D 197 -11.94 -18.24 -32.03
N GLU D 198 -11.08 -17.75 -32.95
CA GLU D 198 -10.03 -18.53 -33.61
C GLU D 198 -8.65 -17.87 -33.59
N ARG D 199 -7.59 -18.70 -33.51
CA ARG D 199 -6.19 -18.29 -33.45
C ARG D 199 -5.64 -17.64 -34.73
N PHE D 200 -6.12 -18.08 -35.91
CA PHE D 200 -5.68 -17.56 -37.21
C PHE D 200 -6.29 -16.18 -37.55
N ARG D 201 -5.91 -15.16 -36.76
CA ARG D 201 -6.35 -13.77 -36.91
C ARG D 201 -5.19 -12.90 -37.38
N ALA D 202 -5.40 -12.16 -38.48
CA ALA D 202 -4.38 -11.28 -39.07
C ALA D 202 -4.21 -9.97 -38.27
N PRO D 203 -2.96 -9.56 -37.96
CA PRO D 203 -2.77 -8.29 -37.22
C PRO D 203 -3.04 -7.06 -38.10
N PRO D 204 -3.42 -5.89 -37.52
CA PRO D 204 -3.69 -4.71 -38.37
C PRO D 204 -2.47 -4.21 -39.13
N ILE D 205 -2.69 -3.70 -40.36
CA ILE D 205 -1.63 -3.17 -41.24
C ILE D 205 -1.04 -1.89 -40.64
N LEU D 206 0.31 -1.80 -40.58
CA LEU D 206 1.05 -0.66 -40.04
C LEU D 206 0.73 0.63 -40.79
N PRO D 207 0.26 1.69 -40.08
CA PRO D 207 -0.05 2.95 -40.77
C PRO D 207 1.19 3.67 -41.30
N PRO D 208 1.11 4.37 -42.46
CA PRO D 208 2.31 5.03 -43.00
C PRO D 208 2.76 6.27 -42.23
N HIS D 209 1.88 6.81 -41.36
CA HIS D 209 2.14 7.97 -40.51
C HIS D 209 3.24 7.71 -39.49
N LEU D 210 3.34 6.46 -38.98
CA LEU D 210 4.35 6.05 -38.00
C LEU D 210 5.74 5.86 -38.62
N LEU D 211 5.81 5.65 -39.95
CA LEU D 211 7.08 5.50 -40.67
C LEU D 211 7.75 6.85 -40.96
N GLN D 212 7.04 7.96 -40.66
CA GLN D 212 7.55 9.33 -40.82
C GLN D 212 8.42 9.66 -39.60
N VAL D 213 9.70 9.26 -39.67
CA VAL D 213 10.66 9.46 -38.59
C VAL D 213 11.11 10.93 -38.52
N ILE D 214 10.93 11.56 -37.35
CA ILE D 214 11.28 12.95 -37.09
C ILE D 214 12.80 13.20 -37.04
N LEU D 215 13.56 12.25 -36.47
CA LEU D 215 15.02 12.35 -36.31
C LEU D 215 15.81 11.99 -37.58
N ASN D 216 15.17 11.31 -38.54
CA ASN D 216 15.79 10.92 -39.81
C ASN D 216 15.61 11.99 -40.90
N LYS D 217 14.72 12.98 -40.64
CA LYS D 217 14.43 14.08 -41.56
C LYS D 217 15.51 15.16 -41.52
N ASP D 218 15.93 15.63 -42.72
CA ASP D 218 16.95 16.68 -42.88
C ASP D 218 16.33 18.05 -42.66
N THR D 219 17.02 18.91 -41.89
CA THR D 219 16.56 20.26 -41.57
C THR D 219 17.32 21.36 -42.34
N GLY D 220 18.58 21.07 -42.71
CA GLY D 220 19.44 21.98 -43.44
C GLY D 220 20.49 22.64 -42.56
N ILE D 221 21.66 22.94 -43.16
CA ILE D 221 22.83 23.57 -42.50
C ILE D 221 22.52 24.93 -41.85
N SER D 222 21.61 25.72 -42.44
CA SER D 222 21.21 27.04 -41.95
C SER D 222 20.40 26.96 -40.65
N CYS D 223 19.66 25.86 -40.45
CA CYS D 223 18.80 25.64 -39.28
C CYS D 223 19.57 25.17 -38.04
N ASP D 224 19.06 25.52 -36.85
CA ASP D 224 19.58 25.13 -35.54
C ASP D 224 19.36 23.62 -35.33
N PRO D 225 20.36 22.87 -34.78
CA PRO D 225 20.17 21.42 -34.62
C PRO D 225 19.10 20.99 -33.62
N ALA D 226 18.84 21.82 -32.58
CA ALA D 226 17.83 21.52 -31.56
C ALA D 226 16.40 21.53 -32.11
N LEU D 227 16.12 22.43 -33.08
CA LEU D 227 14.81 22.57 -33.72
C LEU D 227 14.42 21.37 -34.59
N LEU D 228 13.11 21.06 -34.66
CA LEU D 228 12.53 19.97 -35.43
C LEU D 228 11.21 20.40 -36.10
N PRO D 229 10.74 19.75 -37.20
CA PRO D 229 9.44 20.15 -37.80
C PRO D 229 8.26 19.71 -36.92
N GLU D 230 7.06 20.29 -37.15
CA GLU D 230 5.87 19.95 -36.36
C GLU D 230 5.42 18.49 -36.54
N PRO D 231 5.42 17.68 -35.45
CA PRO D 231 5.01 16.28 -35.60
C PRO D 231 3.51 16.08 -35.63
N ASN D 232 3.06 15.01 -36.29
CA ASN D 232 1.66 14.63 -36.37
C ASN D 232 1.26 14.07 -35.01
N HIS D 233 0.03 14.37 -34.53
CA HIS D 233 -0.46 13.91 -33.23
C HIS D 233 -0.42 12.39 -33.04
N VAL D 234 -0.60 11.64 -34.15
CA VAL D 234 -0.61 10.17 -34.19
C VAL D 234 0.73 9.50 -33.89
N MET D 235 1.86 10.19 -34.15
CA MET D 235 3.19 9.64 -33.89
C MET D 235 3.73 9.97 -32.48
N LEU D 236 2.99 10.80 -31.72
CA LEU D 236 3.33 11.19 -30.35
C LEU D 236 3.22 10.00 -29.41
N ASN D 237 4.05 9.97 -28.35
CA ASN D 237 4.10 8.91 -27.32
C ASN D 237 4.62 7.55 -27.83
N HIS D 238 4.87 7.42 -29.15
CA HIS D 238 5.38 6.21 -29.80
C HIS D 238 6.90 6.14 -29.71
N LEU D 239 7.43 4.95 -29.38
CA LEU D 239 8.86 4.70 -29.23
C LEU D 239 9.56 4.43 -30.55
N TYR D 240 10.69 5.12 -30.77
CA TYR D 240 11.57 5.00 -31.93
C TYR D 240 12.97 4.70 -31.38
N ALA D 241 13.60 3.63 -31.88
CA ALA D 241 14.91 3.22 -31.41
C ALA D 241 15.92 3.10 -32.54
N LEU D 242 17.21 3.32 -32.22
CA LEU D 242 18.33 3.20 -33.15
C LEU D 242 19.03 1.87 -32.83
N SER D 243 19.47 1.14 -33.89
CA SER D 243 20.15 -0.15 -33.77
C SER D 243 21.38 -0.09 -32.86
N ILE D 244 21.52 -1.10 -31.98
CA ILE D 244 22.61 -1.21 -30.99
C ILE D 244 23.99 -1.26 -31.64
N LYS D 245 24.81 -0.24 -31.33
CA LYS D 245 26.19 -0.08 -31.81
C LYS D 245 27.05 0.39 -30.63
N ASP D 246 28.26 -0.19 -30.49
CA ASP D 246 29.23 0.08 -29.41
C ASP D 246 28.70 -0.27 -27.99
N GLY D 247 27.71 -1.17 -27.95
CA GLY D 247 27.09 -1.65 -26.71
C GLY D 247 26.16 -0.67 -26.02
N VAL D 248 25.62 0.32 -26.77
CA VAL D 248 24.71 1.32 -26.22
C VAL D 248 23.33 1.32 -26.88
N MET D 249 22.26 1.35 -26.06
CA MET D 249 20.87 1.37 -26.51
C MET D 249 20.38 2.82 -26.55
N VAL D 250 19.88 3.25 -27.72
CA VAL D 250 19.37 4.61 -27.91
C VAL D 250 17.86 4.54 -28.16
N LEU D 251 17.07 5.20 -27.29
CA LEU D 251 15.61 5.24 -27.36
C LEU D 251 15.12 6.69 -27.45
N SER D 252 14.08 6.92 -28.28
CA SER D 252 13.49 8.25 -28.46
C SER D 252 11.99 8.23 -28.71
N ALA D 253 11.29 9.25 -28.19
CA ALA D 253 9.84 9.43 -28.33
C ALA D 253 9.48 10.91 -28.22
N THR D 254 8.50 11.35 -29.03
CA THR D 254 8.03 12.73 -29.03
C THR D 254 6.81 12.85 -28.11
N HIS D 255 6.88 13.71 -27.12
CA HIS D 255 5.79 13.87 -26.17
C HIS D 255 5.34 15.30 -26.15
N ARG D 256 4.09 15.53 -25.81
CA ARG D 256 3.53 16.86 -25.87
C ARG D 256 3.36 17.48 -24.50
N TYR D 257 3.91 18.67 -24.31
CA TYR D 257 3.62 19.44 -23.12
C TYR D 257 2.85 20.64 -23.59
N LYS D 258 1.60 20.76 -23.17
CA LYS D 258 0.81 21.89 -23.58
C LYS D 258 0.80 21.93 -25.11
N LYS D 259 1.18 23.06 -25.69
CA LYS D 259 1.20 23.23 -27.13
C LYS D 259 2.57 22.98 -27.77
N LYS D 260 3.54 22.52 -26.98
CA LYS D 260 4.90 22.32 -27.46
C LYS D 260 5.29 20.86 -27.40
N TYR D 261 6.08 20.42 -28.36
CA TYR D 261 6.49 19.02 -28.43
C TYR D 261 7.97 18.82 -28.17
N VAL D 262 8.28 17.85 -27.32
CA VAL D 262 9.66 17.53 -27.00
C VAL D 262 10.01 16.12 -27.43
N THR D 263 11.11 16.01 -28.17
CA THR D 263 11.63 14.73 -28.66
C THR D 263 12.79 14.33 -27.74
N THR D 264 12.48 13.62 -26.65
CA THR D 264 13.48 13.17 -25.68
C THR D 264 14.22 11.92 -26.19
N LEU D 265 15.55 11.97 -26.17
CA LEU D 265 16.46 10.91 -26.58
C LEU D 265 17.18 10.39 -25.33
N LEU D 266 17.37 9.06 -25.22
CA LEU D 266 18.05 8.48 -24.07
C LEU D 266 19.12 7.48 -24.47
N TYR D 267 20.35 7.70 -23.95
CA TYR D 267 21.50 6.83 -24.17
C TYR D 267 21.72 5.98 -22.91
N LYS D 268 21.51 4.66 -23.05
CA LYS D 268 21.67 3.68 -21.97
C LYS D 268 22.71 2.61 -22.39
N PRO D 269 23.68 2.26 -21.52
CA PRO D 269 24.68 1.24 -21.93
C PRO D 269 24.15 -0.18 -22.01
N SER E 29 15.05 -44.76 61.91
CA SER E 29 13.81 -44.01 62.09
C SER E 29 13.24 -43.54 60.75
N ASN E 30 11.91 -43.66 60.58
CA ASN E 30 11.20 -43.24 59.37
C ASN E 30 10.74 -41.76 59.47
N ASN E 31 11.03 -41.11 60.62
CA ASN E 31 10.70 -39.72 60.92
C ASN E 31 11.53 -38.72 60.08
N SER E 32 11.17 -37.42 60.14
CA SER E 32 11.79 -36.29 59.42
C SER E 32 11.70 -36.36 57.88
N VAL E 33 10.84 -37.26 57.35
CA VAL E 33 10.62 -37.42 55.91
C VAL E 33 9.82 -36.22 55.35
N TYR E 34 8.91 -35.65 56.18
CA TYR E 34 8.12 -34.47 55.82
C TYR E 34 8.98 -33.22 55.89
N THR E 35 10.00 -33.21 56.77
CA THR E 35 10.96 -32.12 56.95
C THR E 35 11.83 -32.02 55.69
N SER E 36 12.27 -33.19 55.16
CA SER E 36 13.07 -33.31 53.94
C SER E 36 12.27 -32.88 52.70
N PHE E 37 10.94 -33.13 52.73
CA PHE E 37 9.99 -32.77 51.69
C PHE E 37 9.87 -31.25 51.56
N MET E 38 9.77 -30.54 52.71
CA MET E 38 9.67 -29.08 52.77
C MET E 38 10.97 -28.40 52.31
N LYS E 39 12.12 -29.04 52.60
CA LYS E 39 13.45 -28.55 52.22
C LYS E 39 13.68 -28.69 50.70
N SER E 40 13.13 -29.76 50.10
CA SER E 40 13.26 -30.05 48.66
C SER E 40 12.35 -29.20 47.78
N HIS E 41 11.09 -28.96 48.20
CA HIS E 41 10.12 -28.17 47.46
C HIS E 41 10.24 -26.67 47.73
N ARG E 42 10.08 -25.86 46.67
CA ARG E 42 10.14 -24.40 46.71
C ARG E 42 8.77 -23.83 47.09
N CYS E 43 8.72 -22.52 47.43
CA CYS E 43 7.48 -21.80 47.77
C CYS E 43 6.60 -21.61 46.54
N TYR E 44 7.21 -21.63 45.33
CA TYR E 44 6.59 -21.50 44.02
C TYR E 44 5.55 -22.59 43.75
N ASP E 45 5.83 -23.83 44.22
CA ASP E 45 5.00 -25.02 44.07
C ASP E 45 3.60 -24.91 44.69
N LEU E 46 3.41 -23.97 45.64
CA LEU E 46 2.14 -23.76 46.35
C LEU E 46 1.28 -22.67 45.73
N ILE E 47 1.91 -21.68 45.07
CA ILE E 47 1.23 -20.56 44.41
C ILE E 47 0.24 -21.13 43.37
N PRO E 48 -1.05 -20.72 43.39
CA PRO E 48 -2.00 -21.26 42.42
C PRO E 48 -1.72 -20.81 40.99
N THR E 49 -2.26 -21.54 39.99
CA THR E 49 -2.09 -21.23 38.57
C THR E 49 -2.64 -19.84 38.27
N SER E 50 -3.81 -19.50 38.83
CA SER E 50 -4.43 -18.19 38.67
C SER E 50 -5.04 -17.76 40.01
N SER E 51 -4.43 -16.75 40.65
CA SER E 51 -4.85 -16.24 41.95
C SER E 51 -5.11 -14.73 41.99
N LYS E 52 -5.81 -14.27 43.04
CA LYS E 52 -6.21 -12.88 43.30
C LYS E 52 -5.41 -12.34 44.49
N LEU E 53 -4.77 -11.17 44.30
CA LEU E 53 -3.98 -10.51 45.34
C LEU E 53 -4.42 -9.06 45.48
N VAL E 54 -4.80 -8.65 46.69
CA VAL E 54 -5.26 -7.29 46.98
C VAL E 54 -4.15 -6.54 47.72
N VAL E 55 -3.75 -5.36 47.22
CA VAL E 55 -2.70 -4.51 47.79
C VAL E 55 -3.29 -3.13 48.11
N PHE E 56 -2.95 -2.57 49.28
CA PHE E 56 -3.41 -1.24 49.69
C PHE E 56 -2.27 -0.25 49.80
N ASP E 57 -2.51 0.98 49.33
CA ASP E 57 -1.55 2.08 49.42
C ASP E 57 -1.63 2.60 50.86
N THR E 58 -0.49 2.98 51.44
CA THR E 58 -0.41 3.48 52.83
C THR E 58 -1.26 4.73 53.10
N SER E 59 -1.46 5.57 52.07
CA SER E 59 -2.25 6.80 52.14
C SER E 59 -3.79 6.56 52.14
N LEU E 60 -4.22 5.30 51.91
CA LEU E 60 -5.65 4.93 51.89
C LEU E 60 -6.21 4.87 53.32
N GLN E 61 -7.48 5.29 53.49
CA GLN E 61 -8.20 5.27 54.77
C GLN E 61 -8.47 3.83 55.21
N VAL E 62 -8.44 3.58 56.53
CA VAL E 62 -8.66 2.25 57.12
C VAL E 62 -10.04 1.66 56.85
N LYS E 63 -11.11 2.48 57.01
CA LYS E 63 -12.52 2.09 56.80
C LYS E 63 -12.74 1.49 55.40
N LYS E 64 -12.19 2.14 54.36
CA LYS E 64 -12.28 1.70 52.97
C LYS E 64 -11.49 0.41 52.73
N ALA E 65 -10.34 0.25 53.41
CA ALA E 65 -9.47 -0.92 53.31
C ALA E 65 -10.12 -2.17 53.94
N PHE E 66 -10.80 -2.01 55.08
CA PHE E 66 -11.48 -3.13 55.76
C PHE E 66 -12.72 -3.59 55.01
N PHE E 67 -13.39 -2.68 54.27
CA PHE E 67 -14.55 -2.99 53.43
C PHE E 67 -14.08 -3.70 52.16
N ALA E 68 -12.86 -3.35 51.69
CA ALA E 68 -12.24 -3.93 50.51
C ALA E 68 -11.83 -5.38 50.75
N LEU E 69 -11.52 -5.75 52.01
CA LEU E 69 -11.17 -7.12 52.40
C LEU E 69 -12.43 -8.00 52.30
N VAL E 70 -13.60 -7.41 52.63
CA VAL E 70 -14.92 -8.05 52.58
C VAL E 70 -15.37 -8.27 51.13
N THR E 71 -15.41 -7.19 50.32
CA THR E 71 -15.85 -7.19 48.91
C THR E 71 -15.03 -8.13 48.02
N ASN E 72 -13.70 -8.19 48.24
CA ASN E 72 -12.80 -9.03 47.46
C ASN E 72 -12.68 -10.46 48.03
N GLY E 73 -13.08 -10.63 49.29
CA GLY E 73 -13.05 -11.92 49.97
C GLY E 73 -11.66 -12.32 50.42
N VAL E 74 -10.90 -11.36 50.97
CA VAL E 74 -9.54 -11.60 51.48
C VAL E 74 -9.45 -11.30 52.98
N ARG E 75 -8.53 -11.99 53.67
CA ARG E 75 -8.33 -11.82 55.12
C ARG E 75 -7.13 -10.93 55.44
N ALA E 76 -6.20 -10.75 54.48
CA ALA E 76 -4.99 -9.93 54.60
C ALA E 76 -4.60 -9.30 53.28
N ALA E 77 -3.83 -8.19 53.33
CA ALA E 77 -3.38 -7.47 52.16
C ALA E 77 -2.01 -6.78 52.39
N PRO E 78 -1.02 -6.97 51.49
CA PRO E 78 0.28 -6.28 51.66
C PRO E 78 0.15 -4.78 51.53
N LEU E 79 0.94 -4.03 52.31
CA LEU E 79 0.91 -2.57 52.31
C LEU E 79 2.05 -1.98 51.51
N TRP E 80 1.70 -1.15 50.51
CA TRP E 80 2.65 -0.50 49.62
C TRP E 80 2.81 0.98 49.97
N ASP E 81 4.03 1.36 50.40
CA ASP E 81 4.37 2.75 50.73
C ASP E 81 4.80 3.43 49.43
N SER E 82 3.95 4.34 48.91
CA SER E 82 4.18 5.05 47.64
C SER E 82 5.42 5.95 47.65
N LYS E 83 5.73 6.58 48.81
CA LYS E 83 6.89 7.47 48.97
C LYS E 83 8.20 6.67 48.98
N LYS E 84 8.27 5.60 49.81
CA LYS E 84 9.45 4.73 49.94
C LYS E 84 9.64 3.82 48.72
N GLN E 85 8.54 3.55 47.97
CA GLN E 85 8.49 2.66 46.80
C GLN E 85 8.90 1.23 47.17
N SER E 86 8.38 0.73 48.31
CA SER E 86 8.63 -0.61 48.86
C SER E 86 7.47 -1.08 49.75
N PHE E 87 7.31 -2.41 49.87
CA PHE E 87 6.28 -3.02 50.72
C PHE E 87 6.71 -2.91 52.18
N VAL E 88 5.85 -2.32 53.02
CA VAL E 88 6.12 -2.08 54.44
C VAL E 88 5.60 -3.12 55.42
N GLY E 89 4.40 -3.65 55.17
CA GLY E 89 3.79 -4.64 56.03
C GLY E 89 2.56 -5.32 55.46
N MET E 90 1.69 -5.80 56.37
CA MET E 90 0.44 -6.51 56.06
C MET E 90 -0.72 -5.91 56.85
N LEU E 91 -1.88 -5.75 56.21
CA LEU E 91 -3.08 -5.25 56.88
C LEU E 91 -4.03 -6.43 57.08
N THR E 92 -4.13 -6.90 58.34
CA THR E 92 -4.98 -8.04 58.72
C THR E 92 -6.18 -7.57 59.53
N ILE E 93 -7.06 -8.52 59.93
CA ILE E 93 -8.25 -8.27 60.75
C ILE E 93 -7.83 -7.82 62.17
N THR E 94 -6.61 -8.21 62.61
CA THR E 94 -6.00 -7.84 63.90
C THR E 94 -5.93 -6.31 64.04
N ASP E 95 -5.65 -5.61 62.92
CA ASP E 95 -5.61 -4.14 62.86
C ASP E 95 -7.00 -3.57 63.18
N PHE E 96 -8.06 -4.17 62.59
CA PHE E 96 -9.46 -3.80 62.81
C PHE E 96 -9.90 -4.09 64.25
N ILE E 97 -9.37 -5.20 64.83
CA ILE E 97 -9.61 -5.61 66.22
C ILE E 97 -8.98 -4.58 67.17
N ASN E 98 -7.73 -4.18 66.87
CA ASN E 98 -6.97 -3.20 67.64
C ASN E 98 -7.56 -1.78 67.54
N ILE E 99 -8.06 -1.39 66.35
CA ILE E 99 -8.69 -0.08 66.13
C ILE E 99 -9.97 0.04 66.95
N LEU E 100 -10.85 -0.99 66.87
CA LEU E 100 -12.12 -1.05 67.60
C LEU E 100 -11.95 -0.94 69.11
N HIS E 101 -11.11 -1.81 69.71
CA HIS E 101 -10.87 -1.82 71.16
C HIS E 101 -10.22 -0.54 71.71
N ARG E 102 -9.26 0.04 70.95
CA ARG E 102 -8.55 1.25 71.36
C ARG E 102 -9.43 2.52 71.29
N TYR E 103 -10.23 2.65 70.21
CA TYR E 103 -11.02 3.86 69.98
C TYR E 103 -12.54 3.83 70.28
N TYR E 104 -13.13 2.64 70.52
CA TYR E 104 -14.56 2.53 70.84
C TYR E 104 -14.89 3.19 72.17
N LYS E 105 -15.96 3.99 72.19
CA LYS E 105 -16.44 4.71 73.37
C LYS E 105 -17.87 4.31 73.71
N SER E 106 -18.78 4.35 72.71
CA SER E 106 -20.19 4.01 72.86
C SER E 106 -20.86 3.74 71.52
N ALA E 107 -22.11 3.22 71.56
CA ALA E 107 -22.92 2.97 70.38
C ALA E 107 -23.55 4.30 69.92
N LEU E 108 -23.62 5.29 70.83
CA LEU E 108 -24.17 6.63 70.63
C LEU E 108 -23.23 7.54 69.83
N VAL E 109 -21.91 7.40 70.06
CA VAL E 109 -20.87 8.17 69.37
C VAL E 109 -20.17 7.31 68.30
N GLN E 110 -19.69 7.94 67.22
CA GLN E 110 -18.99 7.22 66.16
C GLN E 110 -17.49 7.10 66.44
N ILE E 111 -16.86 6.00 65.98
CA ILE E 111 -15.44 5.73 66.16
C ILE E 111 -14.69 6.59 65.11
N TYR E 112 -14.39 7.85 65.48
CA TYR E 112 -13.72 8.86 64.64
C TYR E 112 -12.46 8.38 63.93
N GLU E 113 -11.58 7.68 64.66
CA GLU E 113 -10.31 7.17 64.15
C GLU E 113 -10.48 6.08 63.08
N LEU E 114 -11.57 5.32 63.15
CA LEU E 114 -11.87 4.30 62.15
C LEU E 114 -12.42 4.98 60.88
N GLU E 115 -13.19 6.07 61.06
CA GLU E 115 -13.82 6.83 59.99
C GLU E 115 -12.87 7.73 59.19
N GLU E 116 -11.90 8.40 59.86
CA GLU E 116 -11.01 9.37 59.20
C GLU E 116 -9.53 8.99 59.02
N HIS E 117 -8.94 8.22 59.95
CA HIS E 117 -7.52 7.84 59.89
C HIS E 117 -7.14 6.97 58.69
N LYS E 118 -5.92 7.19 58.18
CA LYS E 118 -5.34 6.44 57.06
C LYS E 118 -4.54 5.28 57.66
N ILE E 119 -4.08 4.33 56.80
CA ILE E 119 -3.27 3.19 57.23
C ILE E 119 -1.92 3.70 57.78
N GLU E 120 -1.36 4.73 57.10
CA GLU E 120 -0.11 5.41 57.45
C GLU E 120 -0.19 6.00 58.87
N THR E 121 -1.31 6.68 59.19
CA THR E 121 -1.59 7.31 60.50
C THR E 121 -1.74 6.24 61.59
N TRP E 122 -2.43 5.13 61.29
CA TRP E 122 -2.67 4.02 62.20
C TRP E 122 -1.37 3.28 62.55
N ARG E 123 -0.49 3.08 61.56
CA ARG E 123 0.81 2.42 61.74
C ARG E 123 1.76 3.24 62.62
N GLU E 124 1.60 4.58 62.62
CA GLU E 124 2.39 5.52 63.44
C GLU E 124 1.97 5.47 64.92
N VAL E 125 0.81 4.83 65.22
CA VAL E 125 0.26 4.68 66.57
C VAL E 125 0.46 3.23 67.06
N TYR E 126 0.07 2.25 66.23
CA TYR E 126 0.15 0.82 66.51
C TYR E 126 1.60 0.31 66.55
N LEU E 127 2.39 0.59 65.51
CA LEU E 127 3.79 0.16 65.40
C LEU E 127 4.80 1.19 65.96
N GLN E 128 4.40 1.93 67.02
CA GLN E 128 5.22 2.93 67.70
C GLN E 128 4.68 3.19 69.11
N SER E 130 6.96 -0.15 68.07
CA SER E 130 7.77 -1.25 67.56
C SER E 130 7.80 -1.26 66.02
N PHE E 131 8.90 -0.73 65.44
CA PHE E 131 9.09 -0.64 63.99
C PHE E 131 9.44 -2.01 63.39
N LYS E 132 8.41 -2.85 63.19
CA LYS E 132 8.58 -4.20 62.66
C LYS E 132 8.95 -4.24 61.17
N PRO E 133 10.05 -4.94 60.79
CA PRO E 133 10.41 -5.00 59.37
C PRO E 133 9.52 -5.97 58.58
N LEU E 134 9.48 -5.81 57.25
CA LEU E 134 8.67 -6.63 56.35
C LEU E 134 9.15 -8.10 56.34
N VAL E 135 8.35 -8.98 56.96
CA VAL E 135 8.63 -10.42 57.03
C VAL E 135 8.05 -11.10 55.79
N CYS E 136 8.93 -11.42 54.81
CA CYS E 136 8.55 -12.03 53.54
C CYS E 136 9.52 -13.16 53.18
N ILE E 137 9.19 -13.93 52.12
CA ILE E 137 9.99 -15.03 51.61
C ILE E 137 10.04 -15.00 50.08
N SER E 138 11.13 -15.52 49.49
CA SER E 138 11.32 -15.60 48.04
C SER E 138 10.59 -16.81 47.45
N PRO E 139 10.04 -16.75 46.20
CA PRO E 139 9.35 -17.93 45.65
C PRO E 139 10.26 -19.15 45.42
N ASN E 140 11.58 -18.91 45.29
CA ASN E 140 12.59 -19.95 45.07
C ASN E 140 13.07 -20.58 46.38
N ALA E 141 12.75 -19.97 47.53
CA ALA E 141 13.12 -20.45 48.87
C ALA E 141 12.30 -21.70 49.24
N SER E 142 12.89 -22.59 50.06
CA SER E 142 12.27 -23.84 50.50
C SER E 142 11.06 -23.61 51.42
N LEU E 143 10.17 -24.61 51.50
CA LEU E 143 8.97 -24.57 52.34
C LEU E 143 9.33 -24.65 53.82
N PHE E 144 10.46 -25.29 54.15
CA PHE E 144 10.99 -25.42 55.51
C PHE E 144 11.22 -24.02 56.09
N ASP E 145 11.77 -23.10 55.27
CA ASP E 145 12.03 -21.70 55.63
C ASP E 145 10.71 -20.94 55.82
N ALA E 146 9.69 -21.24 54.98
CA ALA E 146 8.36 -20.62 55.04
C ALA E 146 7.62 -21.04 56.31
N VAL E 147 7.70 -22.34 56.69
CA VAL E 147 7.09 -22.90 57.90
C VAL E 147 7.80 -22.29 59.12
N SER E 148 9.15 -22.18 59.06
CA SER E 148 9.98 -21.60 60.11
C SER E 148 9.62 -20.13 60.33
N SER E 149 9.53 -19.33 59.24
CA SER E 149 9.20 -17.90 59.26
C SER E 149 7.84 -17.62 59.89
N LEU E 150 6.84 -18.50 59.67
CA LEU E 150 5.49 -18.35 60.22
C LEU E 150 5.45 -18.67 61.72
N ILE E 151 6.15 -19.74 62.16
CA ILE E 151 6.20 -20.17 63.56
C ILE E 151 7.07 -19.22 64.40
N ARG E 152 8.30 -18.93 63.93
CA ARG E 152 9.30 -18.07 64.57
C ARG E 152 8.77 -16.66 64.85
N ASN E 153 8.19 -16.00 63.82
CA ASN E 153 7.65 -14.64 63.92
C ASN E 153 6.23 -14.57 64.50
N LYS E 154 5.61 -15.75 64.77
CA LYS E 154 4.24 -15.90 65.31
C LYS E 154 3.18 -15.25 64.41
N ILE E 155 3.38 -15.33 63.08
CA ILE E 155 2.52 -14.78 62.05
C ILE E 155 1.71 -15.88 61.35
N HIS E 156 0.62 -15.50 60.68
CA HIS E 156 -0.26 -16.45 59.96
C HIS E 156 -0.35 -16.14 58.47
N ARG E 157 0.14 -14.94 58.06
CA ARG E 157 0.13 -14.47 56.67
C ARG E 157 1.55 -14.06 56.27
N LEU E 158 2.14 -14.77 55.29
CA LEU E 158 3.50 -14.52 54.81
C LEU E 158 3.52 -14.18 53.31
N PRO E 159 3.79 -12.92 52.93
CA PRO E 159 3.80 -12.57 51.49
C PRO E 159 4.99 -13.11 50.71
N VAL E 160 4.73 -13.64 49.51
CA VAL E 160 5.76 -14.20 48.62
C VAL E 160 6.11 -13.10 47.61
N ILE E 161 7.32 -12.52 47.75
CA ILE E 161 7.80 -11.45 46.87
C ILE E 161 8.98 -11.93 46.03
N ASP E 162 8.88 -11.77 44.70
CA ASP E 162 9.92 -12.14 43.75
C ASP E 162 11.07 -11.12 43.84
N PRO E 163 12.33 -11.54 44.12
CA PRO E 163 13.43 -10.56 44.23
C PRO E 163 13.82 -9.89 42.91
N GLU E 164 13.49 -10.54 41.77
CA GLU E 164 13.80 -10.04 40.42
C GLU E 164 12.91 -8.85 40.03
N SER E 165 11.58 -8.99 40.18
CA SER E 165 10.60 -7.96 39.82
C SER E 165 10.17 -7.07 41.00
N GLY E 166 10.17 -7.64 42.20
CA GLY E 166 9.77 -6.94 43.42
C GLY E 166 8.28 -7.02 43.71
N ASN E 167 7.54 -7.75 42.85
CA ASN E 167 6.09 -7.93 42.95
C ASN E 167 5.70 -9.02 43.95
N THR E 168 4.58 -8.81 44.65
CA THR E 168 4.03 -9.79 45.59
C THR E 168 3.20 -10.77 44.75
N LEU E 169 3.46 -12.07 44.90
CA LEU E 169 2.83 -13.12 44.12
C LEU E 169 1.66 -13.81 44.83
N TYR E 170 1.89 -14.25 46.08
CA TYR E 170 0.90 -14.99 46.87
C TYR E 170 1.13 -14.80 48.37
N ILE E 171 0.09 -14.96 49.20
CA ILE E 171 0.19 -14.86 50.65
C ILE E 171 0.11 -16.27 51.24
N LEU E 172 1.25 -16.78 51.72
CA LEU E 172 1.38 -18.11 52.32
C LEU E 172 0.74 -18.20 53.69
N THR E 173 0.01 -19.29 53.94
CA THR E 173 -0.68 -19.59 55.19
C THR E 173 -0.35 -21.03 55.63
N HIS E 174 -0.66 -21.37 56.89
CA HIS E 174 -0.46 -22.70 57.46
C HIS E 174 -1.36 -23.74 56.77
N LYS E 175 -2.58 -23.32 56.39
CA LYS E 175 -3.60 -24.13 55.71
C LYS E 175 -3.14 -24.61 54.33
N ARG E 176 -2.55 -23.71 53.52
CA ARG E 176 -2.04 -23.99 52.18
C ARG E 176 -0.89 -25.01 52.21
N ILE E 177 0.01 -24.90 53.21
CA ILE E 177 1.16 -25.79 53.39
C ILE E 177 0.70 -27.22 53.73
N LEU E 178 -0.22 -27.36 54.70
CA LEU E 178 -0.76 -28.66 55.12
C LEU E 178 -1.58 -29.33 54.01
N LYS E 179 -2.32 -28.55 53.21
CA LYS E 179 -3.12 -29.05 52.09
C LYS E 179 -2.22 -29.57 50.96
N PHE E 180 -1.08 -28.88 50.71
CA PHE E 180 -0.10 -29.27 49.69
C PHE E 180 0.60 -30.57 50.11
N LEU E 181 0.95 -30.68 51.41
CA LEU E 181 1.60 -31.85 52.01
C LEU E 181 0.67 -33.07 51.94
N LYS E 182 -0.66 -32.85 52.11
CA LYS E 182 -1.70 -33.87 52.05
C LYS E 182 -1.82 -34.53 50.66
N LEU E 183 -1.27 -33.89 49.61
CA LEU E 183 -1.29 -34.40 48.24
C LEU E 183 -0.14 -35.37 47.98
N PHE E 184 0.97 -35.24 48.75
CA PHE E 184 2.17 -36.05 48.61
C PHE E 184 2.38 -37.11 49.71
N ILE E 185 1.39 -37.29 50.61
CA ILE E 185 1.47 -38.27 51.73
C ILE E 185 1.59 -39.72 51.26
N THR E 186 1.02 -40.05 50.08
CA THR E 186 1.07 -41.39 49.49
C THR E 186 2.41 -41.63 48.75
N GLU E 187 3.08 -40.54 48.34
CA GLU E 187 4.36 -40.57 47.63
C GLU E 187 5.57 -40.84 48.52
N PHE E 188 5.43 -40.59 49.83
CA PHE E 188 6.50 -40.81 50.81
C PHE E 188 6.04 -41.76 51.93
N PRO E 189 6.93 -42.64 52.46
CA PRO E 189 6.50 -43.55 53.54
C PRO E 189 6.10 -42.81 54.81
N LYS E 190 4.94 -43.18 55.38
CA LYS E 190 4.38 -42.58 56.60
C LYS E 190 5.23 -42.91 57.84
N PRO E 191 5.65 -41.88 58.63
CA PRO E 191 6.45 -42.17 59.83
C PRO E 191 5.61 -42.73 60.99
N GLU E 192 6.29 -43.27 62.02
CA GLU E 192 5.69 -43.87 63.21
C GLU E 192 4.75 -42.96 64.00
N PHE E 193 5.05 -41.64 64.06
CA PHE E 193 4.23 -40.66 64.79
C PHE E 193 2.85 -40.40 64.18
N MET E 194 2.71 -40.58 62.84
CA MET E 194 1.45 -40.40 62.12
C MET E 194 0.41 -41.44 62.53
N SER E 195 0.88 -42.68 62.83
CA SER E 195 0.06 -43.80 63.29
C SER E 195 -0.28 -43.67 64.79
N LYS E 196 0.56 -42.92 65.54
CA LYS E 196 0.39 -42.69 66.98
C LYS E 196 -0.77 -41.73 67.28
N SER E 197 -1.36 -41.86 68.48
CA SER E 197 -2.49 -41.06 68.95
C SER E 197 -2.06 -39.64 69.38
N LEU E 198 -3.04 -38.71 69.47
CA LEU E 198 -2.84 -37.32 69.88
C LEU E 198 -2.44 -37.22 71.35
N GLU E 199 -2.99 -38.11 72.21
CA GLU E 199 -2.71 -38.18 73.64
C GLU E 199 -1.24 -38.58 73.91
N GLU E 200 -0.67 -39.42 73.04
CA GLU E 200 0.73 -39.89 73.13
C GLU E 200 1.71 -38.79 72.70
N LEU E 201 1.37 -38.05 71.62
CA LEU E 201 2.19 -36.98 71.06
C LEU E 201 2.09 -35.66 71.82
N GLN E 202 0.88 -35.33 72.35
CA GLN E 202 0.55 -34.11 73.10
C GLN E 202 0.79 -32.83 72.27
N ILE E 203 0.13 -32.76 71.09
CA ILE E 203 0.22 -31.63 70.16
C ILE E 203 -0.94 -30.66 70.41
N GLY E 204 -0.60 -29.39 70.61
CA GLY E 204 -1.56 -28.31 70.87
C GLY E 204 -1.52 -27.80 72.29
N THR E 205 -2.28 -26.73 72.56
CA THR E 205 -2.38 -26.12 73.89
C THR E 205 -3.49 -26.74 74.71
N TYR E 206 -3.19 -27.12 75.97
CA TYR E 206 -4.13 -27.78 76.88
C TYR E 206 -4.35 -26.98 78.18
N ALA E 207 -3.45 -26.04 78.49
CA ALA E 207 -3.51 -25.17 79.66
C ALA E 207 -3.55 -23.69 79.26
N ASN E 208 -4.03 -22.82 80.18
CA ASN E 208 -4.17 -21.36 80.01
C ASN E 208 -5.07 -20.95 78.84
N ILE E 209 -6.11 -21.76 78.55
CA ILE E 209 -7.06 -21.52 77.46
C ILE E 209 -8.00 -20.36 77.82
N ALA E 210 -7.89 -19.24 77.07
CA ALA E 210 -8.74 -18.06 77.26
C ALA E 210 -10.09 -18.31 76.61
N MET E 211 -11.17 -18.22 77.40
CA MET E 211 -12.53 -18.48 76.94
C MET E 211 -13.48 -17.32 77.24
N VAL E 212 -14.59 -17.24 76.47
CA VAL E 212 -15.63 -16.21 76.61
C VAL E 212 -16.99 -16.86 76.86
N ARG E 213 -17.84 -16.22 77.69
CA ARG E 213 -19.19 -16.70 77.97
C ARG E 213 -20.12 -16.34 76.80
N THR E 214 -21.32 -16.95 76.76
CA THR E 214 -22.31 -16.72 75.70
C THR E 214 -22.91 -15.30 75.73
N THR E 215 -22.91 -14.64 76.92
CA THR E 215 -23.45 -13.31 77.14
C THR E 215 -22.41 -12.18 77.14
N THR E 216 -21.10 -12.52 77.03
CA THR E 216 -20.01 -11.54 77.00
C THR E 216 -20.06 -10.61 75.78
N PRO E 217 -19.91 -9.27 75.94
CA PRO E 217 -19.97 -8.38 74.78
C PRO E 217 -18.75 -8.46 73.86
N VAL E 218 -18.90 -8.00 72.60
CA VAL E 218 -17.85 -7.99 71.57
C VAL E 218 -16.60 -7.24 72.03
N TYR E 219 -16.76 -6.05 72.63
CA TYR E 219 -15.67 -5.20 73.14
C TYR E 219 -14.74 -5.94 74.11
N VAL E 220 -15.31 -6.75 75.02
CA VAL E 220 -14.56 -7.55 76.00
C VAL E 220 -13.79 -8.66 75.27
N ALA E 221 -14.45 -9.34 74.30
CA ALA E 221 -13.85 -10.40 73.48
C ALA E 221 -12.69 -9.87 72.63
N LEU E 222 -12.81 -8.61 72.14
CA LEU E 222 -11.76 -7.93 71.36
C LEU E 222 -10.55 -7.61 72.25
N GLY E 223 -10.81 -7.28 73.52
CA GLY E 223 -9.79 -6.96 74.51
C GLY E 223 -8.90 -8.15 74.84
N ILE E 224 -9.48 -9.36 74.87
CA ILE E 224 -8.78 -10.61 75.15
C ILE E 224 -7.91 -11.00 73.93
N PHE E 225 -8.35 -10.62 72.71
CA PHE E 225 -7.61 -10.84 71.46
C PHE E 225 -6.34 -9.98 71.41
N VAL E 226 -6.39 -8.78 72.04
CA VAL E 226 -5.28 -7.82 72.10
C VAL E 226 -4.30 -8.17 73.23
N GLN E 227 -4.81 -8.41 74.46
CA GLN E 227 -4.01 -8.73 75.65
C GLN E 227 -3.30 -10.09 75.56
N HIS E 228 -4.08 -11.18 75.37
CA HIS E 228 -3.55 -12.55 75.30
C HIS E 228 -2.93 -12.91 73.95
N ARG E 229 -3.21 -12.11 72.90
CA ARG E 229 -2.73 -12.27 71.51
C ARG E 229 -3.08 -13.62 70.86
N VAL E 230 -4.24 -14.19 71.26
CA VAL E 230 -4.77 -15.46 70.73
C VAL E 230 -5.62 -15.23 69.48
N SER E 231 -5.71 -16.24 68.60
CA SER E 231 -6.47 -16.18 67.35
C SER E 231 -7.95 -16.53 67.49
N ALA E 232 -8.31 -17.41 68.45
CA ALA E 232 -9.69 -17.82 68.66
C ALA E 232 -10.07 -17.93 70.13
N LEU E 233 -11.38 -17.74 70.44
CA LEU E 233 -11.92 -17.83 71.79
C LEU E 233 -13.15 -18.74 71.83
N PRO E 234 -13.09 -19.91 72.52
CA PRO E 234 -14.26 -20.79 72.57
C PRO E 234 -15.40 -20.20 73.40
N VAL E 235 -16.63 -20.26 72.85
CA VAL E 235 -17.85 -19.73 73.48
C VAL E 235 -18.47 -20.80 74.38
N VAL E 236 -18.68 -20.47 75.67
CA VAL E 236 -19.25 -21.38 76.66
C VAL E 236 -20.70 -21.03 77.02
N ASP E 237 -21.57 -22.07 77.11
CA ASP E 237 -22.99 -21.95 77.45
C ASP E 237 -23.17 -21.78 78.97
N GLU E 238 -24.41 -21.48 79.41
CA GLU E 238 -24.79 -21.31 80.82
C GLU E 238 -24.58 -22.61 81.62
N LYS E 239 -24.77 -23.77 80.95
CA LYS E 239 -24.58 -25.11 81.52
C LYS E 239 -23.10 -25.48 81.64
N GLY E 240 -22.25 -24.85 80.81
CA GLY E 240 -20.80 -25.07 80.80
C GLY E 240 -20.24 -25.65 79.52
N ARG E 241 -21.12 -26.17 78.64
CA ARG E 241 -20.74 -26.77 77.36
C ARG E 241 -20.31 -25.74 76.31
N VAL E 242 -19.35 -26.11 75.46
CA VAL E 242 -18.84 -25.24 74.39
C VAL E 242 -19.84 -25.26 73.21
N VAL E 243 -20.51 -24.13 72.97
CA VAL E 243 -21.51 -23.97 71.91
C VAL E 243 -20.92 -23.57 70.54
N ASP E 244 -19.96 -22.62 70.53
CA ASP E 244 -19.30 -22.12 69.31
C ASP E 244 -17.88 -21.61 69.60
N ILE E 245 -17.21 -21.03 68.57
CA ILE E 245 -15.87 -20.47 68.68
C ILE E 245 -15.84 -19.08 68.02
N TYR E 246 -15.50 -18.04 68.80
CA TYR E 246 -15.37 -16.67 68.30
C TYR E 246 -13.91 -16.40 67.98
N SER E 247 -13.57 -16.51 66.69
CA SER E 247 -12.21 -16.30 66.18
C SER E 247 -12.00 -14.88 65.68
N LYS E 248 -10.74 -14.50 65.40
CA LYS E 248 -10.35 -13.17 64.88
C LYS E 248 -11.03 -12.87 63.54
N PHE E 249 -11.26 -13.90 62.71
CA PHE E 249 -11.92 -13.79 61.39
C PHE E 249 -13.39 -13.36 61.50
N ASP E 250 -14.06 -13.68 62.62
CA ASP E 250 -15.47 -13.34 62.86
C ASP E 250 -15.71 -11.84 63.12
N VAL E 251 -14.62 -11.06 63.25
CA VAL E 251 -14.67 -9.62 63.52
C VAL E 251 -14.99 -8.80 62.24
N ILE E 252 -14.49 -9.24 61.05
CA ILE E 252 -14.77 -8.53 59.78
C ILE E 252 -16.25 -8.53 59.37
N ASN E 253 -17.08 -9.36 60.05
CA ASN E 253 -18.52 -9.42 59.83
C ASN E 253 -19.21 -8.17 60.37
N LEU E 254 -18.54 -7.46 61.32
CA LEU E 254 -19.01 -6.19 61.89
C LEU E 254 -18.85 -5.07 60.85
N ALA E 255 -17.88 -5.22 59.92
CA ALA E 255 -17.60 -4.30 58.83
C ALA E 255 -18.47 -4.67 57.61
N ALA E 256 -18.76 -5.97 57.44
CA ALA E 256 -19.58 -6.52 56.36
C ALA E 256 -21.06 -6.15 56.53
N GLU E 257 -21.58 -6.31 57.77
CA GLU E 257 -22.97 -6.01 58.13
C GLU E 257 -23.14 -4.54 58.56
N LYS E 258 -22.02 -3.78 58.66
CA LYS E 258 -21.93 -2.37 59.08
C LYS E 258 -22.43 -2.19 60.53
N THR E 259 -22.16 -3.20 61.38
CA THR E 259 -22.57 -3.25 62.80
C THR E 259 -21.38 -3.07 63.77
N TYR E 260 -20.28 -2.46 63.28
CA TYR E 260 -19.07 -2.20 64.07
C TYR E 260 -19.11 -1.22 65.24
N ASN E 261 -20.01 -0.22 65.18
CA ASN E 261 -20.16 0.79 66.24
C ASN E 261 -21.01 0.34 67.46
N ASN E 262 -21.57 -0.89 67.38
CA ASN E 262 -22.34 -1.48 68.47
C ASN E 262 -21.56 -2.71 68.92
N LEU E 263 -20.61 -2.50 69.84
CA LEU E 263 -19.77 -3.57 70.39
C LEU E 263 -20.25 -4.02 71.78
N ASP E 264 -21.39 -3.45 72.23
CA ASP E 264 -22.05 -3.75 73.50
C ASP E 264 -22.85 -5.05 73.42
N VAL E 265 -23.24 -5.46 72.19
CA VAL E 265 -24.00 -6.69 71.91
C VAL E 265 -23.17 -7.93 72.24
N SER E 266 -23.85 -9.02 72.66
CA SER E 266 -23.21 -10.30 73.02
C SER E 266 -22.57 -10.99 71.81
N VAL E 267 -21.63 -11.92 72.08
CA VAL E 267 -20.89 -12.72 71.10
C VAL E 267 -21.88 -13.54 70.24
N THR E 268 -22.92 -14.12 70.89
CA THR E 268 -23.99 -14.91 70.26
C THR E 268 -24.78 -14.07 69.25
N LYS E 269 -25.04 -12.79 69.61
CA LYS E 269 -25.76 -11.82 68.77
C LYS E 269 -24.92 -11.41 67.55
N ALA E 270 -23.58 -11.46 67.68
CA ALA E 270 -22.63 -11.12 66.62
C ALA E 270 -22.36 -12.30 65.68
N LEU E 271 -22.66 -13.54 66.13
CA LEU E 271 -22.44 -14.76 65.37
C LEU E 271 -23.69 -15.37 64.70
N GLN E 272 -24.90 -15.05 65.22
CA GLN E 272 -26.19 -15.56 64.72
C GLN E 272 -26.48 -15.36 63.23
N HIS E 273 -26.06 -14.20 62.66
CA HIS E 273 -26.28 -13.84 61.25
C HIS E 273 -25.50 -14.74 60.30
N ARG E 274 -24.33 -15.25 60.76
CA ARG E 274 -23.46 -16.13 59.99
C ARG E 274 -23.50 -17.59 60.49
N SER E 275 -24.20 -17.83 61.64
CA SER E 275 -24.36 -19.13 62.32
C SER E 275 -24.89 -20.29 61.46
N HIS E 276 -25.59 -19.98 60.35
CA HIS E 276 -26.17 -20.96 59.43
C HIS E 276 -25.09 -21.74 58.66
N TYR E 277 -24.12 -21.02 58.05
CA TYR E 277 -23.01 -21.60 57.30
C TYR E 277 -21.66 -21.43 58.06
N PHE E 278 -21.74 -21.23 59.38
CA PHE E 278 -20.59 -21.04 60.26
C PHE E 278 -19.79 -22.32 60.50
N GLU E 279 -20.39 -23.29 61.25
CA GLU E 279 -19.79 -24.57 61.64
C GLU E 279 -18.42 -24.39 62.32
N GLY E 280 -18.41 -23.56 63.36
CA GLY E 280 -17.24 -23.21 64.14
C GLY E 280 -16.67 -24.34 64.96
N VAL E 281 -17.50 -24.91 65.85
CA VAL E 281 -17.08 -26.03 66.71
C VAL E 281 -17.07 -27.37 65.97
N LEU E 282 -15.88 -27.97 65.86
CA LEU E 282 -15.63 -29.27 65.25
C LEU E 282 -14.62 -29.94 66.17
N LYS E 283 -15.00 -31.07 66.77
CA LYS E 283 -14.19 -31.78 67.75
C LYS E 283 -13.37 -32.98 67.27
N CYS E 284 -12.26 -33.25 67.99
CA CYS E 284 -11.35 -34.38 67.77
C CYS E 284 -11.07 -35.07 69.10
N TYR E 285 -11.15 -36.40 69.12
CA TYR E 285 -10.93 -37.20 70.33
C TYR E 285 -9.45 -37.46 70.60
N LEU E 286 -9.08 -37.58 71.89
CA LEU E 286 -7.71 -37.85 72.34
C LEU E 286 -7.17 -39.19 71.86
N HIS E 287 -8.04 -40.20 71.73
CA HIS E 287 -7.70 -41.55 71.27
C HIS E 287 -7.48 -41.64 69.75
N GLU E 288 -7.97 -40.64 68.98
CA GLU E 288 -7.84 -40.58 67.52
C GLU E 288 -6.41 -40.29 67.09
N THR E 289 -5.96 -40.97 66.02
CA THR E 289 -4.62 -40.84 65.45
C THR E 289 -4.37 -39.48 64.80
N LEU E 290 -3.09 -39.04 64.76
CA LEU E 290 -2.65 -37.77 64.18
C LEU E 290 -3.05 -37.62 62.70
N GLU E 291 -2.98 -38.72 61.92
CA GLU E 291 -3.33 -38.78 60.50
C GLU E 291 -4.79 -38.37 60.25
N THR E 292 -5.74 -38.89 61.05
CA THR E 292 -7.17 -38.59 60.94
C THR E 292 -7.50 -37.13 61.30
N ILE E 293 -6.70 -36.53 62.21
CA ILE E 293 -6.83 -35.14 62.65
C ILE E 293 -6.41 -34.19 61.51
N ILE E 294 -5.28 -34.52 60.82
CA ILE E 294 -4.74 -33.77 59.69
C ILE E 294 -5.74 -33.81 58.51
N ASN E 295 -6.31 -35.00 58.23
CA ASN E 295 -7.31 -35.20 57.18
C ASN E 295 -8.61 -34.44 57.45
N ARG E 296 -8.97 -34.26 58.74
CA ARG E 296 -10.16 -33.54 59.18
C ARG E 296 -9.99 -32.02 58.98
N LEU E 297 -8.81 -31.48 59.36
CA LEU E 297 -8.49 -30.05 59.24
C LEU E 297 -8.40 -29.61 57.78
N VAL E 298 -7.88 -30.48 56.90
CA VAL E 298 -7.73 -30.23 55.46
C VAL E 298 -9.09 -30.25 54.75
N GLU E 299 -9.92 -31.28 55.01
CA GLU E 299 -11.26 -31.45 54.40
C GLU E 299 -12.26 -30.37 54.81
N ALA E 300 -12.35 -30.06 56.12
CA ALA E 300 -13.26 -29.05 56.66
C ALA E 300 -12.79 -27.62 56.39
N GLU E 301 -11.48 -27.44 56.07
CA GLU E 301 -10.80 -26.17 55.80
C GLU E 301 -10.86 -25.18 56.98
N VAL E 302 -10.95 -25.73 58.21
CA VAL E 302 -11.00 -24.98 59.47
C VAL E 302 -9.57 -24.83 60.04
N HIS E 303 -9.33 -23.75 60.80
CA HIS E 303 -8.01 -23.45 61.39
C HIS E 303 -7.65 -24.26 62.63
N ARG E 304 -8.65 -24.70 63.42
CA ARG E 304 -8.41 -25.49 64.64
C ARG E 304 -9.55 -26.43 65.04
N LEU E 305 -9.21 -27.50 65.77
CA LEU E 305 -10.14 -28.51 66.29
C LEU E 305 -10.13 -28.50 67.81
N VAL E 306 -11.31 -28.69 68.43
CA VAL E 306 -11.45 -28.75 69.89
C VAL E 306 -11.13 -30.16 70.37
N VAL E 307 -10.06 -30.30 71.18
CA VAL E 307 -9.64 -31.60 71.72
C VAL E 307 -10.61 -32.03 72.84
N VAL E 308 -11.24 -33.21 72.65
CA VAL E 308 -12.20 -33.77 73.60
C VAL E 308 -11.78 -35.15 74.13
N ASP E 309 -12.21 -35.47 75.37
CA ASP E 309 -11.92 -36.75 76.03
C ASP E 309 -12.98 -37.82 75.68
N GLU E 310 -12.95 -38.97 76.38
CA GLU E 310 -13.88 -40.09 76.19
C GLU E 310 -15.32 -39.71 76.55
N ASN E 311 -15.49 -38.84 77.58
CA ASN E 311 -16.79 -38.35 78.07
C ASN E 311 -17.26 -37.09 77.30
N ASP E 312 -16.61 -36.78 76.15
CA ASP E 312 -16.88 -35.63 75.28
C ASP E 312 -16.65 -34.27 75.99
N VAL E 313 -15.69 -34.25 76.93
CA VAL E 313 -15.31 -33.05 77.69
C VAL E 313 -14.06 -32.39 77.12
N VAL E 314 -14.08 -31.05 77.03
CA VAL E 314 -12.99 -30.22 76.46
C VAL E 314 -11.68 -30.34 77.27
N LYS E 315 -10.62 -30.78 76.58
CA LYS E 315 -9.28 -30.97 77.14
C LYS E 315 -8.31 -29.88 76.67
N GLY E 316 -8.41 -29.50 75.39
CA GLY E 316 -7.57 -28.48 74.78
C GLY E 316 -7.93 -28.08 73.36
N ILE E 317 -6.99 -27.40 72.67
CA ILE E 317 -7.13 -26.93 71.28
C ILE E 317 -5.90 -27.26 70.40
N VAL E 318 -6.15 -27.92 69.25
CA VAL E 318 -5.12 -28.27 68.26
C VAL E 318 -5.37 -27.49 66.95
N SER E 319 -4.38 -26.68 66.55
CA SER E 319 -4.45 -25.83 65.35
C SER E 319 -3.47 -26.27 64.26
N LEU E 320 -3.53 -25.63 63.07
CA LEU E 320 -2.68 -25.90 61.91
C LEU E 320 -1.20 -25.62 62.20
N SER E 321 -0.93 -24.59 63.05
CA SER E 321 0.42 -24.19 63.45
C SER E 321 1.10 -25.25 64.32
N ASP E 322 0.35 -25.81 65.31
CA ASP E 322 0.82 -26.87 66.22
C ASP E 322 1.15 -28.14 65.45
N ILE E 323 0.32 -28.47 64.44
CA ILE E 323 0.46 -29.64 63.56
C ILE E 323 1.73 -29.57 62.68
N LEU E 324 1.96 -28.44 61.99
CA LEU E 324 3.12 -28.19 61.14
C LEU E 324 4.43 -27.98 61.92
N GLN E 325 4.31 -27.62 63.22
CA GLN E 325 5.44 -27.42 64.14
C GLN E 325 5.97 -28.81 64.48
N ALA E 326 5.05 -29.81 64.56
CA ALA E 326 5.38 -31.19 64.87
C ALA E 326 5.95 -31.96 63.67
N LEU E 327 5.35 -31.78 62.48
CA LEU E 327 5.76 -32.46 61.24
C LEU E 327 7.07 -31.92 60.65
N VAL E 328 7.20 -30.58 60.54
CA VAL E 328 8.35 -29.91 59.94
C VAL E 328 9.47 -29.60 60.96
N LEU E 329 9.18 -28.76 61.97
CA LEU E 329 10.15 -28.35 62.99
C LEU E 329 10.41 -29.48 64.02
N THR E 330 11.45 -29.30 64.88
CA THR E 330 11.91 -30.21 65.94
C THR E 330 12.58 -31.53 65.47
N GLY E 331 12.71 -31.70 64.15
CA GLY E 331 13.32 -32.88 63.54
C GLY E 331 12.59 -33.38 62.32
N ASN F 30 11.29 54.28 -18.50
CA ASN F 30 11.42 53.19 -19.45
C ASN F 30 12.66 52.33 -19.20
N ASN F 31 13.36 52.60 -18.11
CA ASN F 31 14.54 51.83 -17.74
C ASN F 31 14.20 50.37 -17.44
N SER F 32 13.06 50.16 -16.80
CA SER F 32 12.65 48.83 -16.34
C SER F 32 11.79 48.10 -17.35
N VAL F 33 11.66 48.65 -18.55
CA VAL F 33 10.75 48.09 -19.53
C VAL F 33 11.12 46.66 -19.86
N TYR F 34 12.41 46.39 -20.05
CA TYR F 34 12.88 45.03 -20.28
C TYR F 34 12.72 44.10 -19.09
N THR F 35 12.99 44.61 -17.90
CA THR F 35 12.83 43.83 -16.68
C THR F 35 11.37 43.43 -16.52
N SER F 36 10.48 44.35 -16.84
CA SER F 36 9.05 44.07 -16.78
C SER F 36 8.73 42.96 -17.74
N PHE F 37 9.27 43.04 -18.94
CA PHE F 37 9.00 42.02 -19.93
C PHE F 37 9.44 40.66 -19.42
N MET F 38 10.61 40.60 -18.80
CA MET F 38 11.10 39.32 -18.35
C MET F 38 10.17 38.77 -17.29
N LYS F 39 9.75 39.63 -16.37
CA LYS F 39 8.94 39.18 -15.26
C LYS F 39 7.61 38.67 -15.76
N SER F 40 7.07 39.36 -16.75
CA SER F 40 5.79 39.00 -17.34
C SER F 40 5.84 37.66 -18.04
N HIS F 41 6.91 37.39 -18.78
CA HIS F 41 6.91 36.20 -19.62
C HIS F 41 7.39 34.95 -18.89
N ARG F 42 6.76 33.81 -19.17
CA ARG F 42 7.19 32.56 -18.55
C ARG F 42 8.29 31.91 -19.39
N CYS F 43 8.92 30.84 -18.87
CA CYS F 43 9.97 30.08 -19.57
C CYS F 43 9.37 29.26 -20.73
N TYR F 44 8.05 28.98 -20.66
CA TYR F 44 7.28 28.24 -21.66
C TYR F 44 7.23 28.98 -23.00
N ASP F 45 7.12 30.33 -22.95
CA ASP F 45 7.01 31.22 -24.11
C ASP F 45 8.16 31.10 -25.12
N LEU F 46 9.40 30.87 -24.65
CA LEU F 46 10.55 30.71 -25.54
C LEU F 46 10.92 29.27 -25.93
N ILE F 47 10.19 28.27 -25.36
CA ILE F 47 10.38 26.86 -25.69
C ILE F 47 9.91 26.61 -27.15
N PRO F 48 10.72 25.92 -28.00
CA PRO F 48 10.28 25.70 -29.39
C PRO F 48 9.04 24.83 -29.52
N THR F 49 8.30 24.96 -30.64
CA THR F 49 7.10 24.17 -30.93
C THR F 49 7.49 22.69 -30.99
N SER F 50 8.60 22.37 -31.68
CA SER F 50 9.14 21.01 -31.77
C SER F 50 10.66 21.07 -31.68
N SER F 51 11.23 20.41 -30.66
CA SER F 51 12.67 20.37 -30.41
C SER F 51 13.15 19.05 -29.83
N LYS F 52 14.44 18.70 -30.06
CA LYS F 52 15.03 17.46 -29.52
C LYS F 52 15.90 17.68 -28.29
N LEU F 53 15.82 16.74 -27.34
CA LEU F 53 16.57 16.75 -26.09
C LEU F 53 17.29 15.40 -25.93
N VAL F 54 18.60 15.43 -25.71
CA VAL F 54 19.41 14.22 -25.53
C VAL F 54 19.69 14.06 -24.03
N VAL F 55 19.41 12.87 -23.47
CA VAL F 55 19.62 12.55 -22.05
C VAL F 55 20.58 11.37 -21.94
N PHE F 56 21.52 11.43 -20.98
CA PHE F 56 22.48 10.36 -20.74
C PHE F 56 22.28 9.72 -19.38
N ASP F 57 22.34 8.38 -19.34
CA ASP F 57 22.26 7.62 -18.09
C ASP F 57 23.65 7.70 -17.45
N THR F 58 23.72 7.86 -16.12
CA THR F 58 24.99 7.98 -15.38
C THR F 58 25.97 6.82 -15.58
N SER F 59 25.44 5.60 -15.86
CA SER F 59 26.21 4.39 -16.09
C SER F 59 26.91 4.32 -17.47
N LEU F 60 26.52 5.20 -18.41
CA LEU F 60 27.09 5.27 -19.76
C LEU F 60 28.54 5.75 -19.74
N GLN F 61 29.39 5.21 -20.63
CA GLN F 61 30.79 5.58 -20.76
C GLN F 61 30.85 7.01 -21.31
N VAL F 62 31.62 7.88 -20.64
CA VAL F 62 31.76 9.30 -20.97
C VAL F 62 32.29 9.66 -22.38
N LYS F 63 33.13 8.78 -22.97
CA LYS F 63 33.69 8.96 -24.33
C LYS F 63 32.52 8.80 -25.32
N LYS F 64 31.61 7.85 -25.04
CA LYS F 64 30.41 7.57 -25.85
C LYS F 64 29.41 8.71 -25.74
N ALA F 65 29.40 9.42 -24.60
CA ALA F 65 28.53 10.56 -24.34
C ALA F 65 28.98 11.79 -25.14
N PHE F 66 30.30 12.07 -25.19
CA PHE F 66 30.85 13.21 -25.93
C PHE F 66 30.69 13.06 -27.44
N PHE F 67 30.73 11.82 -27.95
CA PHE F 67 30.53 11.51 -29.37
C PHE F 67 29.05 11.69 -29.73
N ALA F 68 28.15 11.36 -28.78
CA ALA F 68 26.69 11.49 -28.93
C ALA F 68 26.26 12.95 -29.02
N LEU F 69 27.01 13.86 -28.36
CA LEU F 69 26.76 15.31 -28.37
C LEU F 69 27.06 15.85 -29.78
N VAL F 70 28.14 15.32 -30.40
CA VAL F 70 28.60 15.65 -31.75
C VAL F 70 27.59 15.13 -32.80
N THR F 71 27.19 13.85 -32.68
CA THR F 71 26.25 13.17 -33.58
C THR F 71 24.88 13.87 -33.64
N ASN F 72 24.32 14.21 -32.47
CA ASN F 72 23.02 14.87 -32.33
C ASN F 72 23.07 16.40 -32.49
N GLY F 73 24.26 16.97 -32.53
CA GLY F 73 24.48 18.41 -32.68
C GLY F 73 24.09 19.24 -31.47
N VAL F 74 24.24 18.65 -30.27
CA VAL F 74 23.93 19.32 -28.99
C VAL F 74 25.20 19.65 -28.20
N ARG F 75 25.18 20.77 -27.46
CA ARG F 75 26.32 21.23 -26.67
C ARG F 75 26.29 20.73 -25.22
N ALA F 76 25.09 20.36 -24.73
CA ALA F 76 24.89 19.85 -23.37
C ALA F 76 23.73 18.85 -23.30
N ALA F 77 23.70 18.03 -22.23
CA ALA F 77 22.68 17.01 -22.02
C ALA F 77 22.41 16.75 -20.53
N PRO F 78 21.12 16.67 -20.09
CA PRO F 78 20.84 16.36 -18.68
C PRO F 78 21.24 14.93 -18.33
N LEU F 79 21.61 14.70 -17.07
CA LEU F 79 22.06 13.39 -16.62
C LEU F 79 21.07 12.71 -15.69
N TRP F 80 20.52 11.58 -16.14
CA TRP F 80 19.53 10.78 -15.43
C TRP F 80 20.20 9.65 -14.64
N ASP F 81 19.85 9.53 -13.35
CA ASP F 81 20.37 8.49 -12.46
C ASP F 81 19.25 7.46 -12.24
N SER F 82 19.45 6.23 -12.75
CA SER F 82 18.47 5.12 -12.67
C SER F 82 18.19 4.67 -11.23
N LYS F 83 19.23 4.64 -10.37
CA LYS F 83 19.13 4.23 -8.97
C LYS F 83 18.33 5.24 -8.14
N LYS F 84 18.61 6.54 -8.33
CA LYS F 84 17.97 7.63 -7.59
C LYS F 84 16.63 8.09 -8.21
N GLN F 85 16.40 7.77 -9.50
CA GLN F 85 15.20 8.11 -10.28
C GLN F 85 14.92 9.63 -10.34
N SER F 86 15.99 10.42 -10.55
CA SER F 86 15.97 11.88 -10.66
C SER F 86 17.19 12.39 -11.43
N PHE F 87 17.08 13.60 -12.02
CA PHE F 87 18.16 14.23 -12.77
C PHE F 87 19.20 14.79 -11.81
N VAL F 88 20.47 14.35 -11.94
CA VAL F 88 21.57 14.74 -11.06
C VAL F 88 22.30 16.03 -11.46
N GLY F 89 22.47 16.24 -12.76
CA GLY F 89 23.15 17.42 -13.30
C GLY F 89 23.15 17.53 -14.81
N MET F 90 24.15 18.25 -15.34
CA MET F 90 24.31 18.49 -16.78
C MET F 90 25.71 18.10 -17.25
N LEU F 91 25.80 17.53 -18.46
CA LEU F 91 27.07 17.16 -19.06
C LEU F 91 27.37 18.12 -20.21
N THR F 92 28.27 19.08 -19.95
CA THR F 92 28.69 20.10 -20.92
C THR F 92 30.07 19.77 -21.50
N ILE F 93 30.60 20.65 -22.37
CA ILE F 93 31.92 20.49 -22.99
C ILE F 93 33.03 20.73 -21.94
N THR F 94 32.70 21.44 -20.83
CA THR F 94 33.60 21.72 -19.70
C THR F 94 34.08 20.41 -19.06
N ASP F 95 33.21 19.37 -19.07
CA ASP F 95 33.51 18.03 -18.58
C ASP F 95 34.62 17.41 -19.42
N PHE F 96 34.54 17.56 -20.76
CA PHE F 96 35.51 17.07 -21.75
C PHE F 96 36.84 17.83 -21.63
N ILE F 97 36.79 19.14 -21.30
CA ILE F 97 37.97 19.99 -21.08
C ILE F 97 38.70 19.53 -19.82
N ASN F 98 37.93 19.29 -18.73
CA ASN F 98 38.47 18.82 -17.45
C ASN F 98 38.95 17.37 -17.50
N ILE F 99 38.41 16.54 -18.42
CA ILE F 99 38.84 15.15 -18.59
C ILE F 99 40.18 15.13 -19.33
N LEU F 100 40.28 15.91 -20.45
CA LEU F 100 41.49 16.02 -21.27
C LEU F 100 42.68 16.57 -20.49
N HIS F 101 42.58 17.81 -19.98
CA HIS F 101 43.65 18.50 -19.24
C HIS F 101 44.19 17.74 -18.01
N ARG F 102 43.30 17.10 -17.22
CA ARG F 102 43.67 16.37 -16.01
C ARG F 102 44.41 15.06 -16.30
N TYR F 103 43.88 14.21 -17.20
CA TYR F 103 44.42 12.89 -17.49
C TYR F 103 45.38 12.75 -18.70
N TYR F 104 45.54 13.82 -19.52
CA TYR F 104 46.44 13.78 -20.68
C TYR F 104 47.90 13.68 -20.26
N LYS F 105 48.65 12.77 -20.91
CA LYS F 105 50.06 12.54 -20.65
C LYS F 105 50.90 12.77 -21.90
N SER F 106 50.51 12.12 -23.03
CA SER F 106 51.22 12.21 -24.30
C SER F 106 50.32 11.86 -25.49
N ALA F 107 50.83 12.10 -26.72
CA ALA F 107 50.14 11.76 -27.97
C ALA F 107 50.42 10.30 -28.33
N LEU F 108 51.42 9.70 -27.65
CA LEU F 108 51.88 8.32 -27.81
C LEU F 108 51.16 7.37 -26.84
N VAL F 109 50.77 7.88 -25.66
CA VAL F 109 50.07 7.11 -24.63
C VAL F 109 48.61 7.57 -24.60
N GLN F 110 47.66 6.65 -24.84
CA GLN F 110 46.23 6.96 -24.83
C GLN F 110 45.70 7.31 -23.43
N ILE F 111 44.69 8.20 -23.38
CA ILE F 111 44.06 8.65 -22.13
C ILE F 111 43.20 7.50 -21.58
N TYR F 112 43.79 6.71 -20.64
CA TYR F 112 43.17 5.54 -20.00
C TYR F 112 41.83 5.83 -19.32
N GLU F 113 41.70 7.01 -18.68
CA GLU F 113 40.48 7.42 -17.98
C GLU F 113 39.32 7.70 -18.93
N LEU F 114 39.53 8.53 -19.98
CA LEU F 114 38.52 8.88 -20.98
C LEU F 114 37.93 7.64 -21.68
N GLU F 115 38.78 6.65 -22.01
CA GLU F 115 38.40 5.41 -22.69
C GLU F 115 37.64 4.42 -21.79
N GLU F 116 37.80 4.51 -20.44
CA GLU F 116 37.19 3.57 -19.50
C GLU F 116 36.11 4.14 -18.56
N HIS F 117 36.26 5.40 -18.11
CA HIS F 117 35.35 6.07 -17.17
C HIS F 117 33.91 6.19 -17.62
N LYS F 118 32.99 6.08 -16.64
CA LYS F 118 31.55 6.26 -16.79
C LYS F 118 31.27 7.71 -16.36
N ILE F 119 30.04 8.20 -16.59
CA ILE F 119 29.66 9.56 -16.18
C ILE F 119 29.58 9.62 -14.64
N GLU F 120 29.03 8.55 -14.02
CA GLU F 120 28.88 8.39 -12.57
C GLU F 120 30.24 8.36 -11.85
N THR F 121 31.25 7.68 -12.44
CA THR F 121 32.59 7.55 -11.87
C THR F 121 33.38 8.85 -11.89
N TRP F 122 33.35 9.61 -13.01
CA TRP F 122 34.08 10.87 -13.13
C TRP F 122 33.48 12.02 -12.33
N ARG F 123 32.13 12.08 -12.22
CA ARG F 123 31.43 13.12 -11.46
C ARG F 123 31.71 13.01 -9.95
N GLU F 124 32.03 11.79 -9.47
CA GLU F 124 32.39 11.50 -8.09
C GLU F 124 33.83 11.97 -7.79
N VAL F 125 34.60 12.29 -8.85
CA VAL F 125 35.99 12.77 -8.79
C VAL F 125 36.03 14.29 -9.04
N TYR F 126 35.27 14.77 -10.06
CA TYR F 126 35.17 16.18 -10.45
C TYR F 126 34.41 17.02 -9.41
N LEU F 127 33.23 16.53 -8.97
CA LEU F 127 32.39 17.22 -7.98
C LEU F 127 32.41 16.50 -6.62
N GLN F 128 33.61 16.12 -6.15
CA GLN F 128 33.83 15.43 -4.88
C GLN F 128 33.69 16.35 -3.66
N ASP F 129 33.97 17.65 -3.83
CA ASP F 129 33.89 18.64 -2.76
C ASP F 129 32.54 19.37 -2.77
N SER F 130 31.92 19.49 -3.96
CA SER F 130 30.65 20.19 -4.16
C SER F 130 29.40 19.52 -3.58
N PHE F 131 28.98 18.34 -4.12
CA PHE F 131 27.75 17.59 -3.78
C PHE F 131 26.50 18.47 -4.02
N LYS F 132 26.62 19.41 -4.98
CA LYS F 132 25.61 20.40 -5.37
C LYS F 132 24.33 19.77 -5.94
N PRO F 133 23.13 20.23 -5.50
CA PRO F 133 21.88 19.67 -6.06
C PRO F 133 21.60 20.19 -7.48
N LEU F 134 20.62 19.58 -8.16
CA LEU F 134 20.21 19.92 -9.52
C LEU F 134 19.66 21.36 -9.62
N VAL F 135 20.34 22.20 -10.42
CA VAL F 135 19.95 23.59 -10.66
C VAL F 135 19.02 23.57 -11.89
N CYS F 136 17.72 23.81 -11.66
CA CYS F 136 16.70 23.79 -12.72
C CYS F 136 15.65 24.90 -12.62
N ILE F 137 14.84 25.06 -13.68
CA ILE F 137 13.76 26.04 -13.76
C ILE F 137 12.41 25.41 -14.14
N SER F 138 11.32 25.97 -13.62
CA SER F 138 9.95 25.53 -13.90
C SER F 138 9.49 26.21 -15.20
N PRO F 139 8.64 25.58 -16.05
CA PRO F 139 8.19 26.27 -17.28
C PRO F 139 7.29 27.47 -16.98
N ASN F 140 6.56 27.41 -15.86
CA ASN F 140 5.65 28.46 -15.39
C ASN F 140 6.39 29.64 -14.75
N ALA F 141 7.67 29.43 -14.34
CA ALA F 141 8.51 30.46 -13.73
C ALA F 141 8.88 31.53 -14.75
N SER F 142 8.95 32.80 -14.30
CA SER F 142 9.27 33.96 -15.14
C SER F 142 10.68 33.91 -15.75
N LEU F 143 10.90 34.68 -16.83
CA LEU F 143 12.19 34.78 -17.50
C LEU F 143 13.22 35.53 -16.65
N PHE F 144 12.73 36.39 -15.73
CA PHE F 144 13.56 37.15 -14.79
C PHE F 144 14.24 36.17 -13.83
N ASP F 145 13.52 35.10 -13.41
CA ASP F 145 14.02 34.04 -12.54
C ASP F 145 15.05 33.20 -13.28
N ALA F 146 14.85 32.99 -14.60
CA ALA F 146 15.75 32.23 -15.48
C ALA F 146 17.07 32.96 -15.69
N VAL F 147 17.02 34.29 -15.94
CA VAL F 147 18.21 35.14 -16.15
C VAL F 147 19.02 35.21 -14.83
N SER F 148 18.32 35.36 -13.68
CA SER F 148 18.91 35.40 -12.35
C SER F 148 19.58 34.07 -11.97
N SER F 149 18.99 32.94 -12.39
CA SER F 149 19.50 31.59 -12.14
C SER F 149 20.83 31.33 -12.84
N LEU F 150 20.98 31.81 -14.09
CA LEU F 150 22.19 31.64 -14.89
C LEU F 150 23.37 32.46 -14.33
N ILE F 151 23.09 33.70 -13.89
CA ILE F 151 24.10 34.62 -13.34
C ILE F 151 24.53 34.21 -11.92
N ARG F 152 23.57 34.02 -11.00
CA ARG F 152 23.83 33.66 -9.61
C ARG F 152 24.47 32.28 -9.38
N ASN F 153 24.06 31.27 -10.17
CA ASN F 153 24.61 29.91 -10.07
C ASN F 153 25.82 29.67 -11.00
N LYS F 154 26.25 30.73 -11.74
CA LYS F 154 27.38 30.73 -12.67
C LYS F 154 27.30 29.63 -13.75
N ILE F 155 26.09 29.44 -14.30
CA ILE F 155 25.79 28.42 -15.32
C ILE F 155 25.31 29.03 -16.65
N HIS F 156 25.40 28.25 -17.75
CA HIS F 156 24.97 28.67 -19.09
C HIS F 156 23.88 27.75 -19.63
N ARG F 157 23.81 26.51 -19.11
CA ARG F 157 22.84 25.50 -19.52
C ARG F 157 21.89 25.18 -18.36
N LEU F 158 20.71 25.82 -18.37
CA LEU F 158 19.68 25.68 -17.34
C LEU F 158 18.52 24.79 -17.83
N PRO F 159 18.37 23.56 -17.29
CA PRO F 159 17.28 22.69 -17.75
C PRO F 159 15.89 23.10 -17.26
N VAL F 160 14.91 23.12 -18.19
CA VAL F 160 13.52 23.46 -17.91
C VAL F 160 12.79 22.14 -17.60
N ILE F 161 12.42 21.94 -16.33
CA ILE F 161 11.75 20.72 -15.88
C ILE F 161 10.34 20.99 -15.38
N ASP F 162 9.35 20.25 -15.94
CA ASP F 162 7.94 20.33 -15.57
C ASP F 162 7.74 19.65 -14.20
N PRO F 163 7.22 20.36 -13.17
CA PRO F 163 7.06 19.72 -11.84
C PRO F 163 5.97 18.64 -11.79
N GLU F 164 4.98 18.71 -12.70
CA GLU F 164 3.87 17.76 -12.79
C GLU F 164 4.28 16.37 -13.26
N SER F 165 5.12 16.29 -14.31
CA SER F 165 5.58 15.01 -14.90
C SER F 165 7.03 14.65 -14.55
N GLY F 166 7.85 15.66 -14.26
CA GLY F 166 9.25 15.49 -13.93
C GLY F 166 10.18 15.45 -15.13
N ASN F 167 9.60 15.57 -16.34
CA ASN F 167 10.31 15.55 -17.62
C ASN F 167 11.07 16.84 -17.88
N THR F 168 12.25 16.72 -18.51
CA THR F 168 13.06 17.86 -18.93
C THR F 168 12.54 18.25 -20.31
N LEU F 169 12.12 19.51 -20.48
CA LEU F 169 11.52 19.99 -21.72
C LEU F 169 12.49 20.74 -22.63
N TYR F 170 13.31 21.64 -22.08
CA TYR F 170 14.24 22.45 -22.85
C TYR F 170 15.49 22.83 -22.05
N ILE F 171 16.61 23.14 -22.75
CA ILE F 171 17.86 23.59 -22.14
C ILE F 171 17.99 25.09 -22.42
N LEU F 172 17.72 25.92 -21.39
CA LEU F 172 17.74 27.37 -21.49
C LEU F 172 19.14 27.98 -21.43
N THR F 173 19.42 28.87 -22.39
CA THR F 173 20.69 29.58 -22.57
C THR F 173 20.47 31.10 -22.67
N HIS F 174 21.55 31.89 -22.54
CA HIS F 174 21.53 33.36 -22.65
C HIS F 174 21.14 33.81 -24.07
N LYS F 175 21.54 33.03 -25.10
CA LYS F 175 21.28 33.27 -26.51
C LYS F 175 19.78 33.24 -26.83
N ARG F 176 19.06 32.25 -26.27
CA ARG F 176 17.61 32.06 -26.46
C ARG F 176 16.79 33.20 -25.85
N ILE F 177 17.20 33.72 -24.68
CA ILE F 177 16.51 34.81 -23.99
C ILE F 177 16.63 36.14 -24.75
N LEU F 178 17.84 36.50 -25.21
CA LEU F 178 18.09 37.74 -25.96
C LEU F 178 17.43 37.71 -27.35
N LYS F 179 17.38 36.52 -28.00
CA LYS F 179 16.76 36.33 -29.31
C LYS F 179 15.25 36.53 -29.20
N PHE F 180 14.65 36.07 -28.08
CA PHE F 180 13.22 36.20 -27.78
C PHE F 180 12.89 37.67 -27.48
N LEU F 181 13.80 38.38 -26.79
CA LEU F 181 13.68 39.80 -26.45
C LEU F 181 13.72 40.65 -27.73
N LYS F 182 14.62 40.27 -28.68
CA LYS F 182 14.80 40.91 -29.99
C LYS F 182 13.49 40.92 -30.82
N LEU F 183 12.66 39.87 -30.67
CA LEU F 183 11.38 39.74 -31.37
C LEU F 183 10.33 40.73 -30.82
N PHE F 184 10.49 41.16 -29.55
CA PHE F 184 9.56 42.07 -28.87
C PHE F 184 10.08 43.50 -28.62
N ILE F 185 11.25 43.87 -29.21
CA ILE F 185 11.82 45.23 -29.05
C ILE F 185 10.95 46.33 -29.66
N THR F 186 10.21 46.01 -30.75
CA THR F 186 9.32 46.92 -31.46
C THR F 186 7.99 47.12 -30.74
N GLU F 187 7.52 46.10 -29.99
CA GLU F 187 6.24 46.11 -29.27
C GLU F 187 6.23 47.05 -28.07
N PHE F 188 7.40 47.30 -27.46
CA PHE F 188 7.59 48.17 -26.31
C PHE F 188 8.43 49.40 -26.68
N PRO F 189 8.18 50.61 -26.10
CA PRO F 189 9.04 51.76 -26.44
C PRO F 189 10.48 51.55 -25.96
N LYS F 190 11.46 51.82 -26.85
CA LYS F 190 12.88 51.63 -26.58
C LYS F 190 13.42 52.54 -25.46
N PRO F 191 14.09 51.96 -24.44
CA PRO F 191 14.64 52.81 -23.36
C PRO F 191 15.81 53.67 -23.82
N GLU F 192 16.20 54.66 -22.99
CA GLU F 192 17.27 55.63 -23.25
C GLU F 192 18.66 55.03 -23.45
N PHE F 193 18.99 53.94 -22.71
CA PHE F 193 20.30 53.28 -22.78
C PHE F 193 20.57 52.56 -24.11
N MET F 194 19.51 52.16 -24.84
CA MET F 194 19.62 51.48 -26.14
C MET F 194 20.27 52.38 -27.20
N SER F 195 20.01 53.70 -27.12
CA SER F 195 20.56 54.72 -28.02
C SER F 195 21.97 55.16 -27.58
N LYS F 196 22.38 54.80 -26.34
CA LYS F 196 23.69 55.12 -25.78
C LYS F 196 24.78 54.16 -26.26
N SER F 197 26.03 54.65 -26.34
CA SER F 197 27.20 53.88 -26.77
C SER F 197 27.71 52.96 -25.65
N LEU F 198 28.49 51.92 -26.02
CA LEU F 198 29.08 50.95 -25.09
C LEU F 198 30.11 51.58 -24.15
N GLU F 199 30.78 52.66 -24.61
CA GLU F 199 31.80 53.40 -23.86
C GLU F 199 31.21 54.08 -22.61
N GLU F 200 30.09 54.80 -22.76
CA GLU F 200 29.41 55.49 -21.66
C GLU F 200 28.63 54.53 -20.75
N LEU F 201 28.20 53.38 -21.30
CA LEU F 201 27.45 52.34 -20.58
C LEU F 201 28.37 51.43 -19.76
N GLN F 202 29.57 51.11 -20.31
CA GLN F 202 30.60 50.26 -19.71
C GLN F 202 30.10 48.84 -19.37
N ILE F 203 29.57 48.14 -20.39
CA ILE F 203 29.05 46.78 -20.28
C ILE F 203 30.09 45.78 -20.79
N GLY F 204 30.47 44.84 -19.93
CA GLY F 204 31.44 43.79 -20.24
C GLY F 204 32.75 43.92 -19.49
N THR F 205 33.64 42.94 -19.69
CA THR F 205 34.97 42.90 -19.06
C THR F 205 36.01 43.58 -19.94
N TYR F 206 36.80 44.48 -19.35
CA TYR F 206 37.85 45.24 -20.05
C TYR F 206 39.24 45.07 -19.43
N ALA F 207 39.30 44.56 -18.19
CA ALA F 207 40.55 44.32 -17.45
C ALA F 207 40.77 42.83 -17.19
N ASN F 208 42.05 42.41 -17.18
CA ASN F 208 42.52 41.03 -16.94
C ASN F 208 41.91 39.99 -17.91
N ILE F 209 41.93 40.30 -19.22
CA ILE F 209 41.41 39.44 -20.28
C ILE F 209 42.42 38.32 -20.56
N ALA F 210 42.02 37.06 -20.31
CA ALA F 210 42.85 35.87 -20.54
C ALA F 210 42.92 35.61 -22.04
N MET F 211 44.15 35.61 -22.60
CA MET F 211 44.38 35.42 -24.03
C MET F 211 45.42 34.35 -24.35
N VAL F 212 45.34 33.78 -25.57
CA VAL F 212 46.25 32.76 -26.10
C VAL F 212 46.93 33.24 -27.39
N ARG F 213 48.10 32.67 -27.74
CA ARG F 213 48.83 33.01 -28.96
C ARG F 213 48.48 32.08 -30.12
N THR F 214 48.95 32.43 -31.34
CA THR F 214 48.73 31.65 -32.56
C THR F 214 49.50 30.32 -32.57
N THR F 215 50.61 30.26 -31.80
CA THR F 215 51.49 29.09 -31.69
C THR F 215 51.24 28.23 -30.44
N THR F 216 50.57 28.81 -29.40
CA THR F 216 50.26 28.13 -28.14
C THR F 216 49.48 26.81 -28.34
N PRO F 217 49.90 25.70 -27.67
CA PRO F 217 49.18 24.43 -27.87
C PRO F 217 47.80 24.37 -27.22
N VAL F 218 46.99 23.37 -27.65
CA VAL F 218 45.63 23.12 -27.17
C VAL F 218 45.60 22.84 -25.65
N TYR F 219 46.53 22.01 -25.16
CA TYR F 219 46.67 21.62 -23.75
C TYR F 219 46.80 22.83 -22.80
N VAL F 220 47.61 23.83 -23.18
CA VAL F 220 47.83 25.06 -22.39
C VAL F 220 46.52 25.87 -22.35
N ALA F 221 45.83 25.98 -23.50
CA ALA F 221 44.55 26.67 -23.64
C ALA F 221 43.45 26.00 -22.81
N LEU F 222 43.50 24.65 -22.70
CA LEU F 222 42.55 23.86 -21.91
C LEU F 222 42.76 24.10 -20.42
N GLY F 223 44.01 24.32 -20.02
CA GLY F 223 44.41 24.60 -18.65
C GLY F 223 43.86 25.90 -18.10
N ILE F 224 43.82 26.95 -18.96
CA ILE F 224 43.30 28.29 -18.62
C ILE F 224 41.78 28.21 -18.36
N PHE F 225 41.06 27.35 -19.12
CA PHE F 225 39.61 27.13 -18.94
C PHE F 225 39.31 26.50 -17.57
N VAL F 226 40.28 25.72 -17.04
CA VAL F 226 40.17 25.04 -15.74
C VAL F 226 40.42 26.04 -14.58
N GLN F 227 41.55 26.78 -14.62
CA GLN F 227 41.92 27.74 -13.56
C GLN F 227 41.19 29.09 -13.61
N HIS F 228 41.30 29.84 -14.73
CA HIS F 228 40.68 31.16 -14.91
C HIS F 228 39.15 31.10 -14.99
N ARG F 229 38.60 29.95 -15.42
CA ARG F 229 37.16 29.67 -15.56
C ARG F 229 36.43 30.61 -16.55
N VAL F 230 37.08 30.86 -17.70
CA VAL F 230 36.54 31.70 -18.80
C VAL F 230 35.92 30.79 -19.87
N SER F 231 35.03 31.34 -20.71
CA SER F 231 34.36 30.57 -21.77
C SER F 231 35.07 30.61 -23.12
N ALA F 232 35.90 31.65 -23.38
CA ALA F 232 36.65 31.78 -24.63
C ALA F 232 37.99 32.49 -24.46
N LEU F 233 38.96 32.15 -25.34
CA LEU F 233 40.30 32.73 -25.33
C LEU F 233 40.65 33.31 -26.71
N PRO F 234 40.78 34.67 -26.83
CA PRO F 234 41.13 35.25 -28.14
C PRO F 234 42.54 34.91 -28.61
N VAL F 235 42.67 34.47 -29.87
CA VAL F 235 43.93 34.08 -30.50
C VAL F 235 44.64 35.33 -31.02
N VAL F 236 45.87 35.57 -30.55
CA VAL F 236 46.68 36.74 -30.92
C VAL F 236 47.91 36.29 -31.74
N ASP F 237 48.11 36.88 -32.93
CA ASP F 237 49.25 36.56 -33.79
C ASP F 237 50.57 37.22 -33.33
N GLU F 238 51.69 36.95 -34.04
CA GLU F 238 53.01 37.50 -33.74
C GLU F 238 53.07 39.04 -33.85
N LYS F 239 52.20 39.64 -34.68
CA LYS F 239 52.11 41.09 -34.88
C LYS F 239 51.27 41.84 -33.84
N GLY F 240 50.45 41.10 -33.09
CA GLY F 240 49.60 41.66 -32.05
C GLY F 240 48.11 41.67 -32.34
N ARG F 241 47.72 41.46 -33.61
CA ARG F 241 46.34 41.44 -34.07
C ARG F 241 45.59 40.17 -33.65
N VAL F 242 44.30 40.29 -33.31
CA VAL F 242 43.47 39.14 -32.91
C VAL F 242 42.96 38.45 -34.18
N VAL F 243 43.56 37.30 -34.52
CA VAL F 243 43.22 36.51 -35.71
C VAL F 243 41.89 35.74 -35.59
N ASP F 244 41.64 35.11 -34.42
CA ASP F 244 40.44 34.33 -34.13
C ASP F 244 40.20 34.20 -32.61
N ILE F 245 39.29 33.29 -32.20
CA ILE F 245 38.95 33.03 -30.80
C ILE F 245 38.77 31.53 -30.51
N TYR F 246 39.43 31.03 -29.45
CA TYR F 246 39.32 29.64 -29.03
C TYR F 246 38.31 29.53 -27.89
N SER F 247 37.06 29.25 -28.23
CA SER F 247 35.96 29.10 -27.29
C SER F 247 35.87 27.67 -26.78
N LYS F 248 35.11 27.46 -25.68
CA LYS F 248 34.89 26.14 -25.08
C LYS F 248 34.18 25.18 -26.04
N PHE F 249 33.34 25.71 -26.95
CA PHE F 249 32.63 24.94 -27.97
C PHE F 249 33.58 24.34 -29.01
N ASP F 250 34.70 25.02 -29.30
CA ASP F 250 35.71 24.58 -30.26
C ASP F 250 36.48 23.32 -29.81
N VAL F 251 36.31 22.90 -28.54
CA VAL F 251 36.96 21.73 -27.95
C VAL F 251 36.36 20.40 -28.47
N ILE F 252 35.02 20.32 -28.63
CA ILE F 252 34.35 19.11 -29.16
C ILE F 252 34.73 18.72 -30.60
N ASN F 253 35.47 19.62 -31.30
CA ASN F 253 35.98 19.39 -32.65
C ASN F 253 37.06 18.32 -32.63
N LEU F 254 37.71 18.14 -31.45
CA LEU F 254 38.73 17.12 -31.20
C LEU F 254 38.04 15.76 -31.08
N ALA F 255 36.80 15.74 -30.57
CA ALA F 255 35.97 14.53 -30.42
C ALA F 255 35.30 14.19 -31.76
N ALA F 256 34.99 15.22 -32.57
CA ALA F 256 34.36 15.07 -33.88
C ALA F 256 35.32 14.46 -34.91
N GLU F 257 36.58 14.95 -34.92
CA GLU F 257 37.65 14.48 -35.82
C GLU F 257 38.47 13.34 -35.21
N LYS F 258 38.18 12.98 -33.93
CA LYS F 258 38.86 11.94 -33.14
C LYS F 258 40.37 12.23 -32.97
N THR F 259 40.70 13.55 -32.86
CA THR F 259 42.06 14.08 -32.70
C THR F 259 42.34 14.56 -31.26
N TYR F 260 41.52 14.10 -30.29
CA TYR F 260 41.64 14.42 -28.86
C TYR F 260 42.91 13.81 -28.24
N ASN F 261 43.41 12.72 -28.85
CA ASN F 261 44.60 11.97 -28.46
C ASN F 261 45.90 12.79 -28.53
N ASN F 262 45.93 13.83 -29.38
CA ASN F 262 47.10 14.71 -29.54
C ASN F 262 46.72 16.17 -29.24
N LEU F 263 47.07 16.65 -28.04
CA LEU F 263 46.80 18.01 -27.57
C LEU F 263 48.04 18.91 -27.64
N ASP F 264 49.17 18.34 -28.11
CA ASP F 264 50.46 19.03 -28.28
C ASP F 264 50.42 20.04 -29.42
N VAL F 265 49.49 19.83 -30.39
CA VAL F 265 49.29 20.69 -31.56
C VAL F 265 48.77 22.08 -31.17
N SER F 266 49.11 23.10 -31.99
CA SER F 266 48.72 24.50 -31.79
C SER F 266 47.20 24.72 -31.86
N VAL F 267 46.74 25.81 -31.26
CA VAL F 267 45.33 26.15 -31.27
C VAL F 267 44.90 26.41 -32.70
N THR F 268 45.74 27.09 -33.46
CA THR F 268 45.42 27.42 -34.82
C THR F 268 45.24 26.15 -35.61
N LYS F 269 46.08 25.17 -35.33
CA LYS F 269 45.99 23.92 -36.06
C LYS F 269 44.65 23.26 -35.81
N ALA F 270 44.21 23.28 -34.56
CA ALA F 270 42.90 22.74 -34.20
C ALA F 270 41.69 23.39 -34.85
N LEU F 271 41.70 24.71 -34.89
CA LEU F 271 40.63 25.48 -35.49
C LEU F 271 40.59 25.50 -37.02
N GLN F 272 41.66 24.95 -37.60
CA GLN F 272 41.91 25.12 -39.00
C GLN F 272 40.77 24.45 -39.75
N HIS F 273 40.37 23.24 -39.36
CA HIS F 273 39.26 22.59 -40.04
C HIS F 273 37.94 23.33 -39.84
N ARG F 274 37.70 23.70 -38.59
CA ARG F 274 36.52 24.46 -38.21
C ARG F 274 36.50 25.83 -38.86
N SER F 275 37.69 26.42 -39.00
CA SER F 275 37.83 27.84 -39.23
C SER F 275 37.17 28.35 -40.49
N HIS F 276 37.21 27.59 -41.57
CA HIS F 276 36.68 28.08 -42.82
C HIS F 276 35.19 28.38 -42.68
N TYR F 277 34.47 27.47 -42.04
CA TYR F 277 33.04 27.63 -41.82
C TYR F 277 32.67 28.79 -40.91
N PHE F 278 33.42 28.97 -39.83
CA PHE F 278 33.08 29.97 -38.82
C PHE F 278 34.27 30.78 -38.33
N GLU F 279 34.00 32.00 -37.89
CA GLU F 279 35.04 32.90 -37.39
C GLU F 279 34.78 33.51 -36.02
N GLY F 280 35.86 33.87 -35.33
CA GLY F 280 35.79 34.54 -34.05
C GLY F 280 35.93 36.04 -34.30
N VAL F 281 35.90 36.41 -35.57
CA VAL F 281 36.19 37.75 -36.05
C VAL F 281 35.28 38.87 -35.53
N LEU F 282 33.99 38.60 -35.36
CA LEU F 282 33.05 39.69 -35.16
C LEU F 282 33.42 40.56 -33.98
N LYS F 283 33.33 41.87 -34.20
CA LYS F 283 33.82 42.89 -33.26
C LYS F 283 32.90 44.09 -33.20
N CYS F 284 33.01 44.87 -32.14
CA CYS F 284 32.17 46.04 -31.94
C CYS F 284 32.99 47.26 -31.54
N TYR F 285 32.43 48.45 -31.77
CA TYR F 285 33.13 49.70 -31.50
C TYR F 285 32.59 50.48 -30.31
N LEU F 286 33.49 50.97 -29.47
CA LEU F 286 33.13 51.66 -28.22
C LEU F 286 32.10 52.76 -28.45
N HIS F 287 32.19 53.45 -29.60
CA HIS F 287 31.28 54.53 -30.00
C HIS F 287 29.92 54.00 -30.54
N GLU F 288 29.86 52.70 -30.90
CA GLU F 288 28.65 52.05 -31.40
C GLU F 288 27.60 51.88 -30.31
N THR F 289 26.32 52.08 -30.68
CA THR F 289 25.15 51.97 -29.79
C THR F 289 24.92 50.54 -29.30
N LEU F 290 24.31 50.40 -28.10
CA LEU F 290 23.99 49.10 -27.48
C LEU F 290 23.00 48.30 -28.34
N GLU F 291 22.07 49.00 -29.03
CA GLU F 291 21.07 48.41 -29.91
C GLU F 291 21.75 47.66 -31.07
N THR F 292 22.79 48.27 -31.67
CA THR F 292 23.59 47.70 -32.77
C THR F 292 24.33 46.44 -32.30
N ILE F 293 24.86 46.47 -31.06
CA ILE F 293 25.58 45.36 -30.43
C ILE F 293 24.65 44.15 -30.20
N ILE F 294 23.43 44.41 -29.68
CA ILE F 294 22.40 43.38 -29.44
C ILE F 294 21.96 42.75 -30.77
N ASN F 295 21.72 43.59 -31.81
CA ASN F 295 21.32 43.17 -33.15
C ASN F 295 22.39 42.32 -33.83
N ARG F 296 23.68 42.65 -33.61
CA ARG F 296 24.83 41.95 -34.18
C ARG F 296 24.97 40.52 -33.63
N LEU F 297 24.78 40.35 -32.31
CA LEU F 297 24.88 39.05 -31.63
C LEU F 297 23.77 38.08 -32.02
N VAL F 298 22.54 38.60 -32.22
CA VAL F 298 21.36 37.82 -32.62
C VAL F 298 21.50 37.38 -34.09
N GLU F 299 21.97 38.29 -34.97
CA GLU F 299 22.16 38.02 -36.41
C GLU F 299 23.30 37.04 -36.68
N ALA F 300 24.48 37.26 -36.08
CA ALA F 300 25.66 36.39 -36.25
C ALA F 300 25.54 35.07 -35.49
N GLU F 301 24.60 34.99 -34.52
CA GLU F 301 24.33 33.83 -33.66
C GLU F 301 25.56 33.37 -32.85
N VAL F 302 26.33 34.35 -32.34
CA VAL F 302 27.53 34.16 -31.53
C VAL F 302 27.26 34.49 -30.04
N HIS F 303 28.25 34.23 -29.16
CA HIS F 303 28.10 34.48 -27.73
C HIS F 303 28.80 35.75 -27.22
N ARG F 304 29.80 36.28 -27.96
CA ARG F 304 30.56 37.47 -27.57
CA ARG F 304 30.56 37.47 -27.57
C ARG F 304 31.12 38.25 -28.75
N LEU F 305 31.46 39.54 -28.52
CA LEU F 305 32.05 40.46 -29.49
C LEU F 305 33.30 41.09 -28.89
N VAL F 306 34.35 41.26 -29.71
CA VAL F 306 35.60 41.89 -29.25
C VAL F 306 35.50 43.42 -29.35
N VAL F 307 35.59 44.10 -28.19
CA VAL F 307 35.46 45.57 -28.08
C VAL F 307 36.71 46.24 -28.65
N VAL F 308 36.49 47.22 -29.52
CA VAL F 308 37.57 47.94 -30.16
C VAL F 308 37.38 49.46 -30.05
N ASP F 309 38.49 50.17 -30.16
CA ASP F 309 38.53 51.63 -30.11
C ASP F 309 38.13 52.21 -31.46
N GLU F 310 38.06 53.53 -31.53
CA GLU F 310 37.81 54.19 -32.80
C GLU F 310 38.97 53.77 -33.69
N ASN F 311 40.15 53.74 -33.09
CA ASN F 311 41.32 53.09 -33.66
C ASN F 311 41.12 51.59 -33.54
N ASP F 312 41.84 50.82 -34.34
CA ASP F 312 41.61 49.39 -34.43
C ASP F 312 41.81 48.65 -33.12
N VAL F 313 42.59 49.23 -32.22
CA VAL F 313 43.06 48.51 -31.03
C VAL F 313 41.97 47.98 -30.08
N VAL F 314 42.23 46.78 -29.57
CA VAL F 314 41.36 46.05 -28.65
C VAL F 314 41.25 46.72 -27.29
N LYS F 315 40.10 46.53 -26.65
CA LYS F 315 39.83 47.15 -25.34
C LYS F 315 39.28 46.14 -24.32
N GLY F 316 38.37 45.28 -24.78
CA GLY F 316 37.73 44.25 -23.96
C GLY F 316 36.81 43.32 -24.72
N ILE F 317 35.92 42.62 -23.98
CA ILE F 317 34.94 41.67 -24.53
C ILE F 317 33.57 41.87 -23.88
N VAL F 318 32.50 41.97 -24.72
CA VAL F 318 31.12 42.07 -24.28
C VAL F 318 30.34 40.82 -24.73
N SER F 319 29.74 40.10 -23.76
CA SER F 319 29.01 38.86 -24.02
C SER F 319 27.50 38.97 -23.73
N LEU F 320 26.75 37.89 -24.02
CA LEU F 320 25.29 37.79 -23.81
C LEU F 320 24.93 37.93 -22.33
N SER F 321 25.74 37.33 -21.43
CA SER F 321 25.54 37.37 -19.97
C SER F 321 25.67 38.81 -19.45
N ASP F 322 26.64 39.59 -19.99
CA ASP F 322 26.89 40.98 -19.63
C ASP F 322 25.72 41.87 -20.05
N ILE F 323 25.12 41.60 -21.24
CA ILE F 323 23.99 42.33 -21.79
C ILE F 323 22.69 42.04 -21.02
N LEU F 324 22.38 40.74 -20.77
CA LEU F 324 21.19 40.32 -20.02
C LEU F 324 21.20 40.85 -18.58
N GLN F 325 22.38 40.93 -17.95
CA GLN F 325 22.58 41.44 -16.59
C GLN F 325 22.35 42.96 -16.54
N ALA F 326 22.73 43.67 -17.62
CA ALA F 326 22.58 45.13 -17.73
C ALA F 326 21.16 45.55 -18.18
N LEU F 327 20.38 44.59 -18.70
CA LEU F 327 19.02 44.83 -19.20
C LEU F 327 17.92 44.31 -18.26
N VAL F 328 18.11 43.11 -17.67
CA VAL F 328 17.14 42.49 -16.77
C VAL F 328 17.48 42.60 -15.28
N LEU F 329 18.77 42.85 -14.95
CA LEU F 329 19.31 42.97 -13.57
C LEU F 329 19.16 41.70 -12.76
#